data_7QYE
# 
_entry.id   7QYE 
# 
_audit_conform.dict_name       mmcif_pdbx.dic 
_audit_conform.dict_version    5.384 
_audit_conform.dict_location   http://mmcif.pdb.org/dictionaries/ascii/mmcif_pdbx.dic 
# 
loop_
_database_2.database_id 
_database_2.database_code 
_database_2.pdbx_database_accession 
_database_2.pdbx_DOI 
PDB   7QYE         pdb_00007qye 10.2210/pdb7qye/pdb 
WWPDB D_1292120609 ?            ?                   
# 
loop_
_pdbx_audit_revision_history.ordinal 
_pdbx_audit_revision_history.data_content_type 
_pdbx_audit_revision_history.major_revision 
_pdbx_audit_revision_history.minor_revision 
_pdbx_audit_revision_history.revision_date 
1 'Structure model' 1 0 2022-09-28 
2 'Structure model' 1 1 2024-01-31 
# 
_pdbx_audit_revision_details.ordinal             1 
_pdbx_audit_revision_details.revision_ordinal    1 
_pdbx_audit_revision_details.data_content_type   'Structure model' 
_pdbx_audit_revision_details.provider            repository 
_pdbx_audit_revision_details.type                'Initial release' 
_pdbx_audit_revision_details.description         ? 
_pdbx_audit_revision_details.details             ? 
# 
loop_
_pdbx_audit_revision_group.ordinal 
_pdbx_audit_revision_group.revision_ordinal 
_pdbx_audit_revision_group.data_content_type 
_pdbx_audit_revision_group.group 
1 2 'Structure model' 'Data collection'        
2 2 'Structure model' 'Refinement description' 
# 
loop_
_pdbx_audit_revision_category.ordinal 
_pdbx_audit_revision_category.revision_ordinal 
_pdbx_audit_revision_category.data_content_type 
_pdbx_audit_revision_category.category 
1 2 'Structure model' chem_comp_atom                
2 2 'Structure model' chem_comp_bond                
3 2 'Structure model' pdbx_initial_refinement_model 
# 
_pdbx_database_status.status_code                     REL 
_pdbx_database_status.status_code_sf                  REL 
_pdbx_database_status.status_code_mr                  ? 
_pdbx_database_status.entry_id                        7QYE 
_pdbx_database_status.recvd_initial_deposition_date   2022-01-28 
_pdbx_database_status.SG_entry                        N 
_pdbx_database_status.deposit_site                    PDBE 
_pdbx_database_status.process_site                    PDBE 
_pdbx_database_status.status_code_cs                  ? 
_pdbx_database_status.status_code_nmr_data            ? 
_pdbx_database_status.methods_development_category    ? 
_pdbx_database_status.pdb_format_compatible           Y 
# 
_pdbx_database_related.db_name        PDB 
_pdbx_database_related.details        '7QXL contains the same protein complexed with a similar ligand.' 
_pdbx_database_related.db_id          7QXL 
_pdbx_database_related.content_type   unspecified 
# 
_pdbx_contact_author.id                 2 
_pdbx_contact_author.email              graziano.lolli@unitn.it 
_pdbx_contact_author.name_first         Graziano 
_pdbx_contact_author.name_last          Lolli 
_pdbx_contact_author.name_mi            ? 
_pdbx_contact_author.role               'principal investigator/group leader' 
_pdbx_contact_author.identifier_ORCID   0000-0002-8536-5599 
# 
loop_
_audit_author.name 
_audit_author.pdbx_ordinal 
_audit_author.identifier_ORCID 
'Dalle Vedove, A.' 1 ? 
'Cazzanelli, G.'   2 ? 
'Caflisch, A.'     3 ? 
'Lolli, G.'        4 ? 
# 
_citation.abstract                  ? 
_citation.abstract_id_CAS           ? 
_citation.book_id_ISBN              ? 
_citation.book_publisher            ? 
_citation.book_publisher_city       ? 
_citation.book_title                ? 
_citation.coordinate_linkage        ? 
_citation.country                   US 
_citation.database_id_Medline       ? 
_citation.details                   ? 
_citation.id                        primary 
_citation.journal_abbrev            'Acs Med.Chem.Lett.' 
_citation.journal_id_ASTM           ? 
_citation.journal_id_CSD            ? 
_citation.journal_id_ISSN           1948-5875 
_citation.journal_full              ? 
_citation.journal_issue             ? 
_citation.journal_volume            13 
_citation.language                  ? 
_citation.page_first                1434 
_citation.page_last                 1443 
_citation.title                     'Identification of a BAZ2A-Bromodomain Hit Compound by Fragment Growing.' 
_citation.year                      2022 
_citation.database_id_CSD           ? 
_citation.pdbx_database_id_DOI      10.1021/acsmedchemlett.2c00173 
_citation.pdbx_database_id_PubMed   36105334 
_citation.pdbx_database_id_patent   ? 
_citation.unpublished_flag          ? 
# 
loop_
_citation_author.citation_id 
_citation_author.name 
_citation_author.ordinal 
_citation_author.identifier_ORCID 
primary 'Dalle Vedove, A.'   1 ?                   
primary 'Cazzanelli, G.'     2 ?                   
primary 'Batiste, L.'        3 ?                   
primary 'Marchand, J.R.'     4 0000-0002-8002-9457 
primary 'Spiliotopoulos, D.' 5 ?                   
primary 'Corsi, J.'          6 ?                   
primary 
;D'Agostino, V.G.
;
7 ?                   
primary 'Caflisch, A.'       8 0000-0002-2317-6792 
primary 'Lolli, G.'          9 0000-0002-8536-5599 
# 
loop_
_entity.id 
_entity.type 
_entity.src_method 
_entity.pdbx_description 
_entity.formula_weight 
_entity.pdbx_number_of_molecules 
_entity.pdbx_ec 
_entity.pdbx_mutation 
_entity.pdbx_fragment 
_entity.details 
1 polymer     man 'Bromodomain adjacent to zinc finger domain protein 2A'                                      12363.872 1   ? 
'First two residues SM derive from the expression tag. Double mutant E1845H/L1848S.' 'Bromodomain (residues 1796-1899)' ? 
2 non-polymer syn '1-[4-cyclopentyl-2-methyl-5-(2-piperazin-1-yl-1,3-thiazol-4-yl)-1~{H}-pyrrol-3-yl]ethanone' 358.501   2   ? ? ? 
? 
3 water       nat water                                                                                        18.015    134 ? ? ? 
? 
# 
_entity_name_com.entity_id   1 
_entity_name_com.name        'Transcription termination factor I-interacting protein 5,Tip5,hWALp3' 
# 
_entity_poly.entity_id                      1 
_entity_poly.type                           'polypeptide(L)' 
_entity_poly.nstd_linkage                   no 
_entity_poly.nstd_monomer                   no 
_entity_poly.pdbx_seq_one_letter_code       
;SMHSDLTFCEIILMEMESHDAAWPFLEPVNPRLVSGYRRIIKNPMDFSTMRHRLSRGGYTSSEEFAADALLVFDNCQTFN
EDDSEVGKAGHIMRRFFESRWEEFY
;
_entity_poly.pdbx_seq_one_letter_code_can   
;SMHSDLTFCEIILMEMESHDAAWPFLEPVNPRLVSGYRRIIKNPMDFSTMRHRLSRGGYTSSEEFAADALLVFDNCQTFN
EDDSEVGKAGHIMRRFFESRWEEFY
;
_entity_poly.pdbx_strand_id                 A 
_entity_poly.pdbx_target_identifier         ? 
# 
loop_
_pdbx_entity_nonpoly.entity_id 
_pdbx_entity_nonpoly.name 
_pdbx_entity_nonpoly.comp_id 
2 '1-[4-cyclopentyl-2-methyl-5-(2-piperazin-1-yl-1,3-thiazol-4-yl)-1~{H}-pyrrol-3-yl]ethanone' GQF 
3 water                                                                                        HOH 
# 
loop_
_entity_poly_seq.entity_id 
_entity_poly_seq.num 
_entity_poly_seq.mon_id 
_entity_poly_seq.hetero 
1 1   SER n 
1 2   MET n 
1 3   HIS n 
1 4   SER n 
1 5   ASP n 
1 6   LEU n 
1 7   THR n 
1 8   PHE n 
1 9   CYS n 
1 10  GLU n 
1 11  ILE n 
1 12  ILE n 
1 13  LEU n 
1 14  MET n 
1 15  GLU n 
1 16  MET n 
1 17  GLU n 
1 18  SER n 
1 19  HIS n 
1 20  ASP n 
1 21  ALA n 
1 22  ALA n 
1 23  TRP n 
1 24  PRO n 
1 25  PHE n 
1 26  LEU n 
1 27  GLU n 
1 28  PRO n 
1 29  VAL n 
1 30  ASN n 
1 31  PRO n 
1 32  ARG n 
1 33  LEU n 
1 34  VAL n 
1 35  SER n 
1 36  GLY n 
1 37  TYR n 
1 38  ARG n 
1 39  ARG n 
1 40  ILE n 
1 41  ILE n 
1 42  LYS n 
1 43  ASN n 
1 44  PRO n 
1 45  MET n 
1 46  ASP n 
1 47  PHE n 
1 48  SER n 
1 49  THR n 
1 50  MET n 
1 51  ARG n 
1 52  HIS n 
1 53  ARG n 
1 54  LEU n 
1 55  SER n 
1 56  ARG n 
1 57  GLY n 
1 58  GLY n 
1 59  TYR n 
1 60  THR n 
1 61  SER n 
1 62  SER n 
1 63  GLU n 
1 64  GLU n 
1 65  PHE n 
1 66  ALA n 
1 67  ALA n 
1 68  ASP n 
1 69  ALA n 
1 70  LEU n 
1 71  LEU n 
1 72  VAL n 
1 73  PHE n 
1 74  ASP n 
1 75  ASN n 
1 76  CYS n 
1 77  GLN n 
1 78  THR n 
1 79  PHE n 
1 80  ASN n 
1 81  GLU n 
1 82  ASP n 
1 83  ASP n 
1 84  SER n 
1 85  GLU n 
1 86  VAL n 
1 87  GLY n 
1 88  LYS n 
1 89  ALA n 
1 90  GLY n 
1 91  HIS n 
1 92  ILE n 
1 93  MET n 
1 94  ARG n 
1 95  ARG n 
1 96  PHE n 
1 97  PHE n 
1 98  GLU n 
1 99  SER n 
1 100 ARG n 
1 101 TRP n 
1 102 GLU n 
1 103 GLU n 
1 104 PHE n 
1 105 TYR n 
# 
_entity_src_gen.entity_id                          1 
_entity_src_gen.pdbx_src_id                        1 
_entity_src_gen.pdbx_alt_source_flag               sample 
_entity_src_gen.pdbx_seq_type                      'Biological sequence' 
_entity_src_gen.pdbx_beg_seq_num                   1 
_entity_src_gen.pdbx_end_seq_num                   105 
_entity_src_gen.gene_src_common_name               human 
_entity_src_gen.gene_src_genus                     ? 
_entity_src_gen.pdbx_gene_src_gene                 'BAZ2A, KIAA0314, TIP5' 
_entity_src_gen.gene_src_species                   ? 
_entity_src_gen.gene_src_strain                    ? 
_entity_src_gen.gene_src_tissue                    ? 
_entity_src_gen.gene_src_tissue_fraction           ? 
_entity_src_gen.gene_src_details                   ? 
_entity_src_gen.pdbx_gene_src_fragment             ? 
_entity_src_gen.pdbx_gene_src_scientific_name      'Homo sapiens' 
_entity_src_gen.pdbx_gene_src_ncbi_taxonomy_id     9606 
_entity_src_gen.pdbx_gene_src_variant              ? 
_entity_src_gen.pdbx_gene_src_cell_line            ? 
_entity_src_gen.pdbx_gene_src_atcc                 ? 
_entity_src_gen.pdbx_gene_src_organ                ? 
_entity_src_gen.pdbx_gene_src_organelle            ? 
_entity_src_gen.pdbx_gene_src_cell                 ? 
_entity_src_gen.pdbx_gene_src_cellular_location    ? 
_entity_src_gen.host_org_common_name               ? 
_entity_src_gen.pdbx_host_org_scientific_name      'Escherichia coli' 
_entity_src_gen.pdbx_host_org_ncbi_taxonomy_id     562 
_entity_src_gen.host_org_genus                     ? 
_entity_src_gen.pdbx_host_org_gene                 ? 
_entity_src_gen.pdbx_host_org_organ                ? 
_entity_src_gen.host_org_species                   ? 
_entity_src_gen.pdbx_host_org_tissue               ? 
_entity_src_gen.pdbx_host_org_tissue_fraction      ? 
_entity_src_gen.pdbx_host_org_strain               ? 
_entity_src_gen.pdbx_host_org_variant              ? 
_entity_src_gen.pdbx_host_org_cell_line            ? 
_entity_src_gen.pdbx_host_org_atcc                 ? 
_entity_src_gen.pdbx_host_org_culture_collection   ? 
_entity_src_gen.pdbx_host_org_cell                 ? 
_entity_src_gen.pdbx_host_org_organelle            ? 
_entity_src_gen.pdbx_host_org_cellular_location    ? 
_entity_src_gen.pdbx_host_org_vector_type          ? 
_entity_src_gen.pdbx_host_org_vector               ? 
_entity_src_gen.host_org_details                   ? 
_entity_src_gen.expression_system_id               ? 
_entity_src_gen.plasmid_name                       ? 
_entity_src_gen.plasmid_details                    ? 
_entity_src_gen.pdbx_description                   ? 
# 
loop_
_chem_comp.id 
_chem_comp.type 
_chem_comp.mon_nstd_flag 
_chem_comp.name 
_chem_comp.pdbx_synonyms 
_chem_comp.formula 
_chem_comp.formula_weight 
ALA 'L-peptide linking' y ALANINE                                                                                      ? 
'C3 H7 N O2'     89.093  
ARG 'L-peptide linking' y ARGININE                                                                                     ? 
'C6 H15 N4 O2 1' 175.209 
ASN 'L-peptide linking' y ASPARAGINE                                                                                   ? 
'C4 H8 N2 O3'    132.118 
ASP 'L-peptide linking' y 'ASPARTIC ACID'                                                                              ? 
'C4 H7 N O4'     133.103 
CYS 'L-peptide linking' y CYSTEINE                                                                                     ? 
'C3 H7 N O2 S'   121.158 
GLN 'L-peptide linking' y GLUTAMINE                                                                                    ? 
'C5 H10 N2 O3'   146.144 
GLU 'L-peptide linking' y 'GLUTAMIC ACID'                                                                              ? 
'C5 H9 N O4'     147.129 
GLY 'peptide linking'   y GLYCINE                                                                                      ? 
'C2 H5 N O2'     75.067  
GQF non-polymer         . '1-[4-cyclopentyl-2-methyl-5-(2-piperazin-1-yl-1,3-thiazol-4-yl)-1~{H}-pyrrol-3-yl]ethanone' ? 
'C19 H26 N4 O S' 358.501 
HIS 'L-peptide linking' y HISTIDINE                                                                                    ? 
'C6 H10 N3 O2 1' 156.162 
HOH non-polymer         . WATER                                                                                        ? 'H2 O' 
18.015  
ILE 'L-peptide linking' y ISOLEUCINE                                                                                   ? 
'C6 H13 N O2'    131.173 
LEU 'L-peptide linking' y LEUCINE                                                                                      ? 
'C6 H13 N O2'    131.173 
LYS 'L-peptide linking' y LYSINE                                                                                       ? 
'C6 H15 N2 O2 1' 147.195 
MET 'L-peptide linking' y METHIONINE                                                                                   ? 
'C5 H11 N O2 S'  149.211 
PHE 'L-peptide linking' y PHENYLALANINE                                                                                ? 
'C9 H11 N O2'    165.189 
PRO 'L-peptide linking' y PROLINE                                                                                      ? 
'C5 H9 N O2'     115.130 
SER 'L-peptide linking' y SERINE                                                                                       ? 
'C3 H7 N O3'     105.093 
THR 'L-peptide linking' y THREONINE                                                                                    ? 
'C4 H9 N O3'     119.119 
TRP 'L-peptide linking' y TRYPTOPHAN                                                                                   ? 
'C11 H12 N2 O2'  204.225 
TYR 'L-peptide linking' y TYROSINE                                                                                     ? 
'C9 H11 N O3'    181.189 
VAL 'L-peptide linking' y VALINE                                                                                       ? 
'C5 H11 N O2'    117.146 
# 
loop_
_pdbx_poly_seq_scheme.asym_id 
_pdbx_poly_seq_scheme.entity_id 
_pdbx_poly_seq_scheme.seq_id 
_pdbx_poly_seq_scheme.mon_id 
_pdbx_poly_seq_scheme.ndb_seq_num 
_pdbx_poly_seq_scheme.pdb_seq_num 
_pdbx_poly_seq_scheme.auth_seq_num 
_pdbx_poly_seq_scheme.pdb_mon_id 
_pdbx_poly_seq_scheme.auth_mon_id 
_pdbx_poly_seq_scheme.pdb_strand_id 
_pdbx_poly_seq_scheme.pdb_ins_code 
_pdbx_poly_seq_scheme.hetero 
A 1 1   SER 1   1794 1794 SER SER A . n 
A 1 2   MET 2   1795 1795 MET MET A . n 
A 1 3   HIS 3   1796 1796 HIS HIS A . n 
A 1 4   SER 4   1797 1797 SER SER A . n 
A 1 5   ASP 5   1798 1798 ASP ASP A . n 
A 1 6   LEU 6   1799 1799 LEU LEU A . n 
A 1 7   THR 7   1800 1800 THR THR A . n 
A 1 8   PHE 8   1801 1801 PHE PHE A . n 
A 1 9   CYS 9   1802 1802 CYS CYS A . n 
A 1 10  GLU 10  1803 1803 GLU GLU A . n 
A 1 11  ILE 11  1804 1804 ILE ILE A . n 
A 1 12  ILE 12  1805 1805 ILE ILE A . n 
A 1 13  LEU 13  1806 1806 LEU LEU A . n 
A 1 14  MET 14  1807 1807 MET MET A . n 
A 1 15  GLU 15  1808 1808 GLU GLU A . n 
A 1 16  MET 16  1809 1809 MET MET A . n 
A 1 17  GLU 17  1810 1810 GLU GLU A . n 
A 1 18  SER 18  1811 1811 SER SER A . n 
A 1 19  HIS 19  1812 1812 HIS HIS A . n 
A 1 20  ASP 20  1813 1813 ASP ASP A . n 
A 1 21  ALA 21  1814 1814 ALA ALA A . n 
A 1 22  ALA 22  1815 1815 ALA ALA A . n 
A 1 23  TRP 23  1816 1816 TRP TRP A . n 
A 1 24  PRO 24  1817 1817 PRO PRO A . n 
A 1 25  PHE 25  1818 1818 PHE PHE A . n 
A 1 26  LEU 26  1819 1819 LEU LEU A . n 
A 1 27  GLU 27  1820 1820 GLU GLU A . n 
A 1 28  PRO 28  1821 1821 PRO PRO A . n 
A 1 29  VAL 29  1822 1822 VAL VAL A . n 
A 1 30  ASN 30  1823 1823 ASN ASN A . n 
A 1 31  PRO 31  1824 1824 PRO PRO A . n 
A 1 32  ARG 32  1825 1825 ARG ARG A . n 
A 1 33  LEU 33  1826 1826 LEU LEU A . n 
A 1 34  VAL 34  1827 1827 VAL VAL A . n 
A 1 35  SER 35  1828 1828 SER SER A . n 
A 1 36  GLY 36  1829 1829 GLY GLY A . n 
A 1 37  TYR 37  1830 1830 TYR TYR A . n 
A 1 38  ARG 38  1831 1831 ARG ARG A . n 
A 1 39  ARG 39  1832 1832 ARG ARG A . n 
A 1 40  ILE 40  1833 1833 ILE ILE A . n 
A 1 41  ILE 41  1834 1834 ILE ILE A . n 
A 1 42  LYS 42  1835 1835 LYS LYS A . n 
A 1 43  ASN 43  1836 1836 ASN ASN A . n 
A 1 44  PRO 44  1837 1837 PRO PRO A . n 
A 1 45  MET 45  1838 1838 MET MET A . n 
A 1 46  ASP 46  1839 1839 ASP ASP A . n 
A 1 47  PHE 47  1840 1840 PHE PHE A . n 
A 1 48  SER 48  1841 1841 SER SER A . n 
A 1 49  THR 49  1842 1842 THR THR A . n 
A 1 50  MET 50  1843 1843 MET MET A . n 
A 1 51  ARG 51  1844 1844 ARG ARG A . n 
A 1 52  HIS 52  1845 1845 HIS HIS A . n 
A 1 53  ARG 53  1846 1846 ARG ARG A . n 
A 1 54  LEU 54  1847 1847 LEU LEU A . n 
A 1 55  SER 55  1848 1848 SER SER A . n 
A 1 56  ARG 56  1849 1849 ARG ARG A . n 
A 1 57  GLY 57  1850 1850 GLY GLY A . n 
A 1 58  GLY 58  1851 1851 GLY GLY A . n 
A 1 59  TYR 59  1852 1852 TYR TYR A . n 
A 1 60  THR 60  1853 1853 THR THR A . n 
A 1 61  SER 61  1854 1854 SER SER A . n 
A 1 62  SER 62  1855 1855 SER SER A . n 
A 1 63  GLU 63  1856 1856 GLU GLU A . n 
A 1 64  GLU 64  1857 1857 GLU GLU A . n 
A 1 65  PHE 65  1858 1858 PHE PHE A . n 
A 1 66  ALA 66  1859 1859 ALA ALA A . n 
A 1 67  ALA 67  1860 1860 ALA ALA A . n 
A 1 68  ASP 68  1861 1861 ASP ASP A . n 
A 1 69  ALA 69  1862 1862 ALA ALA A . n 
A 1 70  LEU 70  1863 1863 LEU LEU A . n 
A 1 71  LEU 71  1864 1864 LEU LEU A . n 
A 1 72  VAL 72  1865 1865 VAL VAL A . n 
A 1 73  PHE 73  1866 1866 PHE PHE A . n 
A 1 74  ASP 74  1867 1867 ASP ASP A . n 
A 1 75  ASN 75  1868 1868 ASN ASN A . n 
A 1 76  CYS 76  1869 1869 CYS CYS A . n 
A 1 77  GLN 77  1870 1870 GLN GLN A . n 
A 1 78  THR 78  1871 1871 THR THR A . n 
A 1 79  PHE 79  1872 1872 PHE PHE A . n 
A 1 80  ASN 80  1873 1873 ASN ASN A . n 
A 1 81  GLU 81  1874 1874 GLU GLU A . n 
A 1 82  ASP 82  1875 1875 ASP ASP A . n 
A 1 83  ASP 83  1876 1876 ASP ASP A . n 
A 1 84  SER 84  1877 1877 SER SER A . n 
A 1 85  GLU 85  1878 1878 GLU GLU A . n 
A 1 86  VAL 86  1879 1879 VAL VAL A . n 
A 1 87  GLY 87  1880 1880 GLY GLY A . n 
A 1 88  LYS 88  1881 1881 LYS LYS A . n 
A 1 89  ALA 89  1882 1882 ALA ALA A . n 
A 1 90  GLY 90  1883 1883 GLY GLY A . n 
A 1 91  HIS 91  1884 1884 HIS HIS A . n 
A 1 92  ILE 92  1885 1885 ILE ILE A . n 
A 1 93  MET 93  1886 1886 MET MET A . n 
A 1 94  ARG 94  1887 1887 ARG ARG A . n 
A 1 95  ARG 95  1888 1888 ARG ARG A . n 
A 1 96  PHE 96  1889 1889 PHE PHE A . n 
A 1 97  PHE 97  1890 1890 PHE PHE A . n 
A 1 98  GLU 98  1891 1891 GLU GLU A . n 
A 1 99  SER 99  1892 1892 SER SER A . n 
A 1 100 ARG 100 1893 1893 ARG ARG A . n 
A 1 101 TRP 101 1894 1894 TRP TRP A . n 
A 1 102 GLU 102 1895 1895 GLU GLU A . n 
A 1 103 GLU 103 1896 1896 GLU GLU A . n 
A 1 104 PHE 104 1897 1897 PHE PHE A . n 
A 1 105 TYR 105 1898 1898 TYR TYR A . n 
# 
loop_
_pdbx_nonpoly_scheme.asym_id 
_pdbx_nonpoly_scheme.entity_id 
_pdbx_nonpoly_scheme.mon_id 
_pdbx_nonpoly_scheme.ndb_seq_num 
_pdbx_nonpoly_scheme.pdb_seq_num 
_pdbx_nonpoly_scheme.auth_seq_num 
_pdbx_nonpoly_scheme.pdb_mon_id 
_pdbx_nonpoly_scheme.auth_mon_id 
_pdbx_nonpoly_scheme.pdb_strand_id 
_pdbx_nonpoly_scheme.pdb_ins_code 
B 2 GQF 1   1901 1901 GQF 402 A . 
C 2 GQF 1   1902 2001 GQF 402 A . 
D 3 HOH 1   2001 103  HOH HOH A . 
D 3 HOH 2   2002 93   HOH HOH A . 
D 3 HOH 3   2003 44   HOH HOH A . 
D 3 HOH 4   2004 91   HOH HOH A . 
D 3 HOH 5   2005 11   HOH HOH A . 
D 3 HOH 6   2006 53   HOH HOH A . 
D 3 HOH 7   2007 105  HOH HOH A . 
D 3 HOH 8   2008 23   HOH HOH A . 
D 3 HOH 9   2009 94   HOH HOH A . 
D 3 HOH 10  2010 82   HOH HOH A . 
D 3 HOH 11  2011 46   HOH HOH A . 
D 3 HOH 12  2012 43   HOH HOH A . 
D 3 HOH 13  2013 123  HOH HOH A . 
D 3 HOH 14  2014 74   HOH HOH A . 
D 3 HOH 15  2015 81   HOH HOH A . 
D 3 HOH 16  2016 85   HOH HOH A . 
D 3 HOH 17  2017 71   HOH HOH A . 
D 3 HOH 18  2018 13   HOH HOH A . 
D 3 HOH 19  2019 67   HOH HOH A . 
D 3 HOH 20  2020 14   HOH HOH A . 
D 3 HOH 21  2021 128  HOH HOH A . 
D 3 HOH 22  2022 1    HOH HOH A . 
D 3 HOH 23  2023 63   HOH HOH A . 
D 3 HOH 24  2024 20   HOH HOH A . 
D 3 HOH 25  2025 49   HOH HOH A . 
D 3 HOH 26  2026 37   HOH HOH A . 
D 3 HOH 27  2027 84   HOH HOH A . 
D 3 HOH 28  2028 6    HOH HOH A . 
D 3 HOH 29  2029 27   HOH HOH A . 
D 3 HOH 30  2030 45   HOH HOH A . 
D 3 HOH 31  2031 25   HOH HOH A . 
D 3 HOH 32  2032 108  HOH HOH A . 
D 3 HOH 33  2033 9    HOH HOH A . 
D 3 HOH 34  2034 16   HOH HOH A . 
D 3 HOH 35  2035 101  HOH HOH A . 
D 3 HOH 36  2036 76   HOH HOH A . 
D 3 HOH 37  2037 54   HOH HOH A . 
D 3 HOH 38  2038 56   HOH HOH A . 
D 3 HOH 39  2039 73   HOH HOH A . 
D 3 HOH 40  2040 47   HOH HOH A . 
D 3 HOH 41  2041 79   HOH HOH A . 
D 3 HOH 42  2042 125  HOH HOH A . 
D 3 HOH 43  2043 40   HOH HOH A . 
D 3 HOH 44  2044 78   HOH HOH A . 
D 3 HOH 45  2045 31   HOH HOH A . 
D 3 HOH 46  2046 59   HOH HOH A . 
D 3 HOH 47  2047 90   HOH HOH A . 
D 3 HOH 48  2048 2    HOH HOH A . 
D 3 HOH 49  2049 5    HOH HOH A . 
D 3 HOH 50  2050 60   HOH HOH A . 
D 3 HOH 51  2051 65   HOH HOH A . 
D 3 HOH 52  2052 98   HOH HOH A . 
D 3 HOH 53  2053 10   HOH HOH A . 
D 3 HOH 54  2054 96   HOH HOH A . 
D 3 HOH 55  2055 68   HOH HOH A . 
D 3 HOH 56  2056 120  HOH HOH A . 
D 3 HOH 57  2057 83   HOH HOH A . 
D 3 HOH 58  2058 50   HOH HOH A . 
D 3 HOH 59  2059 26   HOH HOH A . 
D 3 HOH 60  2060 18   HOH HOH A . 
D 3 HOH 61  2061 21   HOH HOH A . 
D 3 HOH 62  2062 89   HOH HOH A . 
D 3 HOH 63  2063 110  HOH HOH A . 
D 3 HOH 64  2064 87   HOH HOH A . 
D 3 HOH 65  2065 3    HOH HOH A . 
D 3 HOH 66  2066 114  HOH HOH A . 
D 3 HOH 67  2067 55   HOH HOH A . 
D 3 HOH 68  2068 52   HOH HOH A . 
D 3 HOH 69  2069 22   HOH HOH A . 
D 3 HOH 70  2070 17   HOH HOH A . 
D 3 HOH 71  2071 32   HOH HOH A . 
D 3 HOH 72  2072 41   HOH HOH A . 
D 3 HOH 73  2073 88   HOH HOH A . 
D 3 HOH 74  2074 80   HOH HOH A . 
D 3 HOH 75  2075 28   HOH HOH A . 
D 3 HOH 76  2076 29   HOH HOH A . 
D 3 HOH 77  2077 12   HOH HOH A . 
D 3 HOH 78  2078 122  HOH HOH A . 
D 3 HOH 79  2079 58   HOH HOH A . 
D 3 HOH 80  2080 113  HOH HOH A . 
D 3 HOH 81  2081 57   HOH HOH A . 
D 3 HOH 82  2082 39   HOH HOH A . 
D 3 HOH 83  2083 7    HOH HOH A . 
D 3 HOH 84  2084 34   HOH HOH A . 
D 3 HOH 85  2085 95   HOH HOH A . 
D 3 HOH 86  2086 30   HOH HOH A . 
D 3 HOH 87  2087 134  HOH HOH A . 
D 3 HOH 88  2088 121  HOH HOH A . 
D 3 HOH 89  2089 35   HOH HOH A . 
D 3 HOH 90  2090 64   HOH HOH A . 
D 3 HOH 91  2091 24   HOH HOH A . 
D 3 HOH 92  2092 77   HOH HOH A . 
D 3 HOH 93  2093 38   HOH HOH A . 
D 3 HOH 94  2094 8    HOH HOH A . 
D 3 HOH 95  2095 4    HOH HOH A . 
D 3 HOH 96  2096 19   HOH HOH A . 
D 3 HOH 97  2097 66   HOH HOH A . 
D 3 HOH 98  2098 117  HOH HOH A . 
D 3 HOH 99  2099 72   HOH HOH A . 
D 3 HOH 100 2100 33   HOH HOH A . 
D 3 HOH 101 2101 42   HOH HOH A . 
D 3 HOH 102 2102 118  HOH HOH A . 
D 3 HOH 103 2103 15   HOH HOH A . 
D 3 HOH 104 2104 36   HOH HOH A . 
D 3 HOH 105 2105 97   HOH HOH A . 
D 3 HOH 106 2106 107  HOH HOH A . 
D 3 HOH 107 2107 62   HOH HOH A . 
D 3 HOH 108 2108 102  HOH HOH A . 
D 3 HOH 109 2109 126  HOH HOH A . 
D 3 HOH 110 2110 131  HOH HOH A . 
D 3 HOH 111 2111 51   HOH HOH A . 
D 3 HOH 112 2112 115  HOH HOH A . 
D 3 HOH 113 2113 99   HOH HOH A . 
D 3 HOH 114 2114 133  HOH HOH A . 
D 3 HOH 115 2115 111  HOH HOH A . 
D 3 HOH 116 2116 48   HOH HOH A . 
D 3 HOH 117 2117 132  HOH HOH A . 
D 3 HOH 118 2118 92   HOH HOH A . 
D 3 HOH 119 2119 106  HOH HOH A . 
D 3 HOH 120 2120 61   HOH HOH A . 
D 3 HOH 121 2121 119  HOH HOH A . 
D 3 HOH 122 2122 112  HOH HOH A . 
D 3 HOH 123 2123 100  HOH HOH A . 
D 3 HOH 124 2124 116  HOH HOH A . 
D 3 HOH 125 2125 109  HOH HOH A . 
D 3 HOH 126 2126 127  HOH HOH A . 
D 3 HOH 127 2127 129  HOH HOH A . 
D 3 HOH 128 2128 70   HOH HOH A . 
D 3 HOH 129 2129 75   HOH HOH A . 
D 3 HOH 130 2130 124  HOH HOH A . 
D 3 HOH 131 2131 86   HOH HOH A . 
D 3 HOH 132 2132 130  HOH HOH A . 
D 3 HOH 133 2133 104  HOH HOH A . 
D 3 HOH 134 2134 69   HOH HOH A . 
# 
loop_
_software.citation_id 
_software.classification 
_software.compiler_name 
_software.compiler_version 
_software.contact_author 
_software.contact_author_email 
_software.date 
_software.description 
_software.dependencies 
_software.hardware 
_software.language 
_software.location 
_software.mods 
_software.name 
_software.os 
_software.os_version 
_software.type 
_software.version 
_software.pdbx_ordinal 
? refinement        ? ? ? ? ? ? ? ? ? ? ? PHENIX      ? ? ? 1.11.1 1 
? 'data reduction'  ? ? ? ? ? ? ? ? ? ? ? XDS         ? ? ? .      2 
? 'data scaling'    ? ? ? ? ? ? ? ? ? ? ? Aimless     ? ? ? 0.7.4  3 
? phasing           ? ? ? ? ? ? ? ? ? ? ? PHASER      ? ? ? .      4 
? 'data extraction' ? ? ? ? ? ? ? ? ? ? ? PDB_EXTRACT ? ? ? 3.27   5 
# 
_cell.angle_alpha                  90.000 
_cell.angle_alpha_esd              ? 
_cell.angle_beta                   92.470 
_cell.angle_beta_esd               ? 
_cell.angle_gamma                  90.000 
_cell.angle_gamma_esd              ? 
_cell.entry_id                     7QYE 
_cell.details                      ? 
_cell.formula_units_Z              ? 
_cell.length_a                     37.458 
_cell.length_a_esd                 ? 
_cell.length_b                     35.021 
_cell.length_b_esd                 ? 
_cell.length_c                     37.649 
_cell.length_c_esd                 ? 
_cell.volume                       ? 
_cell.volume_esd                   ? 
_cell.Z_PDB                        2 
_cell.reciprocal_angle_alpha       ? 
_cell.reciprocal_angle_beta        ? 
_cell.reciprocal_angle_gamma       ? 
_cell.reciprocal_angle_alpha_esd   ? 
_cell.reciprocal_angle_beta_esd    ? 
_cell.reciprocal_angle_gamma_esd   ? 
_cell.reciprocal_length_a          ? 
_cell.reciprocal_length_b          ? 
_cell.reciprocal_length_c          ? 
_cell.reciprocal_length_a_esd      ? 
_cell.reciprocal_length_b_esd      ? 
_cell.reciprocal_length_c_esd      ? 
_cell.pdbx_unique_axis             ? 
# 
_symmetry.entry_id                         7QYE 
_symmetry.cell_setting                     ? 
_symmetry.Int_Tables_number                4 
_symmetry.space_group_name_Hall            ? 
_symmetry.space_group_name_H-M             'P 1 21 1' 
_symmetry.pdbx_full_space_group_name_H-M   ? 
# 
_exptl.absorpt_coefficient_mu     ? 
_exptl.absorpt_correction_T_max   ? 
_exptl.absorpt_correction_T_min   ? 
_exptl.absorpt_correction_type    ? 
_exptl.absorpt_process_details    ? 
_exptl.entry_id                   7QYE 
_exptl.crystals_number            1 
_exptl.details                    ? 
_exptl.method                     'X-RAY DIFFRACTION' 
_exptl.method_details             ? 
# 
_exptl_crystal.colour                      ? 
_exptl_crystal.density_diffrn              ? 
_exptl_crystal.density_Matthews            2.00 
_exptl_crystal.density_method              ? 
_exptl_crystal.density_percent_sol         38.45 
_exptl_crystal.description                 ? 
_exptl_crystal.F_000                       ? 
_exptl_crystal.id                          1 
_exptl_crystal.preparation                 ? 
_exptl_crystal.size_max                    ? 
_exptl_crystal.size_mid                    ? 
_exptl_crystal.size_min                    ? 
_exptl_crystal.size_rad                    ? 
_exptl_crystal.colour_lustre               ? 
_exptl_crystal.colour_modifier             ? 
_exptl_crystal.colour_primary              ? 
_exptl_crystal.density_meas                ? 
_exptl_crystal.density_meas_esd            ? 
_exptl_crystal.density_meas_gt             ? 
_exptl_crystal.density_meas_lt             ? 
_exptl_crystal.density_meas_temp           ? 
_exptl_crystal.density_meas_temp_esd       ? 
_exptl_crystal.density_meas_temp_gt        ? 
_exptl_crystal.density_meas_temp_lt        ? 
_exptl_crystal.pdbx_crystal_image_url      ? 
_exptl_crystal.pdbx_crystal_image_format   ? 
_exptl_crystal.pdbx_mosaicity              0.320 
_exptl_crystal.pdbx_mosaicity_esd          ? 
# 
_exptl_crystal_grow.apparatus       ? 
_exptl_crystal_grow.atmosphere      ? 
_exptl_crystal_grow.crystal_id      1 
_exptl_crystal_grow.details         ? 
_exptl_crystal_grow.method          'VAPOR DIFFUSION, SITTING DROP' 
_exptl_crystal_grow.method_ref      ? 
_exptl_crystal_grow.pH              7.5 
_exptl_crystal_grow.pressure        ? 
_exptl_crystal_grow.pressure_esd    ? 
_exptl_crystal_grow.seeding         ? 
_exptl_crystal_grow.seeding_ref     ? 
_exptl_crystal_grow.temp            277 
_exptl_crystal_grow.temp_details    ? 
_exptl_crystal_grow.temp_esd        ? 
_exptl_crystal_grow.time            ? 
_exptl_crystal_grow.pdbx_details    '20% PEG3350, 0.2 M MgCl2' 
_exptl_crystal_grow.pdbx_pH_range   ? 
# 
_diffrn.ambient_environment              ? 
_diffrn.ambient_temp                     100 
_diffrn.ambient_temp_details             ? 
_diffrn.ambient_temp_esd                 ? 
_diffrn.crystal_id                       1 
_diffrn.crystal_support                  ? 
_diffrn.crystal_treatment                ? 
_diffrn.details                          ? 
_diffrn.id                               1 
_diffrn.ambient_pressure                 ? 
_diffrn.ambient_pressure_esd             ? 
_diffrn.ambient_pressure_gt              ? 
_diffrn.ambient_pressure_lt              ? 
_diffrn.ambient_temp_gt                  ? 
_diffrn.ambient_temp_lt                  ? 
_diffrn.pdbx_serial_crystal_experiment   N 
# 
_diffrn_detector.details                      ? 
_diffrn_detector.detector                     PIXEL 
_diffrn_detector.diffrn_id                    1 
_diffrn_detector.type                         'DECTRIS PILATUS 6M' 
_diffrn_detector.area_resol_mean              ? 
_diffrn_detector.dtime                        ? 
_diffrn_detector.pdbx_frames_total            ? 
_diffrn_detector.pdbx_collection_time_total   ? 
_diffrn_detector.pdbx_collection_date         2020-02-20 
_diffrn_detector.pdbx_frequency               ? 
# 
_diffrn_radiation.collimation                      ? 
_diffrn_radiation.diffrn_id                        1 
_diffrn_radiation.filter_edge                      ? 
_diffrn_radiation.inhomogeneity                    ? 
_diffrn_radiation.monochromator                    ? 
_diffrn_radiation.polarisn_norm                    ? 
_diffrn_radiation.polarisn_ratio                   ? 
_diffrn_radiation.probe                            ? 
_diffrn_radiation.type                             ? 
_diffrn_radiation.xray_symbol                      ? 
_diffrn_radiation.wavelength_id                    1 
_diffrn_radiation.pdbx_monochromatic_or_laue_m_l   M 
_diffrn_radiation.pdbx_wavelength_list             ? 
_diffrn_radiation.pdbx_wavelength                  ? 
_diffrn_radiation.pdbx_diffrn_protocol             'SINGLE WAVELENGTH' 
_diffrn_radiation.pdbx_analyzer                    ? 
_diffrn_radiation.pdbx_scattering_type             x-ray 
# 
_diffrn_radiation_wavelength.id           1 
_diffrn_radiation_wavelength.wavelength   0.9429 
_diffrn_radiation_wavelength.wt           1.0 
# 
_diffrn_source.current                     ? 
_diffrn_source.details                     ? 
_diffrn_source.diffrn_id                   1 
_diffrn_source.power                       ? 
_diffrn_source.size                        ? 
_diffrn_source.source                      SYNCHROTRON 
_diffrn_source.target                      ? 
_diffrn_source.type                        'ELETTRA BEAMLINE 11.2C' 
_diffrn_source.voltage                     ? 
_diffrn_source.take-off_angle              ? 
_diffrn_source.pdbx_wavelength_list        0.9429 
_diffrn_source.pdbx_wavelength             ? 
_diffrn_source.pdbx_synchrotron_beamline   11.2C 
_diffrn_source.pdbx_synchrotron_site       ELETTRA 
# 
_reflns.B_iso_Wilson_estimate                          ? 
_reflns.entry_id                                       7QYE 
_reflns.data_reduction_details                         ? 
_reflns.data_reduction_method                          ? 
_reflns.d_resolution_high                              1.650 
_reflns.d_resolution_low                               37.614 
_reflns.details                                        ? 
_reflns.limit_h_max                                    ? 
_reflns.limit_h_min                                    ? 
_reflns.limit_k_max                                    ? 
_reflns.limit_k_min                                    ? 
_reflns.limit_l_max                                    ? 
_reflns.limit_l_min                                    ? 
_reflns.number_all                                     ? 
_reflns.number_obs                                     11883 
_reflns.observed_criterion                             ? 
_reflns.observed_criterion_F_max                       ? 
_reflns.observed_criterion_F_min                       ? 
_reflns.observed_criterion_I_max                       ? 
_reflns.observed_criterion_I_min                       ? 
_reflns.observed_criterion_sigma_F                     ? 
_reflns.observed_criterion_sigma_I                     ? 
_reflns.percent_possible_obs                           99.800 
_reflns.R_free_details                                 ? 
_reflns.Rmerge_F_all                                   ? 
_reflns.Rmerge_F_obs                                   ? 
_reflns.Friedel_coverage                               ? 
_reflns.number_gt                                      ? 
_reflns.threshold_expression                           ? 
_reflns.pdbx_redundancy                                6.200 
_reflns.pdbx_Rmerge_I_obs                              0.118 
_reflns.pdbx_Rmerge_I_all                              ? 
_reflns.pdbx_Rsym_value                                ? 
_reflns.pdbx_netI_over_av_sigmaI                       ? 
_reflns.pdbx_netI_over_sigmaI                          8.300 
_reflns.pdbx_res_netI_over_av_sigmaI_2                 ? 
_reflns.pdbx_res_netI_over_sigmaI_2                    ? 
_reflns.pdbx_chi_squared                               ? 
_reflns.pdbx_scaling_rejects                           ? 
_reflns.pdbx_d_res_high_opt                            ? 
_reflns.pdbx_d_res_low_opt                             ? 
_reflns.pdbx_d_res_opt_method                          ? 
_reflns.phase_calculation_details                      ? 
_reflns.pdbx_Rrim_I_all                                0.128 
_reflns.pdbx_Rpim_I_all                                0.050 
_reflns.pdbx_d_opt                                     ? 
_reflns.pdbx_number_measured_all                       ? 
_reflns.pdbx_diffrn_id                                 1 
_reflns.pdbx_ordinal                                   1 
_reflns.pdbx_CC_half                                   0.993 
_reflns.pdbx_CC_star                                   ? 
_reflns.pdbx_R_split                                   ? 
_reflns.pdbx_aniso_diffraction_limit_axis_1_ortho[1]   ? 
_reflns.pdbx_aniso_diffraction_limit_axis_1_ortho[2]   ? 
_reflns.pdbx_aniso_diffraction_limit_axis_1_ortho[3]   ? 
_reflns.pdbx_aniso_diffraction_limit_axis_2_ortho[1]   ? 
_reflns.pdbx_aniso_diffraction_limit_axis_2_ortho[2]   ? 
_reflns.pdbx_aniso_diffraction_limit_axis_2_ortho[3]   ? 
_reflns.pdbx_aniso_diffraction_limit_axis_3_ortho[1]   ? 
_reflns.pdbx_aniso_diffraction_limit_axis_3_ortho[2]   ? 
_reflns.pdbx_aniso_diffraction_limit_axis_3_ortho[3]   ? 
_reflns.pdbx_aniso_diffraction_limit_1                 ? 
_reflns.pdbx_aniso_diffraction_limit_2                 ? 
_reflns.pdbx_aniso_diffraction_limit_3                 ? 
_reflns.pdbx_aniso_B_tensor_eigenvector_1_ortho[1]     ? 
_reflns.pdbx_aniso_B_tensor_eigenvector_1_ortho[2]     ? 
_reflns.pdbx_aniso_B_tensor_eigenvector_1_ortho[3]     ? 
_reflns.pdbx_aniso_B_tensor_eigenvector_2_ortho[1]     ? 
_reflns.pdbx_aniso_B_tensor_eigenvector_2_ortho[2]     ? 
_reflns.pdbx_aniso_B_tensor_eigenvector_2_ortho[3]     ? 
_reflns.pdbx_aniso_B_tensor_eigenvector_3_ortho[1]     ? 
_reflns.pdbx_aniso_B_tensor_eigenvector_3_ortho[2]     ? 
_reflns.pdbx_aniso_B_tensor_eigenvector_3_ortho[3]     ? 
_reflns.pdbx_aniso_B_tensor_eigenvalue_1               ? 
_reflns.pdbx_aniso_B_tensor_eigenvalue_2               ? 
_reflns.pdbx_aniso_B_tensor_eigenvalue_3               ? 
_reflns.pdbx_orthogonalization_convention              ? 
_reflns.pdbx_percent_possible_ellipsoidal              ? 
_reflns.pdbx_percent_possible_spherical                ? 
_reflns.pdbx_percent_possible_ellipsoidal_anomalous    ? 
_reflns.pdbx_percent_possible_spherical_anomalous      ? 
_reflns.pdbx_redundancy_anomalous                      ? 
_reflns.pdbx_CC_half_anomalous                         ? 
_reflns.pdbx_absDiff_over_sigma_anomalous              ? 
_reflns.pdbx_percent_possible_anomalous                ? 
_reflns.pdbx_observed_signal_threshold                 ? 
_reflns.pdbx_signal_type                               ? 
_reflns.pdbx_signal_details                            ? 
_reflns.pdbx_signal_software_id                        ? 
# 
loop_
_reflns_shell.d_res_high 
_reflns_shell.d_res_low 
_reflns_shell.meanI_over_sigI_all 
_reflns_shell.meanI_over_sigI_obs 
_reflns_shell.number_measured_all 
_reflns_shell.number_measured_obs 
_reflns_shell.number_possible 
_reflns_shell.number_unique_all 
_reflns_shell.number_unique_obs 
_reflns_shell.percent_possible_all 
_reflns_shell.percent_possible_obs 
_reflns_shell.Rmerge_F_all 
_reflns_shell.Rmerge_F_obs 
_reflns_shell.Rmerge_I_all 
_reflns_shell.Rmerge_I_obs 
_reflns_shell.meanI_over_sigI_gt 
_reflns_shell.meanI_over_uI_all 
_reflns_shell.meanI_over_uI_gt 
_reflns_shell.number_measured_gt 
_reflns_shell.number_unique_gt 
_reflns_shell.percent_possible_gt 
_reflns_shell.Rmerge_F_gt 
_reflns_shell.Rmerge_I_gt 
_reflns_shell.pdbx_redundancy 
_reflns_shell.pdbx_Rsym_value 
_reflns_shell.pdbx_chi_squared 
_reflns_shell.pdbx_netI_over_sigmaI_all 
_reflns_shell.pdbx_netI_over_sigmaI_obs 
_reflns_shell.pdbx_Rrim_I_all 
_reflns_shell.pdbx_Rpim_I_all 
_reflns_shell.pdbx_rejects 
_reflns_shell.pdbx_ordinal 
_reflns_shell.pdbx_diffrn_id 
_reflns_shell.pdbx_CC_half 
_reflns_shell.pdbx_CC_star 
_reflns_shell.pdbx_R_split 
_reflns_shell.pdbx_percent_possible_ellipsoidal 
_reflns_shell.pdbx_percent_possible_spherical 
_reflns_shell.pdbx_percent_possible_ellipsoidal_anomalous 
_reflns_shell.pdbx_percent_possible_spherical_anomalous 
_reflns_shell.pdbx_redundancy_anomalous 
_reflns_shell.pdbx_CC_half_anomalous 
_reflns_shell.pdbx_absDiff_over_sigma_anomalous 
_reflns_shell.pdbx_percent_possible_anomalous 
1.650 1.680  ? ? 3552 ? ? ? 563 100.000 ? ? ? ? 0.457 ? ? ? ? ? ? ? ? 6.300 ? ? ? 3.200  0.499 0.197 ? 1 1 0.957 ? ? ? ? ? ? ? ? ? 
? 
9.040 37.610 ? ? 414  ? ? ? 84  99.300  ? ? ? ? 0.055 ? ? ? ? ? ? ? ? 4.900 ? ? ? 12.700 0.060 0.025 ? 2 1 0.998 ? ? ? ? ? ? ? ? ? 
? 
# 
_refine.aniso_B[1][1]                            ? 
_refine.aniso_B[1][2]                            ? 
_refine.aniso_B[1][3]                            ? 
_refine.aniso_B[2][2]                            ? 
_refine.aniso_B[2][3]                            ? 
_refine.aniso_B[3][3]                            ? 
_refine.B_iso_max                                67.890 
_refine.B_iso_mean                               21.4496 
_refine.B_iso_min                                8.610 
_refine.correlation_coeff_Fo_to_Fc               ? 
_refine.correlation_coeff_Fo_to_Fc_free          ? 
_refine.details                                  ? 
_refine.diff_density_max                         ? 
_refine.diff_density_max_esd                     ? 
_refine.diff_density_min                         ? 
_refine.diff_density_min_esd                     ? 
_refine.diff_density_rms                         ? 
_refine.diff_density_rms_esd                     ? 
_refine.entry_id                                 7QYE 
_refine.pdbx_refine_id                           'X-RAY DIFFRACTION' 
_refine.ls_abs_structure_details                 ? 
_refine.ls_abs_structure_Flack                   ? 
_refine.ls_abs_structure_Flack_esd               ? 
_refine.ls_abs_structure_Rogers                  ? 
_refine.ls_abs_structure_Rogers_esd              ? 
_refine.ls_d_res_high                            1.6500 
_refine.ls_d_res_low                             37.6140 
_refine.ls_extinction_coef                       ? 
_refine.ls_extinction_coef_esd                   ? 
_refine.ls_extinction_expression                 ? 
_refine.ls_extinction_method                     ? 
_refine.ls_goodness_of_fit_all                   ? 
_refine.ls_goodness_of_fit_all_esd               ? 
_refine.ls_goodness_of_fit_obs                   ? 
_refine.ls_goodness_of_fit_obs_esd               ? 
_refine.ls_hydrogen_treatment                    ? 
_refine.ls_matrix_type                           ? 
_refine.ls_number_constraints                    ? 
_refine.ls_number_parameters                     ? 
_refine.ls_number_reflns_all                     ? 
_refine.ls_number_reflns_obs                     11847 
_refine.ls_number_reflns_R_free                  478 
_refine.ls_number_reflns_R_work                  11369 
_refine.ls_number_restraints                     ? 
_refine.ls_percent_reflns_obs                    99.6000 
_refine.ls_percent_reflns_R_free                 4.0300 
_refine.ls_R_factor_all                          ? 
_refine.ls_R_factor_obs                          0.1823 
_refine.ls_R_factor_R_free                       0.2095 
_refine.ls_R_factor_R_free_error                 ? 
_refine.ls_R_factor_R_free_error_details         ? 
_refine.ls_R_factor_R_work                       0.1812 
_refine.ls_R_Fsqd_factor_obs                     ? 
_refine.ls_R_I_factor_obs                        ? 
_refine.ls_redundancy_reflns_all                 ? 
_refine.ls_redundancy_reflns_obs                 ? 
_refine.ls_restrained_S_all                      ? 
_refine.ls_restrained_S_obs                      ? 
_refine.ls_shift_over_esd_max                    ? 
_refine.ls_shift_over_esd_mean                   ? 
_refine.ls_structure_factor_coef                 ? 
_refine.ls_weighting_details                     ? 
_refine.ls_weighting_scheme                      ? 
_refine.ls_wR_factor_all                         ? 
_refine.ls_wR_factor_obs                         ? 
_refine.ls_wR_factor_R_free                      ? 
_refine.ls_wR_factor_R_work                      ? 
_refine.occupancy_max                            ? 
_refine.occupancy_min                            ? 
_refine.solvent_model_details                    'FLAT BULK SOLVENT MODEL' 
_refine.solvent_model_param_bsol                 ? 
_refine.solvent_model_param_ksol                 ? 
_refine.pdbx_R_complete                          ? 
_refine.ls_R_factor_gt                           ? 
_refine.ls_goodness_of_fit_gt                    ? 
_refine.ls_goodness_of_fit_ref                   ? 
_refine.ls_shift_over_su_max                     ? 
_refine.ls_shift_over_su_max_lt                  ? 
_refine.ls_shift_over_su_mean                    ? 
_refine.ls_shift_over_su_mean_lt                 ? 
_refine.pdbx_ls_sigma_I                          ? 
_refine.pdbx_ls_sigma_F                          1.390 
_refine.pdbx_ls_sigma_Fsqd                       ? 
_refine.pdbx_data_cutoff_high_absF               ? 
_refine.pdbx_data_cutoff_high_rms_absF           ? 
_refine.pdbx_data_cutoff_low_absF                ? 
_refine.pdbx_isotropic_thermal_model             ? 
_refine.pdbx_ls_cross_valid_method               'FREE R-VALUE' 
_refine.pdbx_method_to_determine_struct          'MOLECULAR REPLACEMENT' 
_refine.pdbx_starting_model                      5MGJ 
_refine.pdbx_stereochemistry_target_values       ML 
_refine.pdbx_R_Free_selection_details            ? 
_refine.pdbx_stereochem_target_val_spec_case     ? 
_refine.pdbx_overall_ESU_R                       ? 
_refine.pdbx_overall_ESU_R_Free                  ? 
_refine.pdbx_solvent_vdw_probe_radii             1.1100 
_refine.pdbx_solvent_ion_probe_radii             ? 
_refine.pdbx_solvent_shrinkage_radii             0.9000 
_refine.pdbx_real_space_R                        ? 
_refine.pdbx_density_correlation                 ? 
_refine.pdbx_pd_number_of_powder_patterns        ? 
_refine.pdbx_pd_number_of_points                 ? 
_refine.pdbx_pd_meas_number_of_points            ? 
_refine.pdbx_pd_proc_ls_prof_R_factor            ? 
_refine.pdbx_pd_proc_ls_prof_wR_factor           ? 
_refine.pdbx_pd_Marquardt_correlation_coeff      ? 
_refine.pdbx_pd_Fsqrd_R_factor                   ? 
_refine.pdbx_pd_ls_matrix_band_width             ? 
_refine.pdbx_overall_phase_error                 23.7000 
_refine.pdbx_overall_SU_R_free_Cruickshank_DPI   ? 
_refine.pdbx_overall_SU_R_free_Blow_DPI          ? 
_refine.pdbx_overall_SU_R_Blow_DPI               ? 
_refine.pdbx_TLS_residual_ADP_flag               ? 
_refine.pdbx_diffrn_id                           1 
_refine.overall_SU_B                             ? 
_refine.overall_SU_ML                            0.1600 
_refine.overall_SU_R_Cruickshank_DPI             ? 
_refine.overall_SU_R_free                        ? 
_refine.overall_FOM_free_R_set                   ? 
_refine.overall_FOM_work_R_set                   ? 
_refine.pdbx_average_fsc_overall                 ? 
_refine.pdbx_average_fsc_work                    ? 
_refine.pdbx_average_fsc_free                    ? 
# 
_refine_hist.pdbx_refine_id                   'X-RAY DIFFRACTION' 
_refine_hist.cycle_id                         final 
_refine_hist.details                          ? 
_refine_hist.d_res_high                       1.6500 
_refine_hist.d_res_low                        37.6140 
_refine_hist.number_atoms_solvent             134 
_refine_hist.number_atoms_total               1050 
_refine_hist.number_reflns_all                ? 
_refine_hist.number_reflns_obs                ? 
_refine_hist.number_reflns_R_free             ? 
_refine_hist.number_reflns_R_work             ? 
_refine_hist.R_factor_all                     ? 
_refine_hist.R_factor_obs                     ? 
_refine_hist.R_factor_R_free                  ? 
_refine_hist.R_factor_R_work                  ? 
_refine_hist.pdbx_number_residues_total       105 
_refine_hist.pdbx_B_iso_mean_ligand           35.10 
_refine_hist.pdbx_B_iso_mean_solvent          28.07 
_refine_hist.pdbx_number_atoms_protein        866 
_refine_hist.pdbx_number_atoms_nucleic_acid   0 
_refine_hist.pdbx_number_atoms_ligand         50 
_refine_hist.pdbx_number_atoms_lipid          ? 
_refine_hist.pdbx_number_atoms_carb           ? 
_refine_hist.pdbx_pseudo_atom_details         ? 
# 
loop_
_refine_ls_restr.pdbx_refine_id 
_refine_ls_restr.criterion 
_refine_ls_restr.dev_ideal 
_refine_ls_restr.dev_ideal_target 
_refine_ls_restr.number 
_refine_ls_restr.rejects 
_refine_ls_restr.type 
_refine_ls_restr.weight 
_refine_ls_restr.pdbx_restraint_function 
'X-RAY DIFFRACTION' ? 0.006  ? 994  ? f_bond_d           ? ? 
'X-RAY DIFFRACTION' ? 1.050  ? 1351 ? f_angle_d          ? ? 
'X-RAY DIFFRACTION' ? 0.059  ? 129  ? f_chiral_restr     ? ? 
'X-RAY DIFFRACTION' ? 0.005  ? 178  ? f_plane_restr      ? ? 
'X-RAY DIFFRACTION' ? 15.274 ? 806  ? f_dihedral_angle_d ? ? 
# 
loop_
_refine_ls_shell.pdbx_refine_id 
_refine_ls_shell.d_res_high 
_refine_ls_shell.d_res_low 
_refine_ls_shell.number_reflns_all 
_refine_ls_shell.number_reflns_obs 
_refine_ls_shell.number_reflns_R_free 
_refine_ls_shell.number_reflns_R_work 
_refine_ls_shell.percent_reflns_obs 
_refine_ls_shell.percent_reflns_R_free 
_refine_ls_shell.R_factor_all 
_refine_ls_shell.R_factor_obs 
_refine_ls_shell.R_factor_R_free 
_refine_ls_shell.R_factor_R_free_error 
_refine_ls_shell.R_factor_R_work 
_refine_ls_shell.redundancy_reflns_all 
_refine_ls_shell.redundancy_reflns_obs 
_refine_ls_shell.wR_factor_all 
_refine_ls_shell.wR_factor_obs 
_refine_ls_shell.wR_factor_R_free 
_refine_ls_shell.wR_factor_R_work 
_refine_ls_shell.pdbx_R_complete 
_refine_ls_shell.pdbx_total_number_of_bins_used 
_refine_ls_shell.pdbx_phase_error 
_refine_ls_shell.pdbx_fsc_work 
_refine_ls_shell.pdbx_fsc_free 
'X-RAY DIFFRACTION' 1.6501 1.8889 . . 194 3698 99.0000  . . . 0.2726 0.0000 0.2048 . . . . . . . . . . . 
'X-RAY DIFFRACTION' 1.8889 2.3797 . . 124 3800 100.0000 . . . 0.2037 0.0000 0.2010 . . . . . . . . . . . 
'X-RAY DIFFRACTION' 2.3797 37.614 . . 160 3871 100.0000 . . . 0.1948 0.0000 0.1674 . . . . . . . . . . . 
# 
_struct.entry_id                     7QYE 
_struct.title                        'BAZ2A bromodomain in complex with acetylpyrrole derivative compound 78' 
_struct.pdbx_model_details           ? 
_struct.pdbx_formula_weight          ? 
_struct.pdbx_formula_weight_method   ? 
_struct.pdbx_model_type_details      ? 
_struct.pdbx_CASP_flag               N 
# 
_struct_keywords.entry_id        7QYE 
_struct_keywords.text            'four helical bundle, transcription' 
_struct_keywords.pdbx_keywords   TRANSCRIPTION 
# 
loop_
_struct_asym.id 
_struct_asym.pdbx_blank_PDB_chainid_flag 
_struct_asym.pdbx_modified 
_struct_asym.entity_id 
_struct_asym.details 
A N N 1 ? 
B N N 2 ? 
C N N 2 ? 
D N N 3 ? 
# 
_struct_ref.id                         1 
_struct_ref.db_name                    UNP 
_struct_ref.db_code                    BAZ2A_HUMAN 
_struct_ref.pdbx_db_accession          Q9UIF9 
_struct_ref.pdbx_db_isoform            ? 
_struct_ref.entity_id                  1 
_struct_ref.pdbx_seq_one_letter_code   
;HSDLTFCEIILMEMESHDAAWPFLEPVNPRLVSGYRRIIKNPMDFSTMRERLLRGGYTSSEEFAADALLVFDNCQTFNED
DSEVGKAGHIMRRFFESRWEEFY
;
_struct_ref.pdbx_align_begin           1796 
# 
_struct_ref_seq.align_id                      1 
_struct_ref_seq.ref_id                        1 
_struct_ref_seq.pdbx_PDB_id_code              7QYE 
_struct_ref_seq.pdbx_strand_id                A 
_struct_ref_seq.seq_align_beg                 3 
_struct_ref_seq.pdbx_seq_align_beg_ins_code   ? 
_struct_ref_seq.seq_align_end                 105 
_struct_ref_seq.pdbx_seq_align_end_ins_code   ? 
_struct_ref_seq.pdbx_db_accession             Q9UIF9 
_struct_ref_seq.db_align_beg                  1796 
_struct_ref_seq.pdbx_db_align_beg_ins_code    ? 
_struct_ref_seq.db_align_end                  1898 
_struct_ref_seq.pdbx_db_align_end_ins_code    ? 
_struct_ref_seq.pdbx_auth_seq_align_beg       1796 
_struct_ref_seq.pdbx_auth_seq_align_end       1898 
# 
loop_
_struct_ref_seq_dif.align_id 
_struct_ref_seq_dif.pdbx_pdb_id_code 
_struct_ref_seq_dif.mon_id 
_struct_ref_seq_dif.pdbx_pdb_strand_id 
_struct_ref_seq_dif.seq_num 
_struct_ref_seq_dif.pdbx_pdb_ins_code 
_struct_ref_seq_dif.pdbx_seq_db_name 
_struct_ref_seq_dif.pdbx_seq_db_accession_code 
_struct_ref_seq_dif.db_mon_id 
_struct_ref_seq_dif.pdbx_seq_db_seq_num 
_struct_ref_seq_dif.details 
_struct_ref_seq_dif.pdbx_auth_seq_num 
_struct_ref_seq_dif.pdbx_ordinal 
1 7QYE SER A 1  ? UNP Q9UIF9 ?   ?    'expression tag'      1794 1 
1 7QYE MET A 2  ? UNP Q9UIF9 ?   ?    'expression tag'      1795 2 
1 7QYE HIS A 52 ? UNP Q9UIF9 GLU 1845 'engineered mutation' 1845 3 
1 7QYE SER A 55 ? UNP Q9UIF9 LEU 1848 'engineered mutation' 1848 4 
# 
_pdbx_struct_assembly.id                   1 
_pdbx_struct_assembly.details              author_and_software_defined_assembly 
_pdbx_struct_assembly.method_details       PISA 
_pdbx_struct_assembly.oligomeric_details   monomeric 
_pdbx_struct_assembly.oligomeric_count     1 
# 
loop_
_pdbx_struct_assembly_prop.biol_id 
_pdbx_struct_assembly_prop.type 
_pdbx_struct_assembly_prop.value 
_pdbx_struct_assembly_prop.details 
1 'ABSA (A^2)' 0    ? 
1 MORE         0    ? 
1 'SSA (A^2)'  6460 ? 
# 
_pdbx_struct_assembly_gen.assembly_id       1 
_pdbx_struct_assembly_gen.oper_expression   1 
_pdbx_struct_assembly_gen.asym_id_list      A,B,C,D 
# 
_pdbx_struct_assembly_auth_evidence.id                     1 
_pdbx_struct_assembly_auth_evidence.assembly_id            1 
_pdbx_struct_assembly_auth_evidence.experimental_support   'gel filtration' 
_pdbx_struct_assembly_auth_evidence.details                ? 
# 
_pdbx_struct_oper_list.id                   1 
_pdbx_struct_oper_list.type                 'identity operation' 
_pdbx_struct_oper_list.name                 1_555 
_pdbx_struct_oper_list.symmetry_operation   x,y,z 
_pdbx_struct_oper_list.matrix[1][1]         1.0000000000 
_pdbx_struct_oper_list.matrix[1][2]         0.0000000000 
_pdbx_struct_oper_list.matrix[1][3]         0.0000000000 
_pdbx_struct_oper_list.vector[1]            0.0000000000 
_pdbx_struct_oper_list.matrix[2][1]         0.0000000000 
_pdbx_struct_oper_list.matrix[2][2]         1.0000000000 
_pdbx_struct_oper_list.matrix[2][3]         0.0000000000 
_pdbx_struct_oper_list.vector[2]            0.0000000000 
_pdbx_struct_oper_list.matrix[3][1]         0.0000000000 
_pdbx_struct_oper_list.matrix[3][2]         0.0000000000 
_pdbx_struct_oper_list.matrix[3][3]         1.0000000000 
_pdbx_struct_oper_list.vector[3]            0.0000000000 
# 
loop_
_struct_conf.conf_type_id 
_struct_conf.id 
_struct_conf.pdbx_PDB_helix_id 
_struct_conf.beg_label_comp_id 
_struct_conf.beg_label_asym_id 
_struct_conf.beg_label_seq_id 
_struct_conf.pdbx_beg_PDB_ins_code 
_struct_conf.end_label_comp_id 
_struct_conf.end_label_asym_id 
_struct_conf.end_label_seq_id 
_struct_conf.pdbx_end_PDB_ins_code 
_struct_conf.beg_auth_comp_id 
_struct_conf.beg_auth_asym_id 
_struct_conf.beg_auth_seq_id 
_struct_conf.end_auth_comp_id 
_struct_conf.end_auth_asym_id 
_struct_conf.end_auth_seq_id 
_struct_conf.pdbx_PDB_helix_class 
_struct_conf.details 
_struct_conf.pdbx_PDB_helix_length 
HELX_P HELX_P1 AA1 HIS A 3  ? ASP A 5   ? HIS A 1796 ASP A 1798 5 ? 3  
HELX_P HELX_P2 AA2 LEU A 6  ? HIS A 19  ? LEU A 1799 HIS A 1812 1 ? 14 
HELX_P HELX_P3 AA3 ALA A 22 ? LEU A 26  ? ALA A 1815 LEU A 1819 5 ? 5  
HELX_P HELX_P4 AA4 GLY A 36 ? ILE A 41  ? GLY A 1829 ILE A 1834 1 ? 6  
HELX_P HELX_P5 AA5 ASP A 46 ? GLY A 57  ? ASP A 1839 GLY A 1850 1 ? 12 
HELX_P HELX_P6 AA6 SER A 61 ? ASN A 80  ? SER A 1854 ASN A 1873 1 ? 20 
HELX_P HELX_P7 AA7 SER A 84 ? GLU A 103 ? SER A 1877 GLU A 1896 1 ? 20 
# 
_struct_conf_type.id          HELX_P 
_struct_conf_type.criteria    ? 
_struct_conf_type.reference   ? 
# 
_phasing.method   MR 
# 
_pdbx_entry_details.entry_id                 7QYE 
_pdbx_entry_details.has_ligand_of_interest   Y 
_pdbx_entry_details.compound_details         ? 
_pdbx_entry_details.source_details           ? 
_pdbx_entry_details.nonpolymer_details       ? 
_pdbx_entry_details.sequence_details         ? 
# 
loop_
_chem_comp_atom.comp_id 
_chem_comp_atom.atom_id 
_chem_comp_atom.type_symbol 
_chem_comp_atom.pdbx_aromatic_flag 
_chem_comp_atom.pdbx_stereo_config 
_chem_comp_atom.pdbx_ordinal 
ALA N    N N N 1   
ALA CA   C N S 2   
ALA C    C N N 3   
ALA O    O N N 4   
ALA CB   C N N 5   
ALA OXT  O N N 6   
ALA H    H N N 7   
ALA H2   H N N 8   
ALA HA   H N N 9   
ALA HB1  H N N 10  
ALA HB2  H N N 11  
ALA HB3  H N N 12  
ALA HXT  H N N 13  
ARG N    N N N 14  
ARG CA   C N S 15  
ARG C    C N N 16  
ARG O    O N N 17  
ARG CB   C N N 18  
ARG CG   C N N 19  
ARG CD   C N N 20  
ARG NE   N N N 21  
ARG CZ   C N N 22  
ARG NH1  N N N 23  
ARG NH2  N N N 24  
ARG OXT  O N N 25  
ARG H    H N N 26  
ARG H2   H N N 27  
ARG HA   H N N 28  
ARG HB2  H N N 29  
ARG HB3  H N N 30  
ARG HG2  H N N 31  
ARG HG3  H N N 32  
ARG HD2  H N N 33  
ARG HD3  H N N 34  
ARG HE   H N N 35  
ARG HH11 H N N 36  
ARG HH12 H N N 37  
ARG HH21 H N N 38  
ARG HH22 H N N 39  
ARG HXT  H N N 40  
ASN N    N N N 41  
ASN CA   C N S 42  
ASN C    C N N 43  
ASN O    O N N 44  
ASN CB   C N N 45  
ASN CG   C N N 46  
ASN OD1  O N N 47  
ASN ND2  N N N 48  
ASN OXT  O N N 49  
ASN H    H N N 50  
ASN H2   H N N 51  
ASN HA   H N N 52  
ASN HB2  H N N 53  
ASN HB3  H N N 54  
ASN HD21 H N N 55  
ASN HD22 H N N 56  
ASN HXT  H N N 57  
ASP N    N N N 58  
ASP CA   C N S 59  
ASP C    C N N 60  
ASP O    O N N 61  
ASP CB   C N N 62  
ASP CG   C N N 63  
ASP OD1  O N N 64  
ASP OD2  O N N 65  
ASP OXT  O N N 66  
ASP H    H N N 67  
ASP H2   H N N 68  
ASP HA   H N N 69  
ASP HB2  H N N 70  
ASP HB3  H N N 71  
ASP HD2  H N N 72  
ASP HXT  H N N 73  
CYS N    N N N 74  
CYS CA   C N R 75  
CYS C    C N N 76  
CYS O    O N N 77  
CYS CB   C N N 78  
CYS SG   S N N 79  
CYS OXT  O N N 80  
CYS H    H N N 81  
CYS H2   H N N 82  
CYS HA   H N N 83  
CYS HB2  H N N 84  
CYS HB3  H N N 85  
CYS HG   H N N 86  
CYS HXT  H N N 87  
GLN N    N N N 88  
GLN CA   C N S 89  
GLN C    C N N 90  
GLN O    O N N 91  
GLN CB   C N N 92  
GLN CG   C N N 93  
GLN CD   C N N 94  
GLN OE1  O N N 95  
GLN NE2  N N N 96  
GLN OXT  O N N 97  
GLN H    H N N 98  
GLN H2   H N N 99  
GLN HA   H N N 100 
GLN HB2  H N N 101 
GLN HB3  H N N 102 
GLN HG2  H N N 103 
GLN HG3  H N N 104 
GLN HE21 H N N 105 
GLN HE22 H N N 106 
GLN HXT  H N N 107 
GLU N    N N N 108 
GLU CA   C N S 109 
GLU C    C N N 110 
GLU O    O N N 111 
GLU CB   C N N 112 
GLU CG   C N N 113 
GLU CD   C N N 114 
GLU OE1  O N N 115 
GLU OE2  O N N 116 
GLU OXT  O N N 117 
GLU H    H N N 118 
GLU H2   H N N 119 
GLU HA   H N N 120 
GLU HB2  H N N 121 
GLU HB3  H N N 122 
GLU HG2  H N N 123 
GLU HG3  H N N 124 
GLU HE2  H N N 125 
GLU HXT  H N N 126 
GLY N    N N N 127 
GLY CA   C N N 128 
GLY C    C N N 129 
GLY O    O N N 130 
GLY OXT  O N N 131 
GLY H    H N N 132 
GLY H2   H N N 133 
GLY HA2  H N N 134 
GLY HA3  H N N 135 
GLY HXT  H N N 136 
GQF C01  C N N 137 
GQF C02  C N N 138 
GQF C04  C Y N 139 
GQF C05  C Y N 140 
GQF C06  C N N 141 
GQF C08  C Y N 142 
GQF C09  C Y N 143 
GQF C10  C N N 144 
GQF C11  C N N 145 
GQF C12  C N N 146 
GQF C13  C N N 147 
GQF C14  C N N 148 
GQF C15  C Y N 149 
GQF C16  C Y N 150 
GQF C18  C Y N 151 
GQF C21  C N N 152 
GQF C22  C N N 153 
GQF C24  C N N 154 
GQF C25  C N N 155 
GQF N07  N Y N 156 
GQF N19  N Y N 157 
GQF N20  N N N 158 
GQF N23  N N N 159 
GQF O03  O N N 160 
GQF S17  S Y N 161 
GQF H1   H N N 162 
GQF H2   H N N 163 
GQF H3   H N N 164 
GQF H4   H N N 165 
GQF H5   H N N 166 
GQF H6   H N N 167 
GQF H7   H N N 168 
GQF H8   H N N 169 
GQF H9   H N N 170 
GQF H10  H N N 171 
GQF H11  H N N 172 
GQF H12  H N N 173 
GQF H13  H N N 174 
GQF H14  H N N 175 
GQF H15  H N N 176 
GQF H16  H N N 177 
GQF H17  H N N 178 
GQF H18  H N N 179 
GQF H19  H N N 180 
GQF H20  H N N 181 
GQF H21  H N N 182 
GQF H22  H N N 183 
GQF H23  H N N 184 
GQF H24  H N N 185 
GQF H25  H N N 186 
GQF H26  H N N 187 
HIS N    N N N 188 
HIS CA   C N S 189 
HIS C    C N N 190 
HIS O    O N N 191 
HIS CB   C N N 192 
HIS CG   C Y N 193 
HIS ND1  N Y N 194 
HIS CD2  C Y N 195 
HIS CE1  C Y N 196 
HIS NE2  N Y N 197 
HIS OXT  O N N 198 
HIS H    H N N 199 
HIS H2   H N N 200 
HIS HA   H N N 201 
HIS HB2  H N N 202 
HIS HB3  H N N 203 
HIS HD1  H N N 204 
HIS HD2  H N N 205 
HIS HE1  H N N 206 
HIS HE2  H N N 207 
HIS HXT  H N N 208 
HOH O    O N N 209 
HOH H1   H N N 210 
HOH H2   H N N 211 
ILE N    N N N 212 
ILE CA   C N S 213 
ILE C    C N N 214 
ILE O    O N N 215 
ILE CB   C N S 216 
ILE CG1  C N N 217 
ILE CG2  C N N 218 
ILE CD1  C N N 219 
ILE OXT  O N N 220 
ILE H    H N N 221 
ILE H2   H N N 222 
ILE HA   H N N 223 
ILE HB   H N N 224 
ILE HG12 H N N 225 
ILE HG13 H N N 226 
ILE HG21 H N N 227 
ILE HG22 H N N 228 
ILE HG23 H N N 229 
ILE HD11 H N N 230 
ILE HD12 H N N 231 
ILE HD13 H N N 232 
ILE HXT  H N N 233 
LEU N    N N N 234 
LEU CA   C N S 235 
LEU C    C N N 236 
LEU O    O N N 237 
LEU CB   C N N 238 
LEU CG   C N N 239 
LEU CD1  C N N 240 
LEU CD2  C N N 241 
LEU OXT  O N N 242 
LEU H    H N N 243 
LEU H2   H N N 244 
LEU HA   H N N 245 
LEU HB2  H N N 246 
LEU HB3  H N N 247 
LEU HG   H N N 248 
LEU HD11 H N N 249 
LEU HD12 H N N 250 
LEU HD13 H N N 251 
LEU HD21 H N N 252 
LEU HD22 H N N 253 
LEU HD23 H N N 254 
LEU HXT  H N N 255 
LYS N    N N N 256 
LYS CA   C N S 257 
LYS C    C N N 258 
LYS O    O N N 259 
LYS CB   C N N 260 
LYS CG   C N N 261 
LYS CD   C N N 262 
LYS CE   C N N 263 
LYS NZ   N N N 264 
LYS OXT  O N N 265 
LYS H    H N N 266 
LYS H2   H N N 267 
LYS HA   H N N 268 
LYS HB2  H N N 269 
LYS HB3  H N N 270 
LYS HG2  H N N 271 
LYS HG3  H N N 272 
LYS HD2  H N N 273 
LYS HD3  H N N 274 
LYS HE2  H N N 275 
LYS HE3  H N N 276 
LYS HZ1  H N N 277 
LYS HZ2  H N N 278 
LYS HZ3  H N N 279 
LYS HXT  H N N 280 
MET N    N N N 281 
MET CA   C N S 282 
MET C    C N N 283 
MET O    O N N 284 
MET CB   C N N 285 
MET CG   C N N 286 
MET SD   S N N 287 
MET CE   C N N 288 
MET OXT  O N N 289 
MET H    H N N 290 
MET H2   H N N 291 
MET HA   H N N 292 
MET HB2  H N N 293 
MET HB3  H N N 294 
MET HG2  H N N 295 
MET HG3  H N N 296 
MET HE1  H N N 297 
MET HE2  H N N 298 
MET HE3  H N N 299 
MET HXT  H N N 300 
PHE N    N N N 301 
PHE CA   C N S 302 
PHE C    C N N 303 
PHE O    O N N 304 
PHE CB   C N N 305 
PHE CG   C Y N 306 
PHE CD1  C Y N 307 
PHE CD2  C Y N 308 
PHE CE1  C Y N 309 
PHE CE2  C Y N 310 
PHE CZ   C Y N 311 
PHE OXT  O N N 312 
PHE H    H N N 313 
PHE H2   H N N 314 
PHE HA   H N N 315 
PHE HB2  H N N 316 
PHE HB3  H N N 317 
PHE HD1  H N N 318 
PHE HD2  H N N 319 
PHE HE1  H N N 320 
PHE HE2  H N N 321 
PHE HZ   H N N 322 
PHE HXT  H N N 323 
PRO N    N N N 324 
PRO CA   C N S 325 
PRO C    C N N 326 
PRO O    O N N 327 
PRO CB   C N N 328 
PRO CG   C N N 329 
PRO CD   C N N 330 
PRO OXT  O N N 331 
PRO H    H N N 332 
PRO HA   H N N 333 
PRO HB2  H N N 334 
PRO HB3  H N N 335 
PRO HG2  H N N 336 
PRO HG3  H N N 337 
PRO HD2  H N N 338 
PRO HD3  H N N 339 
PRO HXT  H N N 340 
SER N    N N N 341 
SER CA   C N S 342 
SER C    C N N 343 
SER O    O N N 344 
SER CB   C N N 345 
SER OG   O N N 346 
SER OXT  O N N 347 
SER H    H N N 348 
SER H2   H N N 349 
SER HA   H N N 350 
SER HB2  H N N 351 
SER HB3  H N N 352 
SER HG   H N N 353 
SER HXT  H N N 354 
THR N    N N N 355 
THR CA   C N S 356 
THR C    C N N 357 
THR O    O N N 358 
THR CB   C N R 359 
THR OG1  O N N 360 
THR CG2  C N N 361 
THR OXT  O N N 362 
THR H    H N N 363 
THR H2   H N N 364 
THR HA   H N N 365 
THR HB   H N N 366 
THR HG1  H N N 367 
THR HG21 H N N 368 
THR HG22 H N N 369 
THR HG23 H N N 370 
THR HXT  H N N 371 
TRP N    N N N 372 
TRP CA   C N S 373 
TRP C    C N N 374 
TRP O    O N N 375 
TRP CB   C N N 376 
TRP CG   C Y N 377 
TRP CD1  C Y N 378 
TRP CD2  C Y N 379 
TRP NE1  N Y N 380 
TRP CE2  C Y N 381 
TRP CE3  C Y N 382 
TRP CZ2  C Y N 383 
TRP CZ3  C Y N 384 
TRP CH2  C Y N 385 
TRP OXT  O N N 386 
TRP H    H N N 387 
TRP H2   H N N 388 
TRP HA   H N N 389 
TRP HB2  H N N 390 
TRP HB3  H N N 391 
TRP HD1  H N N 392 
TRP HE1  H N N 393 
TRP HE3  H N N 394 
TRP HZ2  H N N 395 
TRP HZ3  H N N 396 
TRP HH2  H N N 397 
TRP HXT  H N N 398 
TYR N    N N N 399 
TYR CA   C N S 400 
TYR C    C N N 401 
TYR O    O N N 402 
TYR CB   C N N 403 
TYR CG   C Y N 404 
TYR CD1  C Y N 405 
TYR CD2  C Y N 406 
TYR CE1  C Y N 407 
TYR CE2  C Y N 408 
TYR CZ   C Y N 409 
TYR OH   O N N 410 
TYR OXT  O N N 411 
TYR H    H N N 412 
TYR H2   H N N 413 
TYR HA   H N N 414 
TYR HB2  H N N 415 
TYR HB3  H N N 416 
TYR HD1  H N N 417 
TYR HD2  H N N 418 
TYR HE1  H N N 419 
TYR HE2  H N N 420 
TYR HH   H N N 421 
TYR HXT  H N N 422 
VAL N    N N N 423 
VAL CA   C N S 424 
VAL C    C N N 425 
VAL O    O N N 426 
VAL CB   C N N 427 
VAL CG1  C N N 428 
VAL CG2  C N N 429 
VAL OXT  O N N 430 
VAL H    H N N 431 
VAL H2   H N N 432 
VAL HA   H N N 433 
VAL HB   H N N 434 
VAL HG11 H N N 435 
VAL HG12 H N N 436 
VAL HG13 H N N 437 
VAL HG21 H N N 438 
VAL HG22 H N N 439 
VAL HG23 H N N 440 
VAL HXT  H N N 441 
# 
loop_
_chem_comp_bond.comp_id 
_chem_comp_bond.atom_id_1 
_chem_comp_bond.atom_id_2 
_chem_comp_bond.value_order 
_chem_comp_bond.pdbx_aromatic_flag 
_chem_comp_bond.pdbx_stereo_config 
_chem_comp_bond.pdbx_ordinal 
ALA N   CA   sing N N 1   
ALA N   H    sing N N 2   
ALA N   H2   sing N N 3   
ALA CA  C    sing N N 4   
ALA CA  CB   sing N N 5   
ALA CA  HA   sing N N 6   
ALA C   O    doub N N 7   
ALA C   OXT  sing N N 8   
ALA CB  HB1  sing N N 9   
ALA CB  HB2  sing N N 10  
ALA CB  HB3  sing N N 11  
ALA OXT HXT  sing N N 12  
ARG N   CA   sing N N 13  
ARG N   H    sing N N 14  
ARG N   H2   sing N N 15  
ARG CA  C    sing N N 16  
ARG CA  CB   sing N N 17  
ARG CA  HA   sing N N 18  
ARG C   O    doub N N 19  
ARG C   OXT  sing N N 20  
ARG CB  CG   sing N N 21  
ARG CB  HB2  sing N N 22  
ARG CB  HB3  sing N N 23  
ARG CG  CD   sing N N 24  
ARG CG  HG2  sing N N 25  
ARG CG  HG3  sing N N 26  
ARG CD  NE   sing N N 27  
ARG CD  HD2  sing N N 28  
ARG CD  HD3  sing N N 29  
ARG NE  CZ   sing N N 30  
ARG NE  HE   sing N N 31  
ARG CZ  NH1  sing N N 32  
ARG CZ  NH2  doub N N 33  
ARG NH1 HH11 sing N N 34  
ARG NH1 HH12 sing N N 35  
ARG NH2 HH21 sing N N 36  
ARG NH2 HH22 sing N N 37  
ARG OXT HXT  sing N N 38  
ASN N   CA   sing N N 39  
ASN N   H    sing N N 40  
ASN N   H2   sing N N 41  
ASN CA  C    sing N N 42  
ASN CA  CB   sing N N 43  
ASN CA  HA   sing N N 44  
ASN C   O    doub N N 45  
ASN C   OXT  sing N N 46  
ASN CB  CG   sing N N 47  
ASN CB  HB2  sing N N 48  
ASN CB  HB3  sing N N 49  
ASN CG  OD1  doub N N 50  
ASN CG  ND2  sing N N 51  
ASN ND2 HD21 sing N N 52  
ASN ND2 HD22 sing N N 53  
ASN OXT HXT  sing N N 54  
ASP N   CA   sing N N 55  
ASP N   H    sing N N 56  
ASP N   H2   sing N N 57  
ASP CA  C    sing N N 58  
ASP CA  CB   sing N N 59  
ASP CA  HA   sing N N 60  
ASP C   O    doub N N 61  
ASP C   OXT  sing N N 62  
ASP CB  CG   sing N N 63  
ASP CB  HB2  sing N N 64  
ASP CB  HB3  sing N N 65  
ASP CG  OD1  doub N N 66  
ASP CG  OD2  sing N N 67  
ASP OD2 HD2  sing N N 68  
ASP OXT HXT  sing N N 69  
CYS N   CA   sing N N 70  
CYS N   H    sing N N 71  
CYS N   H2   sing N N 72  
CYS CA  C    sing N N 73  
CYS CA  CB   sing N N 74  
CYS CA  HA   sing N N 75  
CYS C   O    doub N N 76  
CYS C   OXT  sing N N 77  
CYS CB  SG   sing N N 78  
CYS CB  HB2  sing N N 79  
CYS CB  HB3  sing N N 80  
CYS SG  HG   sing N N 81  
CYS OXT HXT  sing N N 82  
GLN N   CA   sing N N 83  
GLN N   H    sing N N 84  
GLN N   H2   sing N N 85  
GLN CA  C    sing N N 86  
GLN CA  CB   sing N N 87  
GLN CA  HA   sing N N 88  
GLN C   O    doub N N 89  
GLN C   OXT  sing N N 90  
GLN CB  CG   sing N N 91  
GLN CB  HB2  sing N N 92  
GLN CB  HB3  sing N N 93  
GLN CG  CD   sing N N 94  
GLN CG  HG2  sing N N 95  
GLN CG  HG3  sing N N 96  
GLN CD  OE1  doub N N 97  
GLN CD  NE2  sing N N 98  
GLN NE2 HE21 sing N N 99  
GLN NE2 HE22 sing N N 100 
GLN OXT HXT  sing N N 101 
GLU N   CA   sing N N 102 
GLU N   H    sing N N 103 
GLU N   H2   sing N N 104 
GLU CA  C    sing N N 105 
GLU CA  CB   sing N N 106 
GLU CA  HA   sing N N 107 
GLU C   O    doub N N 108 
GLU C   OXT  sing N N 109 
GLU CB  CG   sing N N 110 
GLU CB  HB2  sing N N 111 
GLU CB  HB3  sing N N 112 
GLU CG  CD   sing N N 113 
GLU CG  HG2  sing N N 114 
GLU CG  HG3  sing N N 115 
GLU CD  OE1  doub N N 116 
GLU CD  OE2  sing N N 117 
GLU OE2 HE2  sing N N 118 
GLU OXT HXT  sing N N 119 
GLY N   CA   sing N N 120 
GLY N   H    sing N N 121 
GLY N   H2   sing N N 122 
GLY CA  C    sing N N 123 
GLY CA  HA2  sing N N 124 
GLY CA  HA3  sing N N 125 
GLY C   O    doub N N 126 
GLY C   OXT  sing N N 127 
GLY OXT HXT  sing N N 128 
GQF O03 C02  doub N N 129 
GQF C01 C02  sing N N 130 
GQF C02 C04  sing N N 131 
GQF C14 C13  sing N N 132 
GQF C14 C10  sing N N 133 
GQF C13 C12  sing N N 134 
GQF C04 C09  sing Y N 135 
GQF C04 C05  doub Y N 136 
GQF C10 C09  sing N N 137 
GQF C10 C11  sing N N 138 
GQF C06 C05  sing N N 139 
GQF C09 C08  doub Y N 140 
GQF C05 N07  sing Y N 141 
GQF C12 C11  sing N N 142 
GQF C08 N07  sing Y N 143 
GQF C08 C15  sing N N 144 
GQF C16 C15  doub Y N 145 
GQF C16 S17  sing Y N 146 
GQF C15 N19  sing Y N 147 
GQF S17 C18  sing Y N 148 
GQF N19 C18  doub Y N 149 
GQF C18 N20  sing N N 150 
GQF N20 C21  sing N N 151 
GQF N20 C25  sing N N 152 
GQF C21 C22  sing N N 153 
GQF C25 C24  sing N N 154 
GQF C22 N23  sing N N 155 
GQF C24 N23  sing N N 156 
GQF C01 H1   sing N N 157 
GQF C01 H2   sing N N 158 
GQF C01 H3   sing N N 159 
GQF C06 H4   sing N N 160 
GQF C06 H5   sing N N 161 
GQF C06 H6   sing N N 162 
GQF C10 H7   sing N N 163 
GQF C11 H8   sing N N 164 
GQF C11 H9   sing N N 165 
GQF C12 H10  sing N N 166 
GQF C12 H11  sing N N 167 
GQF C13 H12  sing N N 168 
GQF C13 H13  sing N N 169 
GQF C14 H14  sing N N 170 
GQF C14 H15  sing N N 171 
GQF C16 H16  sing N N 172 
GQF C21 H17  sing N N 173 
GQF C21 H18  sing N N 174 
GQF C22 H19  sing N N 175 
GQF C22 H20  sing N N 176 
GQF C24 H21  sing N N 177 
GQF C24 H22  sing N N 178 
GQF C25 H23  sing N N 179 
GQF C25 H24  sing N N 180 
GQF N07 H25  sing N N 181 
GQF N23 H26  sing N N 182 
HIS N   CA   sing N N 183 
HIS N   H    sing N N 184 
HIS N   H2   sing N N 185 
HIS CA  C    sing N N 186 
HIS CA  CB   sing N N 187 
HIS CA  HA   sing N N 188 
HIS C   O    doub N N 189 
HIS C   OXT  sing N N 190 
HIS CB  CG   sing N N 191 
HIS CB  HB2  sing N N 192 
HIS CB  HB3  sing N N 193 
HIS CG  ND1  sing Y N 194 
HIS CG  CD2  doub Y N 195 
HIS ND1 CE1  doub Y N 196 
HIS ND1 HD1  sing N N 197 
HIS CD2 NE2  sing Y N 198 
HIS CD2 HD2  sing N N 199 
HIS CE1 NE2  sing Y N 200 
HIS CE1 HE1  sing N N 201 
HIS NE2 HE2  sing N N 202 
HIS OXT HXT  sing N N 203 
HOH O   H1   sing N N 204 
HOH O   H2   sing N N 205 
ILE N   CA   sing N N 206 
ILE N   H    sing N N 207 
ILE N   H2   sing N N 208 
ILE CA  C    sing N N 209 
ILE CA  CB   sing N N 210 
ILE CA  HA   sing N N 211 
ILE C   O    doub N N 212 
ILE C   OXT  sing N N 213 
ILE CB  CG1  sing N N 214 
ILE CB  CG2  sing N N 215 
ILE CB  HB   sing N N 216 
ILE CG1 CD1  sing N N 217 
ILE CG1 HG12 sing N N 218 
ILE CG1 HG13 sing N N 219 
ILE CG2 HG21 sing N N 220 
ILE CG2 HG22 sing N N 221 
ILE CG2 HG23 sing N N 222 
ILE CD1 HD11 sing N N 223 
ILE CD1 HD12 sing N N 224 
ILE CD1 HD13 sing N N 225 
ILE OXT HXT  sing N N 226 
LEU N   CA   sing N N 227 
LEU N   H    sing N N 228 
LEU N   H2   sing N N 229 
LEU CA  C    sing N N 230 
LEU CA  CB   sing N N 231 
LEU CA  HA   sing N N 232 
LEU C   O    doub N N 233 
LEU C   OXT  sing N N 234 
LEU CB  CG   sing N N 235 
LEU CB  HB2  sing N N 236 
LEU CB  HB3  sing N N 237 
LEU CG  CD1  sing N N 238 
LEU CG  CD2  sing N N 239 
LEU CG  HG   sing N N 240 
LEU CD1 HD11 sing N N 241 
LEU CD1 HD12 sing N N 242 
LEU CD1 HD13 sing N N 243 
LEU CD2 HD21 sing N N 244 
LEU CD2 HD22 sing N N 245 
LEU CD2 HD23 sing N N 246 
LEU OXT HXT  sing N N 247 
LYS N   CA   sing N N 248 
LYS N   H    sing N N 249 
LYS N   H2   sing N N 250 
LYS CA  C    sing N N 251 
LYS CA  CB   sing N N 252 
LYS CA  HA   sing N N 253 
LYS C   O    doub N N 254 
LYS C   OXT  sing N N 255 
LYS CB  CG   sing N N 256 
LYS CB  HB2  sing N N 257 
LYS CB  HB3  sing N N 258 
LYS CG  CD   sing N N 259 
LYS CG  HG2  sing N N 260 
LYS CG  HG3  sing N N 261 
LYS CD  CE   sing N N 262 
LYS CD  HD2  sing N N 263 
LYS CD  HD3  sing N N 264 
LYS CE  NZ   sing N N 265 
LYS CE  HE2  sing N N 266 
LYS CE  HE3  sing N N 267 
LYS NZ  HZ1  sing N N 268 
LYS NZ  HZ2  sing N N 269 
LYS NZ  HZ3  sing N N 270 
LYS OXT HXT  sing N N 271 
MET N   CA   sing N N 272 
MET N   H    sing N N 273 
MET N   H2   sing N N 274 
MET CA  C    sing N N 275 
MET CA  CB   sing N N 276 
MET CA  HA   sing N N 277 
MET C   O    doub N N 278 
MET C   OXT  sing N N 279 
MET CB  CG   sing N N 280 
MET CB  HB2  sing N N 281 
MET CB  HB3  sing N N 282 
MET CG  SD   sing N N 283 
MET CG  HG2  sing N N 284 
MET CG  HG3  sing N N 285 
MET SD  CE   sing N N 286 
MET CE  HE1  sing N N 287 
MET CE  HE2  sing N N 288 
MET CE  HE3  sing N N 289 
MET OXT HXT  sing N N 290 
PHE N   CA   sing N N 291 
PHE N   H    sing N N 292 
PHE N   H2   sing N N 293 
PHE CA  C    sing N N 294 
PHE CA  CB   sing N N 295 
PHE CA  HA   sing N N 296 
PHE C   O    doub N N 297 
PHE C   OXT  sing N N 298 
PHE CB  CG   sing N N 299 
PHE CB  HB2  sing N N 300 
PHE CB  HB3  sing N N 301 
PHE CG  CD1  doub Y N 302 
PHE CG  CD2  sing Y N 303 
PHE CD1 CE1  sing Y N 304 
PHE CD1 HD1  sing N N 305 
PHE CD2 CE2  doub Y N 306 
PHE CD2 HD2  sing N N 307 
PHE CE1 CZ   doub Y N 308 
PHE CE1 HE1  sing N N 309 
PHE CE2 CZ   sing Y N 310 
PHE CE2 HE2  sing N N 311 
PHE CZ  HZ   sing N N 312 
PHE OXT HXT  sing N N 313 
PRO N   CA   sing N N 314 
PRO N   CD   sing N N 315 
PRO N   H    sing N N 316 
PRO CA  C    sing N N 317 
PRO CA  CB   sing N N 318 
PRO CA  HA   sing N N 319 
PRO C   O    doub N N 320 
PRO C   OXT  sing N N 321 
PRO CB  CG   sing N N 322 
PRO CB  HB2  sing N N 323 
PRO CB  HB3  sing N N 324 
PRO CG  CD   sing N N 325 
PRO CG  HG2  sing N N 326 
PRO CG  HG3  sing N N 327 
PRO CD  HD2  sing N N 328 
PRO CD  HD3  sing N N 329 
PRO OXT HXT  sing N N 330 
SER N   CA   sing N N 331 
SER N   H    sing N N 332 
SER N   H2   sing N N 333 
SER CA  C    sing N N 334 
SER CA  CB   sing N N 335 
SER CA  HA   sing N N 336 
SER C   O    doub N N 337 
SER C   OXT  sing N N 338 
SER CB  OG   sing N N 339 
SER CB  HB2  sing N N 340 
SER CB  HB3  sing N N 341 
SER OG  HG   sing N N 342 
SER OXT HXT  sing N N 343 
THR N   CA   sing N N 344 
THR N   H    sing N N 345 
THR N   H2   sing N N 346 
THR CA  C    sing N N 347 
THR CA  CB   sing N N 348 
THR CA  HA   sing N N 349 
THR C   O    doub N N 350 
THR C   OXT  sing N N 351 
THR CB  OG1  sing N N 352 
THR CB  CG2  sing N N 353 
THR CB  HB   sing N N 354 
THR OG1 HG1  sing N N 355 
THR CG2 HG21 sing N N 356 
THR CG2 HG22 sing N N 357 
THR CG2 HG23 sing N N 358 
THR OXT HXT  sing N N 359 
TRP N   CA   sing N N 360 
TRP N   H    sing N N 361 
TRP N   H2   sing N N 362 
TRP CA  C    sing N N 363 
TRP CA  CB   sing N N 364 
TRP CA  HA   sing N N 365 
TRP C   O    doub N N 366 
TRP C   OXT  sing N N 367 
TRP CB  CG   sing N N 368 
TRP CB  HB2  sing N N 369 
TRP CB  HB3  sing N N 370 
TRP CG  CD1  doub Y N 371 
TRP CG  CD2  sing Y N 372 
TRP CD1 NE1  sing Y N 373 
TRP CD1 HD1  sing N N 374 
TRP CD2 CE2  doub Y N 375 
TRP CD2 CE3  sing Y N 376 
TRP NE1 CE2  sing Y N 377 
TRP NE1 HE1  sing N N 378 
TRP CE2 CZ2  sing Y N 379 
TRP CE3 CZ3  doub Y N 380 
TRP CE3 HE3  sing N N 381 
TRP CZ2 CH2  doub Y N 382 
TRP CZ2 HZ2  sing N N 383 
TRP CZ3 CH2  sing Y N 384 
TRP CZ3 HZ3  sing N N 385 
TRP CH2 HH2  sing N N 386 
TRP OXT HXT  sing N N 387 
TYR N   CA   sing N N 388 
TYR N   H    sing N N 389 
TYR N   H2   sing N N 390 
TYR CA  C    sing N N 391 
TYR CA  CB   sing N N 392 
TYR CA  HA   sing N N 393 
TYR C   O    doub N N 394 
TYR C   OXT  sing N N 395 
TYR CB  CG   sing N N 396 
TYR CB  HB2  sing N N 397 
TYR CB  HB3  sing N N 398 
TYR CG  CD1  doub Y N 399 
TYR CG  CD2  sing Y N 400 
TYR CD1 CE1  sing Y N 401 
TYR CD1 HD1  sing N N 402 
TYR CD2 CE2  doub Y N 403 
TYR CD2 HD2  sing N N 404 
TYR CE1 CZ   doub Y N 405 
TYR CE1 HE1  sing N N 406 
TYR CE2 CZ   sing Y N 407 
TYR CE2 HE2  sing N N 408 
TYR CZ  OH   sing N N 409 
TYR OH  HH   sing N N 410 
TYR OXT HXT  sing N N 411 
VAL N   CA   sing N N 412 
VAL N   H    sing N N 413 
VAL N   H2   sing N N 414 
VAL CA  C    sing N N 415 
VAL CA  CB   sing N N 416 
VAL CA  HA   sing N N 417 
VAL C   O    doub N N 418 
VAL C   OXT  sing N N 419 
VAL CB  CG1  sing N N 420 
VAL CB  CG2  sing N N 421 
VAL CB  HB   sing N N 422 
VAL CG1 HG11 sing N N 423 
VAL CG1 HG12 sing N N 424 
VAL CG1 HG13 sing N N 425 
VAL CG2 HG21 sing N N 426 
VAL CG2 HG22 sing N N 427 
VAL CG2 HG23 sing N N 428 
VAL OXT HXT  sing N N 429 
# 
_pdbx_audit_support.funding_organization   'Italian Association for Cancer Research' 
_pdbx_audit_support.country                Italy 
_pdbx_audit_support.grant_number           'MFAG 2017 - ID. 19882' 
_pdbx_audit_support.ordinal                1 
# 
_pdbx_entity_instance_feature.ordinal        1 
_pdbx_entity_instance_feature.comp_id        GQF 
_pdbx_entity_instance_feature.asym_id        ? 
_pdbx_entity_instance_feature.seq_num        ? 
_pdbx_entity_instance_feature.auth_comp_id   GQF 
_pdbx_entity_instance_feature.auth_asym_id   ? 
_pdbx_entity_instance_feature.auth_seq_num   ? 
_pdbx_entity_instance_feature.feature_type   'SUBJECT OF INVESTIGATION' 
_pdbx_entity_instance_feature.details        ? 
# 
_pdbx_initial_refinement_model.id               1 
_pdbx_initial_refinement_model.entity_id_list   ? 
_pdbx_initial_refinement_model.type             'experimental model' 
_pdbx_initial_refinement_model.source_name      PDB 
_pdbx_initial_refinement_model.accession_code   5MGJ 
_pdbx_initial_refinement_model.details          ? 
# 
_atom_sites.entry_id                    7QYE 
_atom_sites.Cartn_transf_matrix[1][1]   ? 
_atom_sites.Cartn_transf_matrix[1][2]   ? 
_atom_sites.Cartn_transf_matrix[1][3]   ? 
_atom_sites.Cartn_transf_matrix[2][1]   ? 
_atom_sites.Cartn_transf_matrix[2][2]   ? 
_atom_sites.Cartn_transf_matrix[2][3]   ? 
_atom_sites.Cartn_transf_matrix[3][1]   ? 
_atom_sites.Cartn_transf_matrix[3][2]   ? 
_atom_sites.Cartn_transf_matrix[3][3]   ? 
_atom_sites.Cartn_transf_vector[1]      ? 
_atom_sites.Cartn_transf_vector[2]      ? 
_atom_sites.Cartn_transf_vector[3]      ? 
_atom_sites.fract_transf_matrix[1][1]   0.00224813 
_atom_sites.fract_transf_matrix[1][2]   0.01799737 
_atom_sites.fract_transf_matrix[1][3]   0.01962384 
_atom_sites.fract_transf_matrix[2][1]   0.02796112 
_atom_sites.fract_transf_matrix[2][2]   -0.00549080 
_atom_sites.fract_transf_matrix[2][3]   0.00183246 
_atom_sites.fract_transf_matrix[3][1]   0.00499530 
_atom_sites.fract_transf_matrix[3][2]   0.01972884 
_atom_sites.fract_transf_matrix[3][3]   -0.01710658 
_atom_sites.fract_transf_vector[1]      -0.103243 
_atom_sites.fract_transf_vector[2]      0.182775 
_atom_sites.fract_transf_vector[3]      -0.195202 
_atom_sites.solution_primary            ? 
_atom_sites.solution_secondary          ? 
_atom_sites.solution_hydrogens          ? 
_atom_sites.special_details             ? 
# 
loop_
_atom_type.symbol 
C 
N 
O 
S 
# 
loop_
_atom_site.group_PDB 
_atom_site.id 
_atom_site.type_symbol 
_atom_site.label_atom_id 
_atom_site.label_alt_id 
_atom_site.label_comp_id 
_atom_site.label_asym_id 
_atom_site.label_entity_id 
_atom_site.label_seq_id 
_atom_site.pdbx_PDB_ins_code 
_atom_site.Cartn_x 
_atom_site.Cartn_y 
_atom_site.Cartn_z 
_atom_site.occupancy 
_atom_site.B_iso_or_equiv 
_atom_site.pdbx_formal_charge 
_atom_site.auth_seq_id 
_atom_site.auth_comp_id 
_atom_site.auth_asym_id 
_atom_site.auth_atom_id 
_atom_site.pdbx_PDB_model_num 
ATOM   1    N N   . SER A 1 1   ? 5.641   4.903   -19.158 1.00 32.70 ? 1794 SER A N   1 
ATOM   2    C CA  . SER A 1 1   ? 4.345   4.934   -18.493 1.00 25.40 ? 1794 SER A CA  1 
ATOM   3    C C   . SER A 1 1   ? 3.758   3.535   -18.289 1.00 20.86 ? 1794 SER A C   1 
ATOM   4    O O   . SER A 1 1   ? 4.265   2.556   -18.835 1.00 26.34 ? 1794 SER A O   1 
ATOM   5    C CB  . SER A 1 1   ? 3.372   5.800   -19.293 1.00 28.61 ? 1794 SER A CB  1 
ATOM   6    O OG  . SER A 1 1   ? 2.962   5.153   -20.485 1.00 31.66 ? 1794 SER A OG  1 
ATOM   7    N N   . MET A 1 2   ? 2.681   3.464   -17.505 1.00 20.43 ? 1795 MET A N   1 
ATOM   8    C CA  . MET A 1 2   ? 2.043   2.192   -17.175 1.00 16.17 ? 1795 MET A CA  1 
ATOM   9    C C   . MET A 1 2   ? 1.556   1.471   -18.428 1.00 14.76 ? 1795 MET A C   1 
ATOM   10   O O   . MET A 1 2   ? 0.917   2.068   -19.297 1.00 19.10 ? 1795 MET A O   1 
ATOM   11   C CB  . MET A 1 2   ? 0.862   2.428   -16.232 1.00 14.42 ? 1795 MET A CB  1 
ATOM   12   C CG  . MET A 1 2   ? 0.346   1.171   -15.546 1.00 15.36 ? 1795 MET A CG  1 
ATOM   13   S SD  . MET A 1 2   ? -1.293  1.393   -14.817 1.00 16.42 ? 1795 MET A SD  1 
ATOM   14   C CE  . MET A 1 2   ? -2.330  1.597   -16.269 1.00 21.78 ? 1795 MET A CE  1 
ATOM   15   N N   . HIS A 1 3   ? 1.854   0.185   -18.514 1.00 14.88 ? 1796 HIS A N   1 
ATOM   16   C CA  . HIS A 1 3   ? 1.300   -0.623  -19.587 1.00 16.16 ? 1796 HIS A CA  1 
ATOM   17   C C   . HIS A 1 3   ? -0.161  -0.925  -19.293 1.00 17.02 ? 1796 HIS A C   1 
ATOM   18   O O   . HIS A 1 3   ? -0.542  -1.120  -18.131 1.00 15.08 ? 1796 HIS A O   1 
ATOM   19   C CB  . HIS A 1 3   ? 2.083   -1.919  -19.735 1.00 15.86 ? 1796 HIS A CB  1 
ATOM   20   C CG  . HIS A 1 3   ? 1.757   -2.676  -20.984 1.00 14.45 ? 1796 HIS A CG  1 
ATOM   21   N ND1 . HIS A 1 3   ? 0.682   -3.535  -21.081 1.00 17.94 ? 1796 HIS A ND1 1 
ATOM   22   C CD2 . HIS A 1 3   ? 2.348   -2.675  -22.200 1.00 18.13 ? 1796 HIS A CD2 1 
ATOM   23   C CE1 . HIS A 1 3   ? 0.638   -4.046  -22.297 1.00 19.88 ? 1796 HIS A CE1 1 
ATOM   24   N NE2 . HIS A 1 3   ? 1.642   -3.544  -22.996 1.00 19.79 ? 1796 HIS A NE2 1 
ATOM   25   N N   . SER A 1 4   ? -0.984  -0.977  -20.350 1.00 16.73 ? 1797 SER A N   1 
ATOM   26   C CA  . SER A 1 4   ? -2.407  -1.204  -20.140 1.00 16.92 ? 1797 SER A CA  1 
ATOM   27   C C   . SER A 1 4   ? -2.685  -2.528  -19.441 1.00 14.84 ? 1797 SER A C   1 
ATOM   28   O O   . SER A 1 4   ? -3.716  -2.656  -18.767 1.00 15.07 ? 1797 SER A O   1 
ATOM   29   C CB  . SER A 1 4   ? -3.170  -1.118  -21.464 1.00 17.78 ? 1797 SER A CB  1 
ATOM   30   O OG  . SER A 1 4   ? -2.774  -2.141  -22.351 1.00 22.74 ? 1797 SER A OG  1 
ATOM   31   N N   . ASP A 1 5   ? -1.782  -3.511  -19.552 1.00 15.40 ? 1798 ASP A N   1 
ATOM   32   C CA  . ASP A 1 5   ? -2.041  -4.782  -18.887 1.00 19.02 ? 1798 ASP A CA  1 
ATOM   33   C C   . ASP A 1 5   ? -2.074  -4.658  -17.372 1.00 17.16 ? 1798 ASP A C   1 
ATOM   34   O O   . ASP A 1 5   ? -2.543  -5.584  -16.702 1.00 17.89 ? 1798 ASP A O   1 
ATOM   35   C CB  . ASP A 1 5   ? -0.995  -5.822  -19.292 1.00 16.23 ? 1798 ASP A CB  1 
ATOM   36   C CG  . ASP A 1 5   ? -1.130  -6.249  -20.729 1.00 22.19 ? 1798 ASP A CG  1 
ATOM   37   O OD1 . ASP A 1 5   ? -2.160  -5.932  -21.359 1.00 22.47 ? 1798 ASP A OD1 1 
ATOM   38   O OD2 . ASP A 1 5   ? -0.185  -6.880  -21.237 1.00 17.91 ? 1798 ASP A OD2 1 
ATOM   39   N N   . LEU A 1 6   ? -1.603  -3.541  -16.812 1.00 16.13 ? 1799 LEU A N   1 
ATOM   40   C CA  . LEU A 1 6   ? -1.623  -3.346  -15.376 1.00 14.45 ? 1799 LEU A CA  1 
ATOM   41   C C   . LEU A 1 6   ? -2.767  -2.452  -14.928 1.00 15.05 ? 1799 LEU A C   1 
ATOM   42   O O   . LEU A 1 6   ? -2.780  -2.018  -13.768 1.00 14.88 ? 1799 LEU A O   1 
ATOM   43   C CB  . LEU A 1 6   ? -0.283  -2.777  -14.903 1.00 14.47 ? 1799 LEU A CB  1 
ATOM   44   C CG  . LEU A 1 6   ? 0.885   -3.754  -15.078 1.00 15.30 ? 1799 LEU A CG  1 
ATOM   45   C CD1 . LEU A 1 6   ? 2.084   -3.221  -14.313 1.00 14.28 ? 1799 LEU A CD1 1 
ATOM   46   C CD2 . LEU A 1 6   ? 0.527   -5.155  -14.602 1.00 16.20 ? 1799 LEU A CD2 1 
ATOM   47   N N   . THR A 1 7   ? -3.742  -2.188  -15.808 1.00 12.51 ? 1800 THR A N   1 
ATOM   48   C CA  . THR A 1 7   ? -4.849  -1.324  -15.413 1.00 16.36 ? 1800 THR A CA  1 
ATOM   49   C C   . THR A 1 7   ? -5.611  -1.893  -14.212 1.00 13.60 ? 1800 THR A C   1 
ATOM   50   O O   . THR A 1 7   ? -6.051  -1.132  -13.332 1.00 13.43 ? 1800 THR A O   1 
ATOM   51   C CB  . THR A 1 7   ? -5.776  -1.082  -16.611 1.00 14.90 ? 1800 THR A CB  1 
ATOM   52   O OG1 . THR A 1 7   ? -5.016  -0.502  -17.677 1.00 16.12 ? 1800 THR A OG1 1 
ATOM   53   C CG2 . THR A 1 7   ? -6.869  -0.088  -16.253 1.00 13.57 ? 1800 THR A CG2 1 
ATOM   54   N N   . PHE A 1 8   ? -5.718  -3.220  -14.108 1.00 12.71 ? 1801 PHE A N   1 
ATOM   55   C CA  . PHE A 1 8   ? -6.411  -3.794  -12.958 1.00 16.20 ? 1801 PHE A CA  1 
ATOM   56   C C   . PHE A 1 8   ? -5.702  -3.464  -11.650 1.00 16.29 ? 1801 PHE A C   1 
ATOM   57   O O   . PHE A 1 8   ? -6.356  -3.337  -10.608 1.00 17.51 ? 1801 PHE A O   1 
ATOM   58   C CB  . PHE A 1 8   ? -6.576  -5.300  -13.132 1.00 19.58 ? 1801 PHE A CB  1 
ATOM   59   C CG  . PHE A 1 8   ? -5.341  -6.105  -12.833 1.00 14.95 ? 1801 PHE A CG  1 
ATOM   60   C CD1 . PHE A 1 8   ? -5.227  -6.788  -11.629 1.00 12.99 ? 1801 PHE A CD1 1 
ATOM   61   C CD2 . PHE A 1 8   ? -4.332  -6.234  -13.775 1.00 15.84 ? 1801 PHE A CD2 1 
ATOM   62   C CE1 . PHE A 1 8   ? -4.113  -7.575  -11.358 1.00 14.94 ? 1801 PHE A CE1 1 
ATOM   63   C CE2 . PHE A 1 8   ? -3.212  -7.018  -13.507 1.00 13.42 ? 1801 PHE A CE2 1 
ATOM   64   C CZ  . PHE A 1 8   ? -3.105  -7.694  -12.303 1.00 14.68 ? 1801 PHE A CZ  1 
ATOM   65   N N   . CYS A 1 9   ? -4.379  -3.285  -11.687 1.00 12.29 ? 1802 CYS A N   1 
ATOM   66   C CA  . CYS A 1 9   ? -3.660  -2.853  -10.495 1.00 15.20 ? 1802 CYS A CA  1 
ATOM   67   C C   . CYS A 1 9   ? -3.963  -1.399  -10.179 1.00 12.18 ? 1802 CYS A C   1 
ATOM   68   O O   . CYS A 1 9   ? -4.155  -1.034  -9.009  1.00 13.18 ? 1802 CYS A O   1 
ATOM   69   C CB  . CYS A 1 9   ? -2.155  -3.038  -10.684 1.00 15.84 ? 1802 CYS A CB  1 
ATOM   70   S SG  . CYS A 1 9   ? -1.609  -4.747  -10.790 1.00 15.52 ? 1802 CYS A SG  1 
ATOM   71   N N   . GLU A 1 10  ? -3.996  -0.555  -11.214 1.00 13.43 ? 1803 GLU A N   1 
ATOM   72   C CA  . GLU A 1 10  ? -4.342  0.850   -11.026 1.00 10.05 ? 1803 GLU A CA  1 
ATOM   73   C C   . GLU A 1 10  ? -5.673  0.973   -10.299 1.00 12.60 ? 1803 GLU A C   1 
ATOM   74   O O   . GLU A 1 10  ? -5.794  1.672   -9.279  1.00 15.01 ? 1803 GLU A O   1 
ATOM   75   C CB  . GLU A 1 10  ? -4.399  1.540   -12.389 1.00 12.41 ? 1803 GLU A CB  1 
ATOM   76   C CG  . GLU A 1 10  ? -4.643  3.025   -12.315 1.00 17.29 ? 1803 GLU A CG  1 
ATOM   77   C CD  . GLU A 1 10  ? -4.569  3.674   -13.681 1.00 18.79 ? 1803 GLU A CD  1 
ATOM   78   O OE1 . GLU A 1 10  ? -5.030  3.056   -14.666 1.00 18.74 ? 1803 GLU A OE1 1 
ATOM   79   O OE2 . GLU A 1 10  ? -4.026  4.796   -13.765 1.00 22.98 ? 1803 GLU A OE2 1 
ATOM   80   N N   . ILE A 1 11  ? -6.663  0.231   -10.778 1.00 13.79 ? 1804 ILE A N   1 
ATOM   81   C CA  . ILE A 1 11  ? -7.981  0.244   -10.159 1.00 14.38 ? 1804 ILE A CA  1 
ATOM   82   C C   . ILE A 1 11  ? -7.914  -0.264  -8.727  1.00 15.39 ? 1804 ILE A C   1 
ATOM   83   O O   . ILE A 1 11  ? -8.498  0.347   -7.814  1.00 15.16 ? 1804 ILE A O   1 
ATOM   84   C CB  . ILE A 1 11  ? -8.949  -0.581  -11.024 1.00 13.73 ? 1804 ILE A CB  1 
ATOM   85   C CG1 . ILE A 1 11  ? -9.181  0.145   -12.349 1.00 11.96 ? 1804 ILE A CG1 1 
ATOM   86   C CG2 . ILE A 1 11  ? -10.255 -0.822  -10.281 1.00 18.17 ? 1804 ILE A CG2 1 
ATOM   87   C CD1 . ILE A 1 11  ? -9.707  -0.784  -13.449 1.00 13.74 ? 1804 ILE A CD1 1 
ATOM   88   N N   . ILE A 1 12  ? -7.171  -1.356  -8.488  1.00 11.61 ? 1805 ILE A N   1 
ATOM   89   C CA  . ILE A 1 12  ? -7.080  -1.869  -7.125  1.00 11.60 ? 1805 ILE A CA  1 
ATOM   90   C C   . ILE A 1 12  ? -6.511  -0.789  -6.220  1.00 12.61 ? 1805 ILE A C   1 
ATOM   91   O O   . ILE A 1 12  ? -7.053  -0.511  -5.141  1.00 16.57 ? 1805 ILE A O   1 
ATOM   92   C CB  . ILE A 1 12  ? -6.250  -3.167  -7.069  1.00 15.46 ? 1805 ILE A CB  1 
ATOM   93   C CG1 . ILE A 1 12  ? -7.039  -4.328  -7.699  1.00 14.20 ? 1805 ILE A CG1 1 
ATOM   94   C CG2 . ILE A 1 12  ? -5.912  -3.514  -5.630  1.00 15.40 ? 1805 ILE A CG2 1 
ATOM   95   C CD1 . ILE A 1 12  ? -6.305  -5.665  -7.688  1.00 16.36 ? 1805 ILE A CD1 1 
ATOM   96   N N   . LEU A 1 13  ? -5.466  -0.091  -6.695  1.00 11.56 ? 1806 LEU A N   1 
ATOM   97   C CA  . LEU A 1 13  ? -4.875  0.945   -5.860  1.00 10.90 ? 1806 LEU A CA  1 
ATOM   98   C C   . LEU A 1 13  ? -5.876  2.049   -5.628  1.00 14.60 ? 1806 LEU A C   1 
ATOM   99   O O   . LEU A 1 13  ? -6.022  2.537   -4.497  1.00 14.15 ? 1806 LEU A O   1 
ATOM   100  C CB  . LEU A 1 13  ? -3.608  1.497   -6.506  1.00 12.57 ? 1806 LEU A CB  1 
ATOM   101  C CG  . LEU A 1 13  ? -2.824  2.469   -5.630  1.00 12.07 ? 1806 LEU A CG  1 
ATOM   102  C CD1 . LEU A 1 13  ? -2.566  1.914   -4.243  1.00 14.10 ? 1806 LEU A CD1 1 
ATOM   103  C CD2 . LEU A 1 13  ? -1.526  2.755   -6.335  1.00 12.26 ? 1806 LEU A CD2 1 
ATOM   104  N N   . MET A 1 14  ? -6.592  2.443   -6.681  1.00 12.51 ? 1807 MET A N   1 
ATOM   105  C CA  . MET A 1 14  ? -7.596  3.482   -6.514  1.00 14.98 ? 1807 MET A CA  1 
ATOM   106  C C   . MET A 1 14  ? -8.603  3.063   -5.457  1.00 14.62 ? 1807 MET A C   1 
ATOM   107  O O   . MET A 1 14  ? -8.906  3.825   -4.526  1.00 13.31 ? 1807 MET A O   1 
ATOM   108  C CB  . MET A 1 14  ? -8.273  3.762   -7.850  1.00 12.60 ? 1807 MET A CB  1 
ATOM   109  C CG  . MET A 1 14  ? -9.299  4.867   -7.789  1.00 16.77 ? 1807 MET A CG  1 
ATOM   110  S SD  . MET A 1 14  ? -10.294 4.861   -9.280  1.00 18.90 ? 1807 MET A SD  1 
ATOM   111  C CE  . MET A 1 14  ? -11.144 3.288   -9.123  1.00 19.73 ? 1807 MET A CE  1 
ATOM   112  N N   . GLU A 1 15  ? -9.057  1.810   -5.527  1.00 13.43 ? 1808 GLU A N   1 
ATOM   113  C CA  . GLU A 1 15  ? -10.064 1.367   -4.573  1.00 15.15 ? 1808 GLU A CA  1 
ATOM   114  C C   . GLU A 1 15  ? -9.489  1.289   -3.171  1.00 18.47 ? 1808 GLU A C   1 
ATOM   115  O O   . GLU A 1 15  ? -10.198 1.582   -2.196  1.00 18.10 ? 1808 GLU A O   1 
ATOM   116  C CB  . GLU A 1 15  ? -10.641 0.029   -5.014  1.00 16.56 ? 1808 GLU A CB  1 
ATOM   117  C CG  . GLU A 1 15  ? -11.455 0.139   -6.287  1.00 23.19 ? 1808 GLU A CG  1 
ATOM   118  C CD  . GLU A 1 15  ? -11.925 -1.211  -6.802  1.00 29.37 ? 1808 GLU A CD  1 
ATOM   119  O OE1 . GLU A 1 15  ? -11.199 -2.217  -6.614  1.00 32.39 ? 1808 GLU A OE1 1 
ATOM   120  O OE2 . GLU A 1 15  ? -13.015 -1.261  -7.409  1.00 34.74 ? 1808 GLU A OE2 1 
ATOM   121  N N   . MET A 1 16  ? -8.198  0.955   -3.043  1.00 15.86 ? 1809 MET A N   1 
ATOM   122  C CA  . MET A 1 16  ? -7.609  0.949   -1.710  1.00 18.37 ? 1809 MET A CA  1 
ATOM   123  C C   . MET A 1 16  ? -7.557  2.358   -1.140  1.00 13.39 ? 1809 MET A C   1 
ATOM   124  O O   . MET A 1 16  ? -7.873  2.568   0.038   1.00 14.63 ? 1809 MET A O   1 
ATOM   125  C CB  . MET A 1 16  ? -6.210  0.335   -1.733  1.00 12.75 ? 1809 MET A CB  1 
ATOM   126  C CG  . MET A 1 16  ? -6.198  -1.160  -2.016  1.00 13.21 ? 1809 MET A CG  1 
ATOM   127  S SD  . MET A 1 16  ? -4.693  -1.927  -1.374  1.00 19.92 ? 1809 MET A SD  1 
ATOM   128  C CE  . MET A 1 16  ? -3.490  -1.317  -2.563  1.00 13.69 ? 1809 MET A CE  1 
ATOM   129  N N   . GLU A 1 17  ? -7.221  3.346   -1.976  1.00 11.94 ? 1810 GLU A N   1 
ATOM   130  C CA  . GLU A 1 17  ? -7.065  4.697   -1.454  1.00 8.61  ? 1810 GLU A CA  1 
ATOM   131  C C   . GLU A 1 17  ? -8.401  5.251   -0.988  1.00 14.95 ? 1810 GLU A C   1 
ATOM   132  O O   . GLU A 1 17  ? -8.444  6.086   -0.080  1.00 17.90 ? 1810 GLU A O   1 
ATOM   133  C CB  . GLU A 1 17  ? -6.448  5.598   -2.519  1.00 13.03 ? 1810 GLU A CB  1 
ATOM   134  C CG  . GLU A 1 17  ? -4.966  5.342   -2.797  1.00 10.44 ? 1810 GLU A CG  1 
ATOM   135  C CD  . GLU A 1 17  ? -4.464  6.185   -3.951  1.00 19.11 ? 1810 GLU A CD  1 
ATOM   136  O OE1 . GLU A 1 17  ? -3.263  6.495   -3.997  1.00 18.85 ? 1810 GLU A OE1 1 
ATOM   137  O OE2 . GLU A 1 17  ? -5.281  6.554   -4.818  1.00 24.52 ? 1810 GLU A OE2 1 
ATOM   138  N N   . SER A 1 18  ? -9.499  4.773   -1.575  1.00 14.61 ? 1811 SER A N   1 
ATOM   139  C CA  . SER A 1 18  ? -10.832 5.227   -1.208  1.00 15.03 ? 1811 SER A CA  1 
ATOM   140  C C   . SER A 1 18  ? -11.386 4.518   0.011   1.00 17.57 ? 1811 SER A C   1 
ATOM   141  O O   . SER A 1 18  ? -12.430 4.939   0.527   1.00 23.54 ? 1811 SER A O   1 
ATOM   142  C CB  . SER A 1 18  ? -11.802 5.022   -2.375  1.00 14.66 ? 1811 SER A CB  1 
ATOM   143  O OG  . SER A 1 18  ? -11.497 5.874   -3.462  1.00 17.47 ? 1811 SER A OG  1 
ATOM   144  N N   . HIS A 1 19  ? -10.725 3.471   0.479   1.00 13.05 ? 1812 HIS A N   1 
ATOM   145  C CA  . HIS A 1 19  ? -11.248 2.686   1.588   1.00 16.34 ? 1812 HIS A CA  1 
ATOM   146  C C   . HIS A 1 19  ? -11.268 3.493   2.883   1.00 20.37 ? 1812 HIS A C   1 
ATOM   147  O O   . HIS A 1 19  ? -10.405 4.341   3.137   1.00 18.64 ? 1812 HIS A O   1 
ATOM   148  C CB  . HIS A 1 19  ? -10.411 1.432   1.790   1.00 16.64 ? 1812 HIS A CB  1 
ATOM   149  C CG  . HIS A 1 19  ? -11.121 0.359   2.556   1.00 23.98 ? 1812 HIS A CG  1 
ATOM   150  N ND1 . HIS A 1 19  ? -11.212 0.361   3.928   1.00 18.18 ? 1812 HIS A ND1 1 
ATOM   151  C CD2 . HIS A 1 19  ? -11.786 -0.745  2.138   1.00 27.83 ? 1812 HIS A CD2 1 
ATOM   152  C CE1 . HIS A 1 19  ? -11.896 -0.694  4.329   1.00 24.89 ? 1812 HIS A CE1 1 
ATOM   153  N NE2 . HIS A 1 19  ? -12.255 -1.384  3.262   1.00 25.83 ? 1812 HIS A NE2 1 
ATOM   154  N N   . ASP A 1 20  ? -12.259 3.190   3.731   1.00 23.16 ? 1813 ASP A N   1 
ATOM   155  C CA  . ASP A 1 20  ? -12.387 3.904   4.995   1.00 21.35 ? 1813 ASP A CA  1 
ATOM   156  C C   . ASP A 1 20  ? -11.207 3.651   5.927   1.00 25.77 ? 1813 ASP A C   1 
ATOM   157  O O   . ASP A 1 20  ? -10.952 4.471   6.820   1.00 22.47 ? 1813 ASP A O   1 
ATOM   158  C CB  . ASP A 1 20  ? -13.693 3.522   5.700   1.00 22.00 ? 1813 ASP A CB  1 
ATOM   159  C CG  . ASP A 1 20  ? -14.281 4.673   6.512   1.00 42.49 ? 1813 ASP A CG  1 
ATOM   160  O OD1 . ASP A 1 20  ? -14.006 5.853   6.186   1.00 45.82 ? 1813 ASP A OD1 1 
ATOM   161  O OD2 . ASP A 1 20  ? -15.009 4.396   7.489   1.00 51.14 ? 1813 ASP A OD2 1 
ATOM   162  N N   . ALA A 1 21  ? -10.475 2.556   5.738   1.00 19.52 ? 1814 ALA A N   1 
ATOM   163  C CA  . ALA A 1 21  ? -9.317  2.255   6.565   1.00 20.59 ? 1814 ALA A CA  1 
ATOM   164  C C   . ALA A 1 21  ? -8.008  2.651   5.903   1.00 13.96 ? 1814 ALA A C   1 
ATOM   165  O O   . ALA A 1 21  ? -6.940  2.263   6.391   1.00 17.76 ? 1814 ALA A O   1 
ATOM   166  C CB  . ALA A 1 21  ? -9.287  0.767   6.924   1.00 22.18 ? 1814 ALA A CB  1 
ATOM   167  N N   . ALA A 1 22  ? -8.066  3.431   4.823   1.00 13.90 ? 1815 ALA A N   1 
ATOM   168  C CA  . ALA A 1 22  ? -6.886  3.762   4.036   1.00 14.41 ? 1815 ALA A CA  1 
ATOM   169  C C   . ALA A 1 22  ? -6.115  4.946   4.580   1.00 13.12 ? 1815 ALA A C   1 
ATOM   170  O O   . ALA A 1 22  ? -4.948  5.119   4.215   1.00 14.00 ? 1815 ALA A O   1 
ATOM   171  C CB  . ALA A 1 22  ? -7.273  4.072   2.594   1.00 20.87 ? 1815 ALA A CB  1 
ATOM   172  N N   . TRP A 1 23  ? -6.741  5.753   5.442   1.00 13.29 ? 1816 TRP A N   1 
ATOM   173  C CA  . TRP A 1 23  ? -6.145  7.014   5.873   1.00 13.78 ? 1816 TRP A CA  1 
ATOM   174  C C   . TRP A 1 23  ? -4.715  6.903   6.414   1.00 15.27 ? 1816 TRP A C   1 
ATOM   175  O O   . TRP A 1 23  ? -3.916  7.810   6.123   1.00 15.60 ? 1816 TRP A O   1 
ATOM   176  C CB  . TRP A 1 23  ? -7.098  7.686   6.882   1.00 16.32 ? 1816 TRP A CB  1 
ATOM   177  C CG  . TRP A 1 23  ? -7.377  6.869   8.072   1.00 17.84 ? 1816 TRP A CG  1 
ATOM   178  C CD1 . TRP A 1 23  ? -8.377  5.958   8.224   1.00 17.90 ? 1816 TRP A CD1 1 
ATOM   179  C CD2 . TRP A 1 23  ? -6.630  6.856   9.292   1.00 19.21 ? 1816 TRP A CD2 1 
ATOM   180  N NE1 . TRP A 1 23  ? -8.297  5.370   9.460   1.00 20.41 ? 1816 TRP A NE1 1 
ATOM   181  C CE2 . TRP A 1 23  ? -7.228  5.898   10.135  1.00 16.94 ? 1816 TRP A CE2 1 
ATOM   182  C CE3 . TRP A 1 23  ? -5.500  7.549   9.747   1.00 15.73 ? 1816 TRP A CE3 1 
ATOM   183  C CZ2 . TRP A 1 23  ? -6.750  5.625   11.413  1.00 22.84 ? 1816 TRP A CZ2 1 
ATOM   184  C CZ3 . TRP A 1 23  ? -5.021  7.267   11.006  1.00 16.49 ? 1816 TRP A CZ3 1 
ATOM   185  C CH2 . TRP A 1 23  ? -5.650  6.328   11.833  1.00 15.10 ? 1816 TRP A CH2 1 
ATOM   186  N N   . PRO A 1 24  ? -4.300  5.864   7.154   1.00 15.22 ? 1817 PRO A N   1 
ATOM   187  C CA  . PRO A 1 24  ? -2.899  5.839   7.602   1.00 16.72 ? 1817 PRO A CA  1 
ATOM   188  C C   . PRO A 1 24  ? -1.904  5.704   6.474   1.00 12.89 ? 1817 PRO A C   1 
ATOM   189  O O   . PRO A 1 24  ? -0.725  6.011   6.674   1.00 15.11 ? 1817 PRO A O   1 
ATOM   190  C CB  . PRO A 1 24  ? -2.833  4.601   8.509   1.00 15.65 ? 1817 PRO A CB  1 
ATOM   191  C CG  . PRO A 1 24  ? -4.244  4.288   8.842   1.00 13.46 ? 1817 PRO A CG  1 
ATOM   192  C CD  . PRO A 1 24  ? -5.020  4.680   7.653   1.00 11.37 ? 1817 PRO A CD  1 
ATOM   193  N N   . PHE A 1 25  ? -2.332  5.200   5.317   1.00 12.18 ? 1818 PHE A N   1 
ATOM   194  C CA  . PHE A 1 25  ? -1.411  4.711   4.306   1.00 12.81 ? 1818 PHE A CA  1 
ATOM   195  C C   . PHE A 1 25  ? -1.369  5.571   3.052   1.00 14.80 ? 1818 PHE A C   1 
ATOM   196  O O   . PHE A 1 25  ? -0.654  5.224   2.108   1.00 16.15 ? 1818 PHE A O   1 
ATOM   197  C CB  . PHE A 1 25  ? -1.783  3.263   3.954   1.00 12.46 ? 1818 PHE A CB  1 
ATOM   198  C CG  . PHE A 1 25  ? -2.042  2.412   5.155   1.00 10.54 ? 1818 PHE A CG  1 
ATOM   199  C CD1 . PHE A 1 25  ? -0.995  2.048   5.990   1.00 10.63 ? 1818 PHE A CD1 1 
ATOM   200  C CD2 . PHE A 1 25  ? -3.323  1.997   5.475   1.00 12.82 ? 1818 PHE A CD2 1 
ATOM   201  C CE1 . PHE A 1 25  ? -1.221  1.277   7.124   1.00 16.49 ? 1818 PHE A CE1 1 
ATOM   202  C CE2 . PHE A 1 25  ? -3.551  1.222   6.602   1.00 11.95 ? 1818 PHE A CE2 1 
ATOM   203  C CZ  . PHE A 1 25  ? -2.500  0.872   7.432   1.00 12.93 ? 1818 PHE A CZ  1 
ATOM   204  N N   . LEU A 1 26  ? -2.084  6.697   3.024   1.00 12.94 ? 1819 LEU A N   1 
ATOM   205  C CA  . LEU A 1 26  ? -2.171  7.484   1.797   1.00 11.46 ? 1819 LEU A CA  1 
ATOM   206  C C   . LEU A 1 26  ? -0.844  8.113   1.398   1.00 15.80 ? 1819 LEU A C   1 
ATOM   207  O O   . LEU A 1 26  ? -0.569  8.250   0.199   1.00 15.84 ? 1819 LEU A O   1 
ATOM   208  C CB  . LEU A 1 26  ? -3.228  8.574   1.945   1.00 12.56 ? 1819 LEU A CB  1 
ATOM   209  C CG  . LEU A 1 26  ? -4.612  7.998   2.226   1.00 14.95 ? 1819 LEU A CG  1 
ATOM   210  C CD1 . LEU A 1 26  ? -5.622  9.116   2.391   1.00 19.87 ? 1819 LEU A CD1 1 
ATOM   211  C CD2 . LEU A 1 26  ? -5.008  7.059   1.107   1.00 12.97 ? 1819 LEU A CD2 1 
ATOM   212  N N   . GLU A 1 27  ? -0.036  8.526   2.365   1.00 11.00 ? 1820 GLU A N   1 
ATOM   213  C CA  . GLU A 1 27  ? 1.215   9.236   2.139   1.00 15.23 ? 1820 GLU A CA  1 
ATOM   214  C C   . GLU A 1 27  ? 2.301   8.611   3.017   1.00 12.43 ? 1820 GLU A C   1 
ATOM   215  O O   . GLU A 1 27  ? 1.987   7.882   3.957   1.00 12.49 ? 1820 GLU A O   1 
ATOM   216  C CB  . GLU A 1 27  ? 1.039   10.731  2.463   1.00 14.58 ? 1820 GLU A CB  1 
ATOM   217  C CG  . GLU A 1 27  ? -0.036  11.413  1.620   1.00 17.23 ? 1820 GLU A CG  1 
ATOM   218  C CD  . GLU A 1 27  ? 0.049   12.925  1.662   1.00 41.39 ? 1820 GLU A CD  1 
ATOM   219  O OE1 . GLU A 1 27  ? 0.216   13.541  0.587   1.00 47.61 ? 1820 GLU A OE1 1 
ATOM   220  O OE2 . GLU A 1 27  ? -0.047  13.502  2.766   1.00 45.43 ? 1820 GLU A OE2 1 
ATOM   221  N N   . PRO A 1 28  ? 3.583   8.887   2.730   1.00 10.46 ? 1821 PRO A N   1 
ATOM   222  C CA  . PRO A 1 28  ? 4.650   8.278   3.548   1.00 12.92 ? 1821 PRO A CA  1 
ATOM   223  C C   . PRO A 1 28  ? 4.463   8.578   5.027   1.00 14.62 ? 1821 PRO A C   1 
ATOM   224  O O   . PRO A 1 28  ? 3.928   9.625   5.399   1.00 12.89 ? 1821 PRO A O   1 
ATOM   225  C CB  . PRO A 1 28  ? 5.928   8.934   3.011   1.00 15.67 ? 1821 PRO A CB  1 
ATOM   226  C CG  . PRO A 1 28  ? 5.587   9.392   1.634   1.00 14.75 ? 1821 PRO A CG  1 
ATOM   227  C CD  . PRO A 1 28  ? 4.124   9.728   1.652   1.00 10.33 ? 1821 PRO A CD  1 
ATOM   228  N N   . VAL A 1 29  ? 4.899   7.646   5.882   1.00 15.05 ? 1822 VAL A N   1 
ATOM   229  C CA  . VAL A 1 29  ? 4.802   7.882   7.324   1.00 14.38 ? 1822 VAL A CA  1 
ATOM   230  C C   . VAL A 1 29  ? 5.581   9.146   7.667   1.00 12.64 ? 1822 VAL A C   1 
ATOM   231  O O   . VAL A 1 29  ? 6.732   9.330   7.251   1.00 13.65 ? 1822 VAL A O   1 
ATOM   232  C CB  . VAL A 1 29  ? 5.300   6.659   8.116   1.00 16.20 ? 1822 VAL A CB  1 
ATOM   233  C CG1 . VAL A 1 29  ? 5.317   6.952   9.608   1.00 14.98 ? 1822 VAL A CG1 1 
ATOM   234  C CG2 . VAL A 1 29  ? 4.392   5.465   7.845   1.00 14.36 ? 1822 VAL A CG2 1 
ATOM   235  N N   . ASN A 1 30  ? 4.930   10.043  8.408   1.00 12.98 ? 1823 ASN A N   1 
ATOM   236  C CA  . ASN A 1 30  ? 5.350   11.440  8.516   1.00 13.31 ? 1823 ASN A CA  1 
ATOM   237  C C   . ASN A 1 30  ? 6.199   11.668  9.763   1.00 14.06 ? 1823 ASN A C   1 
ATOM   238  O O   . ASN A 1 30  ? 5.689   11.497  10.876  1.00 14.34 ? 1823 ASN A O   1 
ATOM   239  C CB  . ASN A 1 30  ? 4.105   12.322  8.557   1.00 14.93 ? 1823 ASN A CB  1 
ATOM   240  C CG  . ASN A 1 30  ? 4.403   13.809  8.414   1.00 16.55 ? 1823 ASN A CG  1 
ATOM   241  O OD1 . ASN A 1 30  ? 5.538   14.267  8.552   1.00 14.25 ? 1823 ASN A OD1 1 
ATOM   242  N ND2 . ASN A 1 30  ? 3.350   14.579  8.157   1.00 20.02 ? 1823 ASN A ND2 1 
ATOM   243  N N   . PRO A 1 31  ? 7.473   12.056  9.636   1.00 11.42 ? 1824 PRO A N   1 
ATOM   244  C CA  . PRO A 1 31  ? 8.287   12.307  10.838  1.00 10.64 ? 1824 PRO A CA  1 
ATOM   245  C C   . PRO A 1 31  ? 7.795   13.461  11.649  1.00 13.33 ? 1824 PRO A C   1 
ATOM   246  O O   . PRO A 1 31  ? 8.167   13.569  12.821  1.00 15.06 ? 1824 PRO A O   1 
ATOM   247  C CB  . PRO A 1 31  ? 9.690   12.596  10.278  1.00 14.91 ? 1824 PRO A CB  1 
ATOM   248  C CG  . PRO A 1 31  ? 9.685   12.037  8.900   1.00 12.58 ? 1824 PRO A CG  1 
ATOM   249  C CD  . PRO A 1 31  ? 8.269   12.167  8.402   1.00 15.64 ? 1824 PRO A CD  1 
ATOM   250  N N   . ARG A 1 32  ? 6.987   14.342  11.066  1.00 13.04 ? 1825 ARG A N   1 
ATOM   251  C CA  . ARG A 1 32  ? 6.408   15.413  11.872  1.00 11.35 ? 1825 ARG A CA  1 
ATOM   252  C C   . ARG A 1 32  ? 5.428   14.866  12.903  1.00 15.64 ? 1825 ARG A C   1 
ATOM   253  O O   . ARG A 1 32  ? 5.138   15.547  13.896  1.00 16.46 ? 1825 ARG A O   1 
ATOM   254  C CB  . ARG A 1 32  ? 5.709   16.416  10.967  1.00 12.94 ? 1825 ARG A CB  1 
ATOM   255  C CG  . ARG A 1 32  ? 6.595   17.029  9.875   1.00 15.08 ? 1825 ARG A CG  1 
ATOM   256  C CD  . ARG A 1 32  ? 5.774   17.953  8.998   1.00 17.39 ? 1825 ARG A CD  1 
ATOM   257  N NE  . ARG A 1 32  ? 6.505   18.488  7.849   1.00 19.88 ? 1825 ARG A NE  1 
ATOM   258  C CZ  . ARG A 1 32  ? 6.578   17.873  6.665   1.00 19.67 ? 1825 ARG A CZ  1 
ATOM   259  N NH1 . ARG A 1 32  ? 6.003   16.688  6.488   1.00 22.85 ? 1825 ARG A NH1 1 
ATOM   260  N NH2 . ARG A 1 32  ? 7.236   18.433  5.655   1.00 24.68 ? 1825 ARG A NH2 1 
ATOM   261  N N   . LEU A 1 33  ? 4.915   13.651  12.691  1.00 11.21 ? 1826 LEU A N   1 
ATOM   262  C CA  . LEU A 1 33  ? 3.874   13.078  13.533  1.00 11.05 ? 1826 LEU A CA  1 
ATOM   263  C C   . LEU A 1 33  ? 4.351   11.941  14.421  1.00 12.89 ? 1826 LEU A C   1 
ATOM   264  O O   . LEU A 1 33  ? 3.643   11.586  15.368  1.00 13.67 ? 1826 LEU A O   1 
ATOM   265  C CB  . LEU A 1 33  ? 2.707   12.573  12.669  1.00 16.59 ? 1826 LEU A CB  1 
ATOM   266  C CG  . LEU A 1 33  ? 1.991   13.610  11.793  1.00 17.96 ? 1826 LEU A CG  1 
ATOM   267  C CD1 . LEU A 1 33  ? 0.883   12.972  10.961  1.00 14.63 ? 1826 LEU A CD1 1 
ATOM   268  C CD2 . LEU A 1 33  ? 1.437   14.785  12.613  1.00 15.75 ? 1826 LEU A CD2 1 
ATOM   269  N N   . VAL A 1 34  ? 5.503   11.343  14.127  1.00 17.57 ? 1827 VAL A N   1 
ATOM   270  C CA  . VAL A 1 34  ? 5.981   10.189  14.877  1.00 18.32 ? 1827 VAL A CA  1 
ATOM   271  C C   . VAL A 1 34  ? 7.483   10.068  14.665  1.00 17.22 ? 1827 VAL A C   1 
ATOM   272  O O   . VAL A 1 34  ? 7.990   10.285  13.560  1.00 16.13 ? 1827 VAL A O   1 
ATOM   273  C CB  . VAL A 1 34  ? 5.235   8.902   14.447  1.00 19.10 ? 1827 VAL A CB  1 
ATOM   274  C CG1 . VAL A 1 34  ? 5.564   8.568   13.001  1.00 14.55 ? 1827 VAL A CG1 1 
ATOM   275  C CG2 . VAL A 1 34  ? 5.589   7.749   15.372  1.00 21.69 ? 1827 VAL A CG2 1 
ATOM   276  N N   . SER A 1 35  ? 8.196   9.720   15.737  1.00 18.59 ? 1828 SER A N   1 
ATOM   277  C CA  . SER A 1 35  ? 9.640   9.563   15.682  1.00 18.07 ? 1828 SER A CA  1 
ATOM   278  C C   . SER A 1 35  ? 10.037  8.095   15.609  1.00 19.97 ? 1828 SER A C   1 
ATOM   279  O O   . SER A 1 35  ? 9.244   7.188   15.871  1.00 19.71 ? 1828 SER A O   1 
ATOM   280  C CB  . SER A 1 35  ? 10.297  10.203  16.903  1.00 17.78 ? 1828 SER A CB  1 
ATOM   281  O OG  . SER A 1 35  ? 10.060  9.393   18.036  1.00 20.71 ? 1828 SER A OG  1 
ATOM   282  N N   . GLY A 1 36  ? 11.293  7.874   15.225  1.00 20.60 ? 1829 GLY A N   1 
ATOM   283  C CA  . GLY A 1 36  ? 11.867  6.538   15.220  1.00 18.34 ? 1829 GLY A CA  1 
ATOM   284  C C   . GLY A 1 36  ? 11.302  5.566   14.213  1.00 20.79 ? 1829 GLY A C   1 
ATOM   285  O O   . GLY A 1 36  ? 11.554  4.368   14.335  1.00 19.78 ? 1829 GLY A O   1 
ATOM   286  N N   . TYR A 1 37  ? 10.552  6.034   13.215  1.00 19.16 ? 1830 TYR A N   1 
ATOM   287  C CA  . TYR A 1 37  ? 9.926   5.109   12.274  1.00 15.67 ? 1830 TYR A CA  1 
ATOM   288  C C   . TYR A 1 37  ? 10.965  4.486   11.346  1.00 15.70 ? 1830 TYR A C   1 
ATOM   289  O O   . TYR A 1 37  ? 11.115  3.254   11.281  1.00 16.04 ? 1830 TYR A O   1 
ATOM   290  C CB  . TYR A 1 37  ? 8.835   5.832   11.467  1.00 14.04 ? 1830 TYR A CB  1 
ATOM   291  C CG  . TYR A 1 37  ? 8.099   4.870   10.567  1.00 11.51 ? 1830 TYR A CG  1 
ATOM   292  C CD1 . TYR A 1 37  ? 7.123   4.027   11.091  1.00 10.30 ? 1830 TYR A CD1 1 
ATOM   293  C CD2 . TYR A 1 37  ? 8.410   4.770   9.216   1.00 14.40 ? 1830 TYR A CD2 1 
ATOM   294  C CE1 . TYR A 1 37  ? 6.463   3.107   10.284  1.00 17.29 ? 1830 TYR A CE1 1 
ATOM   295  C CE2 . TYR A 1 37  ? 7.748   3.850   8.402   1.00 15.49 ? 1830 TYR A CE2 1 
ATOM   296  C CZ  . TYR A 1 37  ? 6.780   3.028   8.956   1.00 10.78 ? 1830 TYR A CZ  1 
ATOM   297  O OH  . TYR A 1 37  ? 6.112   2.118   8.162   1.00 11.75 ? 1830 TYR A OH  1 
ATOM   298  N N   . ARG A 1 38  ? 11.704  5.323   10.620  1.00 14.72 ? 1831 ARG A N   1 
ATOM   299  C CA  . ARG A 1 38  ? 12.703  4.821   9.690   1.00 14.84 ? 1831 ARG A CA  1 
ATOM   300  C C   . ARG A 1 38  ? 13.909  4.217   10.400  1.00 19.15 ? 1831 ARG A C   1 
ATOM   301  O O   . ARG A 1 38  ? 14.710  3.532   9.754   1.00 20.26 ? 1831 ARG A O   1 
ATOM   302  C CB  . ARG A 1 38  ? 13.103  5.949   8.735   1.00 14.42 ? 1831 ARG A CB  1 
ATOM   303  C CG  . ARG A 1 38  ? 11.964  6.262   7.754   1.00 13.89 ? 1831 ARG A CG  1 
ATOM   304  C CD  . ARG A 1 38  ? 12.169  7.537   6.936   1.00 11.12 ? 1831 ARG A CD  1 
ATOM   305  N NE  . ARG A 1 38  ? 11.042  7.724   6.015   1.00 13.11 ? 1831 ARG A NE  1 
ATOM   306  C CZ  . ARG A 1 38  ? 9.814   8.095   6.389   1.00 16.32 ? 1831 ARG A CZ  1 
ATOM   307  N NH1 . ARG A 1 38  ? 8.854   8.222   5.488   1.00 16.54 ? 1831 ARG A NH1 1 
ATOM   308  N NH2 . ARG A 1 38  ? 9.538   8.341   7.665   1.00 14.05 ? 1831 ARG A NH2 1 
ATOM   309  N N   . ARG A 1 39  ? 14.031  4.426   11.712  1.00 21.61 ? 1832 ARG A N   1 
ATOM   310  C CA  . ARG A 1 39  ? 14.999  3.669   12.504  1.00 25.96 ? 1832 ARG A CA  1 
ATOM   311  C C   . ARG A 1 39  ? 14.705  2.176   12.456  1.00 25.79 ? 1832 ARG A C   1 
ATOM   312  O O   . ARG A 1 39  ? 15.626  1.352   12.423  1.00 27.05 ? 1832 ARG A O   1 
ATOM   313  C CB  . ARG A 1 39  ? 14.984  4.164   13.950  1.00 28.89 ? 1832 ARG A CB  1 
ATOM   314  C CG  . ARG A 1 39  ? 16.171  3.711   14.776  1.00 28.62 ? 1832 ARG A CG  1 
ATOM   315  C CD  . ARG A 1 39  ? 15.968  4.067   16.235  1.00 29.50 ? 1832 ARG A CD  1 
ATOM   316  N NE  . ARG A 1 39  ? 14.857  3.332   16.832  1.00 38.68 ? 1832 ARG A NE  1 
ATOM   317  C CZ  . ARG A 1 39  ? 14.990  2.195   17.507  1.00 42.33 ? 1832 ARG A CZ  1 
ATOM   318  N NH1 . ARG A 1 39  ? 16.192  1.657   17.677  1.00 39.61 ? 1832 ARG A NH1 1 
ATOM   319  N NH2 . ARG A 1 39  ? 13.920  1.599   18.021  1.00 33.48 ? 1832 ARG A NH2 1 
ATOM   320  N N   . ILE A 1 40  ? 13.424  1.810   12.457  1.00 20.67 ? 1833 ILE A N   1 
ATOM   321  C CA  . ILE A 1 40  ? 12.989  0.420   12.499  1.00 21.23 ? 1833 ILE A CA  1 
ATOM   322  C C   . ILE A 1 40  ? 12.627  -0.100  11.115  1.00 20.90 ? 1833 ILE A C   1 
ATOM   323  O O   . ILE A 1 40  ? 12.967  -1.230  10.763  1.00 22.79 ? 1833 ILE A O   1 
ATOM   324  C CB  . ILE A 1 40  ? 11.796  0.284   13.476  1.00 22.75 ? 1833 ILE A CB  1 
ATOM   325  C CG1 . ILE A 1 40  ? 12.262  0.570   14.899  1.00 27.89 ? 1833 ILE A CG1 1 
ATOM   326  C CG2 . ILE A 1 40  ? 11.172  -1.102  13.395  1.00 31.20 ? 1833 ILE A CG2 1 
ATOM   327  C CD1 . ILE A 1 40  ? 13.563  -0.146  15.230  1.00 32.40 ? 1833 ILE A CD1 1 
ATOM   328  N N   . ILE A 1 41  ? 11.936  0.717   10.328  1.00 20.60 ? 1834 ILE A N   1 
ATOM   329  C CA  . ILE A 1 41  ? 11.351  0.292   9.062   1.00 15.74 ? 1834 ILE A CA  1 
ATOM   330  C C   . ILE A 1 41  ? 12.328  0.638   7.944   1.00 15.34 ? 1834 ILE A C   1 
ATOM   331  O O   . ILE A 1 41  ? 12.531  1.812   7.620   1.00 18.85 ? 1834 ILE A O   1 
ATOM   332  C CB  . ILE A 1 41  ? 9.983   0.949   8.846   1.00 14.07 ? 1834 ILE A CB  1 
ATOM   333  C CG1 . ILE A 1 41  ? 9.027   0.560   9.979   1.00 16.74 ? 1834 ILE A CG1 1 
ATOM   334  C CG2 . ILE A 1 41  ? 9.412   0.575   7.504   1.00 17.31 ? 1834 ILE A CG2 1 
ATOM   335  C CD1 . ILE A 1 41  ? 8.850   -0.942  10.165  1.00 20.02 ? 1834 ILE A CD1 1 
ATOM   336  N N   . LYS A 1 42  ? 12.906  -0.398  7.324   1.00 18.24 ? 1835 LYS A N   1 
ATOM   337  C CA  . LYS A 1 42  ? 13.990  -0.198  6.363   1.00 25.19 ? 1835 LYS A CA  1 
ATOM   338  C C   . LYS A 1 42  ? 13.493  0.177   4.974   1.00 16.97 ? 1835 LYS A C   1 
ATOM   339  O O   . LYS A 1 42  ? 14.223  0.841   4.227   1.00 18.04 ? 1835 LYS A O   1 
ATOM   340  C CB  . LYS A 1 42  ? 14.857  -1.456  6.280   1.00 27.92 ? 1835 LYS A CB  1 
ATOM   341  C CG  . LYS A 1 42  ? 15.570  -1.780  7.580   1.00 38.19 ? 1835 LYS A CG  1 
ATOM   342  C CD  . LYS A 1 42  ? 16.478  -0.634  8.002   1.00 33.08 ? 1835 LYS A CD  1 
ATOM   343  C CE  . LYS A 1 42  ? 16.066  -0.047  9.330   1.00 34.80 ? 1835 LYS A CE  1 
ATOM   344  N NZ  . LYS A 1 42  ? 17.266  0.423   10.075  1.00 40.70 ? 1835 LYS A NZ  1 
ATOM   345  N N   . ASN A 1 43  ? 12.276  -0.223  4.608   1.00 15.95 ? 1836 ASN A N   1 
ATOM   346  C CA  . ASN A 1 43  ? 11.707  0.089   3.298   1.00 14.87 ? 1836 ASN A CA  1 
ATOM   347  C C   . ASN A 1 43  ? 10.292  0.623   3.468   1.00 14.88 ? 1836 ASN A C   1 
ATOM   348  O O   . ASN A 1 43  ? 9.305   -0.104  3.296   1.00 14.44 ? 1836 ASN A O   1 
ATOM   349  C CB  . ASN A 1 43  ? 11.731  -1.134  2.385   1.00 18.02 ? 1836 ASN A CB  1 
ATOM   350  C CG  . ASN A 1 43  ? 13.130  -1.693  2.200   1.00 29.13 ? 1836 ASN A CG  1 
ATOM   351  O OD1 . ASN A 1 43  ? 13.486  -2.711  2.791   1.00 32.95 ? 1836 ASN A OD1 1 
ATOM   352  N ND2 . ASN A 1 43  ? 13.932  -1.020  1.390   1.00 26.05 ? 1836 ASN A ND2 1 
ATOM   353  N N   . PRO A 1 44  ? 10.155  1.897   3.800   1.00 13.84 ? 1837 PRO A N   1 
ATOM   354  C CA  . PRO A 1 44  ? 8.817   2.488   3.886   1.00 12.43 ? 1837 PRO A CA  1 
ATOM   355  C C   . PRO A 1 44  ? 8.087   2.410   2.553   1.00 12.19 ? 1837 PRO A C   1 
ATOM   356  O O   . PRO A 1 44  ? 8.697   2.462   1.487   1.00 15.06 ? 1837 PRO A O   1 
ATOM   357  C CB  . PRO A 1 44  ? 9.095   3.937   4.283   1.00 11.83 ? 1837 PRO A CB  1 
ATOM   358  C CG  . PRO A 1 44  ? 10.509  3.928   4.867   1.00 14.02 ? 1837 PRO A CG  1 
ATOM   359  C CD  . PRO A 1 44  ? 11.224  2.870   4.087   1.00 16.30 ? 1837 PRO A CD  1 
ATOM   360  N N   . MET A 1 45  ? 6.762   2.317   2.633   1.00 12.92 ? 1838 MET A N   1 
ATOM   361  C CA  . MET A 1 45  ? 5.924   2.282   1.448   1.00 10.36 ? 1838 MET A CA  1 
ATOM   362  C C   . MET A 1 45  ? 4.554   2.839   1.804   1.00 12.15 ? 1838 MET A C   1 
ATOM   363  O O   . MET A 1 45  ? 4.072   2.665   2.927   1.00 13.10 ? 1838 MET A O   1 
ATOM   364  C CB  . MET A 1 45  ? 5.835   0.850   0.889   1.00 13.19 ? 1838 MET A CB  1 
ATOM   365  C CG  . MET A 1 45  ? 5.142   0.716   -0.479  1.00 11.22 ? 1838 MET A CG  1 
ATOM   366  S SD  . MET A 1 45  ? 5.768   1.864   -1.711  1.00 13.63 ? 1838 MET A SD  1 
ATOM   367  C CE  . MET A 1 45  ? 7.515   1.462   -1.712  1.00 14.82 ? 1838 MET A CE  1 
ATOM   368  N N   . ASP A 1 46  ? 3.922   3.478   0.818   1.00 11.62 ? 1839 ASP A N   1 
ATOM   369  C CA  . ASP A 1 46  ? 2.627   4.106   0.995   1.00 14.03 ? 1839 ASP A CA  1 
ATOM   370  C C   . ASP A 1 46  ? 1.928   4.146   -0.353  1.00 11.80 ? 1839 ASP A C   1 
ATOM   371  O O   . ASP A 1 46  ? 2.542   3.944   -1.405  1.00 14.04 ? 1839 ASP A O   1 
ATOM   372  C CB  . ASP A 1 46  ? 2.772   5.521   1.537   1.00 11.41 ? 1839 ASP A CB  1 
ATOM   373  C CG  . ASP A 1 46  ? 3.469   6.413   0.562   1.00 11.90 ? 1839 ASP A CG  1 
ATOM   374  O OD1 . ASP A 1 46  ? 4.722   6.377   0.515   1.00 13.78 ? 1839 ASP A OD1 1 
ATOM   375  O OD2 . ASP A 1 46  ? 2.755   7.086   -0.214  1.00 12.67 ? 1839 ASP A OD2 1 
ATOM   376  N N   . PHE A 1 47  ? 0.628   4.451   -0.314  1.00 13.01 ? 1840 PHE A N   1 
ATOM   377  C CA  . PHE A 1 47  ? -0.182  4.360   -1.522  1.00 12.02 ? 1840 PHE A CA  1 
ATOM   378  C C   . PHE A 1 47  ? 0.178   5.433   -2.545  1.00 13.20 ? 1840 PHE A C   1 
ATOM   379  O O   . PHE A 1 47  ? 0.083   5.184   -3.753  1.00 13.63 ? 1840 PHE A O   1 
ATOM   380  C CB  . PHE A 1 47  ? -1.666  4.447   -1.175  1.00 12.27 ? 1840 PHE A CB  1 
ATOM   381  C CG  . PHE A 1 47  ? -2.197  3.240   -0.455  1.00 15.91 ? 1840 PHE A CG  1 
ATOM   382  C CD1 . PHE A 1 47  ? -1.510  2.033   -0.469  1.00 14.45 ? 1840 PHE A CD1 1 
ATOM   383  C CD2 . PHE A 1 47  ? -3.382  3.318   0.256   1.00 15.84 ? 1840 PHE A CD2 1 
ATOM   384  C CE1 . PHE A 1 47  ? -2.004  0.934   0.218   1.00 14.16 ? 1840 PHE A CE1 1 
ATOM   385  C CE2 . PHE A 1 47  ? -3.878  2.220   0.931   1.00 13.67 ? 1840 PHE A CE2 1 
ATOM   386  C CZ  . PHE A 1 47  ? -3.196  1.031   0.913   1.00 16.93 ? 1840 PHE A CZ  1 
ATOM   387  N N   . SER A 1 48  ? 0.543   6.646   -2.102  1.00 13.06 ? 1841 SER A N   1 
ATOM   388  C CA  A SER A 1 48  ? 0.926   7.680   -3.058  0.60 10.17 ? 1841 SER A CA  1 
ATOM   389  C CA  B SER A 1 48  ? 0.941   7.691   -3.041  0.40 10.25 ? 1841 SER A CA  1 
ATOM   390  C C   . SER A 1 48  ? 2.192   7.297   -3.812  1.00 13.08 ? 1841 SER A C   1 
ATOM   391  O O   . SER A 1 48  ? 2.283   7.499   -5.031  1.00 13.39 ? 1841 SER A O   1 
ATOM   392  C CB  A SER A 1 48  ? 1.121   9.020   -2.354  0.60 13.20 ? 1841 SER A CB  1 
ATOM   393  C CB  B SER A 1 48  ? 1.206   8.990   -2.293  0.40 13.20 ? 1841 SER A CB  1 
ATOM   394  O OG  A SER A 1 48  ? -0.132  9.626   -2.097  0.60 20.46 ? 1841 SER A OG  1 
ATOM   395  O OG  B SER A 1 48  ? 2.434   8.867   -1.600  0.40 14.80 ? 1841 SER A OG  1 
ATOM   396  N N   . THR A 1 49  ? 3.184   6.770   -3.094  1.00 10.87 ? 1842 THR A N   1 
ATOM   397  C CA  . THR A 1 49  ? 4.413   6.326   -3.734  1.00 8.74  ? 1842 THR A CA  1 
ATOM   398  C C   . THR A 1 49  ? 4.119   5.234   -4.756  1.00 12.96 ? 1842 THR A C   1 
ATOM   399  O O   . THR A 1 49  ? 4.647   5.256   -5.876  1.00 13.77 ? 1842 THR A O   1 
ATOM   400  C CB  . THR A 1 49  ? 5.387   5.829   -2.664  1.00 13.47 ? 1842 THR A CB  1 
ATOM   401  O OG1 . THR A 1 49  ? 5.727   6.918   -1.818  1.00 12.63 ? 1842 THR A OG1 1 
ATOM   402  C CG2 . THR A 1 49  ? 6.677   5.279   -3.265  1.00 12.80 ? 1842 THR A CG2 1 
ATOM   403  N N   . MET A 1 50  ? 3.261   4.284   -4.384  1.00 11.52 ? 1843 MET A N   1 
ATOM   404  C CA  . MET A 1 50  ? 2.861   3.240   -5.330  1.00 9.14  ? 1843 MET A CA  1 
ATOM   405  C C   . MET A 1 50  ? 2.127   3.831   -6.522  1.00 13.08 ? 1843 MET A C   1 
ATOM   406  O O   . MET A 1 50  ? 2.292   3.365   -7.652  1.00 13.53 ? 1843 MET A O   1 
ATOM   407  C CB  . MET A 1 50  ? 1.965   2.217   -4.637  1.00 10.70 ? 1843 MET A CB  1 
ATOM   408  C CG  . MET A 1 50  ? 2.664   1.334   -3.644  1.00 10.78 ? 1843 MET A CG  1 
ATOM   409  S SD  . MET A 1 50  ? 1.515   0.291   -2.756  1.00 16.14 ? 1843 MET A SD  1 
ATOM   410  C CE  . MET A 1 50  ? 0.998   -0.820  -4.086  1.00 12.07 ? 1843 MET A CE  1 
ATOM   411  N N   . ARG A 1 51  ? 1.284   4.844   -6.293  1.00 12.20 ? 1844 ARG A N   1 
ATOM   412  C CA  A ARG A 1 51  ? 0.498   5.407   -7.387  0.73 13.16 ? 1844 ARG A CA  1 
ATOM   413  C CA  B ARG A 1 51  ? 0.499   5.400   -7.391  0.27 13.18 ? 1844 ARG A CA  1 
ATOM   414  C C   . ARG A 1 51  ? 1.397   6.051   -8.431  1.00 12.61 ? 1844 ARG A C   1 
ATOM   415  O O   . ARG A 1 51  ? 1.201   5.858   -9.641  1.00 15.66 ? 1844 ARG A O   1 
ATOM   416  C CB  A ARG A 1 51  ? -0.504  6.418   -6.831  0.73 12.85 ? 1844 ARG A CB  1 
ATOM   417  C CB  B ARG A 1 51  ? -0.524  6.403   -6.859  0.27 12.92 ? 1844 ARG A CB  1 
ATOM   418  C CG  A ARG A 1 51  ? -1.408  7.071   -7.860  0.73 15.91 ? 1844 ARG A CG  1 
ATOM   419  C CG  B ARG A 1 51  ? -1.439  6.962   -7.936  0.27 15.87 ? 1844 ARG A CG  1 
ATOM   420  C CD  A ARG A 1 51  ? -2.435  7.979   -7.175  0.73 15.66 ? 1844 ARG A CD  1 
ATOM   421  C CD  B ARG A 1 51  ? -2.332  8.081   -7.415  0.27 15.81 ? 1844 ARG A CD  1 
ATOM   422  N NE  A ARG A 1 51  ? -1.897  9.296   -6.832  0.73 16.61 ? 1844 ARG A NE  1 
ATOM   423  N NE  B ARG A 1 51  ? -2.324  8.186   -5.959  0.27 17.03 ? 1844 ARG A NE  1 
ATOM   424  C CZ  A ARG A 1 51  ? -1.668  9.713   -5.592  0.73 18.97 ? 1844 ARG A CZ  1 
ATOM   425  C CZ  B ARG A 1 51  ? -1.896  9.253   -5.292  0.27 17.42 ? 1844 ARG A CZ  1 
ATOM   426  N NH1 A ARG A 1 51  ? -1.923  8.912   -4.570  0.73 17.18 ? 1844 ARG A NH1 1 
ATOM   427  N NH1 B ARG A 1 51  ? -1.437  10.310  -5.948  0.27 18.46 ? 1844 ARG A NH1 1 
ATOM   428  N NH2 A ARG A 1 51  ? -1.182  10.931  -5.373  0.73 17.20 ? 1844 ARG A NH2 1 
ATOM   429  N NH2 B ARG A 1 51  ? -1.928  9.266   -3.967  0.27 18.63 ? 1844 ARG A NH2 1 
ATOM   430  N N   . HIS A 1 52  ? 2.398   6.797   -7.983  1.00 10.70 ? 1845 HIS A N   1 
ATOM   431  C CA  . HIS A 1 52  ? 3.307   7.432   -8.928  1.00 12.49 ? 1845 HIS A CA  1 
ATOM   432  C C   . HIS A 1 52  ? 4.202   6.405   -9.615  1.00 12.64 ? 1845 HIS A C   1 
ATOM   433  O O   . HIS A 1 52  ? 4.451   6.500   -10.826 1.00 17.35 ? 1845 HIS A O   1 
ATOM   434  C CB  . HIS A 1 52  ? 4.130   8.489   -8.201  1.00 20.34 ? 1845 HIS A CB  1 
ATOM   435  C CG  . HIS A 1 52  ? 3.300   9.601   -7.649  1.00 16.81 ? 1845 HIS A CG  1 
ATOM   436  N ND1 . HIS A 1 52  ? 3.588   10.238  -6.459  1.00 18.84 ? 1845 HIS A ND1 1 
ATOM   437  C CD2 . HIS A 1 52  ? 2.170   10.182  -8.118  1.00 23.11 ? 1845 HIS A CD2 1 
ATOM   438  C CE1 . HIS A 1 52  ? 2.683   11.171  -6.228  1.00 20.59 ? 1845 HIS A CE1 1 
ATOM   439  N NE2 . HIS A 1 52  ? 1.811   11.159  -7.219  1.00 23.62 ? 1845 HIS A NE2 1 
ATOM   440  N N   . ARG A 1 53  ? 4.684   5.410   -8.863  1.00 14.26 ? 1846 ARG A N   1 
ATOM   441  C CA  . ARG A 1 53  ? 5.520   4.378   -9.476  1.00 11.98 ? 1846 ARG A CA  1 
ATOM   442  C C   . ARG A 1 53  ? 4.747   3.610   -10.544 1.00 14.35 ? 1846 ARG A C   1 
ATOM   443  O O   . ARG A 1 53  ? 5.260   3.377   -11.643 1.00 15.22 ? 1846 ARG A O   1 
ATOM   444  C CB  . ARG A 1 53  ? 6.057   3.426   -8.400  1.00 17.17 ? 1846 ARG A CB  1 
ATOM   445  C CG  . ARG A 1 53  ? 6.938   2.278   -8.918  1.00 20.17 ? 1846 ARG A CG  1 
ATOM   446  C CD  . ARG A 1 53  ? 7.774   1.720   -7.763  1.00 23.94 ? 1846 ARG A CD  1 
ATOM   447  N NE  . ARG A 1 53  ? 8.260   2.818   -6.924  1.00 37.98 ? 1846 ARG A NE  1 
ATOM   448  C CZ  . ARG A 1 53  ? 8.760   2.675   -5.698  1.00 40.15 ? 1846 ARG A CZ  1 
ATOM   449  N NH1 . ARG A 1 53  ? 8.842   1.466   -5.148  1.00 37.64 ? 1846 ARG A NH1 1 
ATOM   450  N NH2 . ARG A 1 53  ? 9.173   3.740   -5.021  1.00 36.64 ? 1846 ARG A NH2 1 
ATOM   451  N N   . LEU A 1 54  ? 3.507   3.228   -10.252 1.00 11.71 ? 1847 LEU A N   1 
ATOM   452  C CA  . LEU A 1 54  ? 2.711   2.524   -11.251 1.00 15.14 ? 1847 LEU A CA  1 
ATOM   453  C C   . LEU A 1 54  ? 2.461   3.395   -12.473 1.00 17.26 ? 1847 LEU A C   1 
ATOM   454  O O   . LEU A 1 54  ? 2.619   2.947   -13.617 1.00 14.31 ? 1847 LEU A O   1 
ATOM   455  C CB  . LEU A 1 54  ? 1.389   2.079   -10.630 1.00 12.94 ? 1847 LEU A CB  1 
ATOM   456  C CG  . LEU A 1 54  ? 0.443   1.238   -11.487 1.00 11.98 ? 1847 LEU A CG  1 
ATOM   457  C CD1 . LEU A 1 54  ? 1.060   -0.114  -11.895 1.00 13.17 ? 1847 LEU A CD1 1 
ATOM   458  C CD2 . LEU A 1 54  ? -0.867  1.063   -10.721 1.00 13.06 ? 1847 LEU A CD2 1 
ATOM   459  N N   . SER A 1 55  ? 2.050   4.647   -12.260 1.00 12.46 ? 1848 SER A N   1 
ATOM   460  C CA  A SER A 1 55  ? 1.680   5.483   -13.397 0.65 13.75 ? 1848 SER A CA  1 
ATOM   461  C CA  B SER A 1 55  ? 1.684   5.499   -13.388 0.35 13.86 ? 1848 SER A CA  1 
ATOM   462  C C   . SER A 1 55  ? 2.876   5.813   -14.287 1.00 18.21 ? 1848 SER A C   1 
ATOM   463  O O   . SER A 1 55  ? 2.703   5.994   -15.496 1.00 22.33 ? 1848 SER A O   1 
ATOM   464  C CB  A SER A 1 55  ? 1.006   6.765   -12.910 0.65 18.15 ? 1848 SER A CB  1 
ATOM   465  C CB  B SER A 1 55  ? 1.051   6.795   -12.892 0.35 18.13 ? 1848 SER A CB  1 
ATOM   466  O OG  A SER A 1 55  ? 1.951   7.622   -12.301 0.65 19.97 ? 1848 SER A OG  1 
ATOM   467  O OG  B SER A 1 55  ? -0.180  6.537   -12.245 0.35 16.61 ? 1848 SER A OG  1 
ATOM   468  N N   . ARG A 1 56  ? 4.087   5.888   -13.732 1.00 15.96 ? 1849 ARG A N   1 
ATOM   469  C CA  A ARG A 1 56  ? 5.254   6.225   -14.545 0.45 17.35 ? 1849 ARG A CA  1 
ATOM   470  C CA  B ARG A 1 56  ? 5.251   6.225   -14.547 0.55 17.30 ? 1849 ARG A CA  1 
ATOM   471  C C   . ARG A 1 56  ? 5.878   5.013   -15.224 1.00 20.97 ? 1849 ARG A C   1 
ATOM   472  O O   . ARG A 1 56  ? 6.822   5.180   -16.001 1.00 22.11 ? 1849 ARG A O   1 
ATOM   473  C CB  A ARG A 1 56  ? 6.310   6.940   -13.694 0.45 23.19 ? 1849 ARG A CB  1 
ATOM   474  C CB  B ARG A 1 56  ? 6.304   6.950   -13.701 0.55 23.21 ? 1849 ARG A CB  1 
ATOM   475  C CG  A ARG A 1 56  ? 7.038   6.039   -12.714 0.45 22.62 ? 1849 ARG A CG  1 
ATOM   476  C CG  B ARG A 1 56  ? 7.247   6.024   -12.958 0.55 22.67 ? 1849 ARG A CG  1 
ATOM   477  C CD  A ARG A 1 56  ? 8.109   6.809   -11.949 0.45 21.98 ? 1849 ARG A CD  1 
ATOM   478  C CD  B ARG A 1 56  ? 8.489   6.767   -12.473 0.55 22.93 ? 1849 ARG A CD  1 
ATOM   479  N NE  A ARG A 1 56  ? 8.660   6.029   -10.844 0.45 24.78 ? 1849 ARG A NE  1 
ATOM   480  N NE  B ARG A 1 56  ? 8.281   7.429   -11.184 0.55 23.23 ? 1849 ARG A NE  1 
ATOM   481  C CZ  A ARG A 1 56  ? 8.587   6.392   -9.566  0.45 23.87 ? 1849 ARG A CZ  1 
ATOM   482  C CZ  B ARG A 1 56  ? 8.363   6.809   -10.011 0.55 24.66 ? 1849 ARG A CZ  1 
ATOM   483  N NH1 A ARG A 1 56  ? 7.988   7.527   -9.237  0.45 26.42 ? 1849 ARG A NH1 1 
ATOM   484  N NH1 B ARG A 1 56  ? 8.640   5.511   -9.964  0.55 29.36 ? 1849 ARG A NH1 1 
ATOM   485  N NH2 A ARG A 1 56  ? 9.115   5.624   -8.621  0.45 23.28 ? 1849 ARG A NH2 1 
ATOM   486  N NH2 B ARG A 1 56  ? 8.166   7.480   -8.886  0.55 26.80 ? 1849 ARG A NH2 1 
ATOM   487  N N   . GLY A 1 57  ? 5.376   3.810   -14.961 1.00 21.39 ? 1850 GLY A N   1 
ATOM   488  C CA  . GLY A 1 57  ? 5.937   2.599   -15.539 1.00 18.85 ? 1850 GLY A CA  1 
ATOM   489  C C   . GLY A 1 57  ? 6.970   1.897   -14.682 1.00 18.45 ? 1850 GLY A C   1 
ATOM   490  O O   . GLY A 1 57  ? 7.677   1.009   -15.186 1.00 21.78 ? 1850 GLY A O   1 
ATOM   491  N N   . GLY A 1 58  ? 7.084   2.263   -13.414 1.00 15.37 ? 1851 GLY A N   1 
ATOM   492  C CA  . GLY A 1 58  ? 8.009   1.674   -12.478 1.00 15.50 ? 1851 GLY A CA  1 
ATOM   493  C C   . GLY A 1 58  ? 7.661   0.300   -11.963 1.00 16.24 ? 1851 GLY A C   1 
ATOM   494  O O   . GLY A 1 58  ? 8.463   -0.279  -11.224 1.00 17.69 ? 1851 GLY A O   1 
ATOM   495  N N   . TYR A 1 59  ? 6.494   -0.250  -12.314 1.00 14.00 ? 1852 TYR A N   1 
ATOM   496  C CA  . TYR A 1 59  ? 6.177   -1.650  -12.059 1.00 14.35 ? 1852 TYR A CA  1 
ATOM   497  C C   . TYR A 1 59  ? 6.107   -2.343  -13.415 1.00 16.46 ? 1852 TYR A C   1 
ATOM   498  O O   . TYR A 1 59  ? 5.229   -2.045  -14.230 1.00 18.22 ? 1852 TYR A O   1 
ATOM   499  C CB  . TYR A 1 59  ? 4.856   -1.832  -11.309 1.00 16.57 ? 1852 TYR A CB  1 
ATOM   500  C CG  . TYR A 1 59  ? 4.828   -1.268  -9.913  1.00 12.38 ? 1852 TYR A CG  1 
ATOM   501  C CD1 . TYR A 1 59  ? 5.716   -1.711  -8.951  1.00 15.22 ? 1852 TYR A CD1 1 
ATOM   502  C CD2 . TYR A 1 59  ? 3.878   -0.320  -9.553  1.00 15.67 ? 1852 TYR A CD2 1 
ATOM   503  C CE1 . TYR A 1 59  ? 5.692   -1.189  -7.660  1.00 18.53 ? 1852 TYR A CE1 1 
ATOM   504  C CE2 . TYR A 1 59  ? 3.847   0.228   -8.260  1.00 12.07 ? 1852 TYR A CE2 1 
ATOM   505  C CZ  . TYR A 1 59  ? 4.746   -0.233  -7.322  1.00 15.99 ? 1852 TYR A CZ  1 
ATOM   506  O OH  . TYR A 1 59  ? 4.716   0.291   -6.052  1.00 15.43 ? 1852 TYR A OH  1 
ATOM   507  N N   . THR A 1 60  ? 7.040   -3.248  -13.658 1.00 12.83 ? 1853 THR A N   1 
ATOM   508  C CA  . THR A 1 60  ? 6.962   -4.028  -14.881 1.00 15.33 ? 1853 THR A CA  1 
ATOM   509  C C   . THR A 1 60  ? 5.907   -5.113  -14.774 1.00 19.70 ? 1853 THR A C   1 
ATOM   510  O O   . THR A 1 60  ? 5.232   -5.418  -15.767 1.00 18.11 ? 1853 THR A O   1 
ATOM   511  C CB  . THR A 1 60  ? 8.337   -4.618  -15.201 1.00 16.30 ? 1853 THR A CB  1 
ATOM   512  O OG1 . THR A 1 60  ? 9.240   -3.545  -15.479 1.00 19.57 ? 1853 THR A OG1 1 
ATOM   513  C CG2 . THR A 1 60  ? 8.273   -5.514  -16.430 1.00 21.94 ? 1853 THR A CG2 1 
ATOM   514  N N   . SER A 1 61  ? 5.726   -5.671  -13.580 1.00 15.54 ? 1854 SER A N   1 
ATOM   515  C CA  . SER A 1 61  ? 4.829   -6.791  -13.361 1.00 15.57 ? 1854 SER A CA  1 
ATOM   516  C C   . SER A 1 61  ? 3.854   -6.484  -12.239 1.00 17.00 ? 1854 SER A C   1 
ATOM   517  O O   . SER A 1 61  ? 4.121   -5.673  -11.336 1.00 16.95 ? 1854 SER A O   1 
ATOM   518  C CB  . SER A 1 61  ? 5.600   -8.064  -13.015 1.00 16.82 ? 1854 SER A CB  1 
ATOM   519  O OG  . SER A 1 61  ? 6.093   -7.990  -11.692 1.00 23.64 ? 1854 SER A OG  1 
ATOM   520  N N   . SER A 1 62  ? 2.719   -7.179  -12.290 1.00 13.87 ? 1855 SER A N   1 
ATOM   521  C CA  . SER A 1 62  ? 1.738   -7.057  -11.217 1.00 15.52 ? 1855 SER A CA  1 
ATOM   522  C C   . SER A 1 62  ? 2.286   -7.576  -9.897  1.00 16.84 ? 1855 SER A C   1 
ATOM   523  O O   . SER A 1 62  ? 1.880   -7.103  -8.829  1.00 16.30 ? 1855 SER A O   1 
ATOM   524  C CB  . SER A 1 62  ? 0.468   -7.821  -11.577 1.00 20.63 ? 1855 SER A CB  1 
ATOM   525  O OG  . SER A 1 62  ? 0.756   -9.197  -11.744 1.00 17.20 ? 1855 SER A OG  1 
ATOM   526  N N   . GLU A 1 63  ? 3.192   -8.558  -9.945  1.00 12.24 ? 1856 GLU A N   1 
ATOM   527  C CA  . GLU A 1 63  ? 3.746   -9.074  -8.700  1.00 13.39 ? 1856 GLU A CA  1 
ATOM   528  C C   . GLU A 1 63  ? 4.584   -8.035  -7.965  1.00 13.19 ? 1856 GLU A C   1 
ATOM   529  O O   . GLU A 1 63  ? 4.616   -8.049  -6.733  1.00 20.19 ? 1856 GLU A O   1 
ATOM   530  C CB  . GLU A 1 63  ? 4.566   -10.326 -8.959  1.00 14.07 ? 1856 GLU A CB  1 
ATOM   531  C CG  . GLU A 1 63  ? 3.701   -11.470 -9.482  1.00 16.54 ? 1856 GLU A CG  1 
ATOM   532  C CD  . GLU A 1 63  ? 4.487   -12.757 -9.687  1.00 22.52 ? 1856 GLU A CD  1 
ATOM   533  O OE1 . GLU A 1 63  ? 5.666   -12.777 -9.268  1.00 21.42 ? 1856 GLU A OE1 1 
ATOM   534  O OE2 . GLU A 1 63  ? 3.927   -13.740 -10.255 1.00 26.01 ? 1856 GLU A OE2 1 
ATOM   535  N N   . GLU A 1 64  ? 5.285   -7.145  -8.687  1.00 12.18 ? 1857 GLU A N   1 
ATOM   536  C CA  . GLU A 1 64  ? 6.052   -6.096  -8.000  1.00 14.46 ? 1857 GLU A CA  1 
ATOM   537  C C   . GLU A 1 64  ? 5.121   -5.091  -7.328  1.00 13.61 ? 1857 GLU A C   1 
ATOM   538  O O   . GLU A 1 64  ? 5.387   -4.623  -6.208  1.00 15.20 ? 1857 GLU A O   1 
ATOM   539  C CB  . GLU A 1 64  ? 6.974   -5.371  -8.984  1.00 16.65 ? 1857 GLU A CB  1 
ATOM   540  C CG  . GLU A 1 64  ? 7.876   -6.289  -9.799  1.00 21.03 ? 1857 GLU A CG  1 
ATOM   541  C CD  . GLU A 1 64  ? 8.465   -5.617  -11.046 1.00 33.71 ? 1857 GLU A CD  1 
ATOM   542  O OE1 . GLU A 1 64  ? 9.080   -6.328  -11.876 1.00 37.60 ? 1857 GLU A OE1 1 
ATOM   543  O OE2 . GLU A 1 64  ? 8.335   -4.382  -11.193 1.00 30.32 ? 1857 GLU A OE2 1 
ATOM   544  N N   . PHE A 1 65  ? 4.026   -4.749  -8.011  1.00 15.70 ? 1858 PHE A N   1 
ATOM   545  C CA  . PHE A 1 65  ? 2.962   -3.946  -7.420  1.00 13.24 ? 1858 PHE A CA  1 
ATOM   546  C C   . PHE A 1 65  ? 2.444   -4.581  -6.132  1.00 16.06 ? 1858 PHE A C   1 
ATOM   547  O O   . PHE A 1 65  ? 2.373   -3.927  -5.078  1.00 13.35 ? 1858 PHE A O   1 
ATOM   548  C CB  . PHE A 1 65  ? 1.832   -3.779  -8.440  1.00 13.08 ? 1858 PHE A CB  1 
ATOM   549  C CG  . PHE A 1 65  ? 0.588   -3.152  -7.876  1.00 14.20 ? 1858 PHE A CG  1 
ATOM   550  C CD1 . PHE A 1 65  ? -0.463  -3.939  -7.449  1.00 16.15 ? 1858 PHE A CD1 1 
ATOM   551  C CD2 . PHE A 1 65  ? 0.476   -1.779  -7.775  1.00 14.43 ? 1858 PHE A CD2 1 
ATOM   552  C CE1 . PHE A 1 65  ? -1.611  -3.363  -6.930  1.00 11.94 ? 1858 PHE A CE1 1 
ATOM   553  C CE2 . PHE A 1 65  ? -0.665  -1.208  -7.255  1.00 15.13 ? 1858 PHE A CE2 1 
ATOM   554  C CZ  . PHE A 1 65  ? -1.702  -1.996  -6.835  1.00 13.78 ? 1858 PHE A CZ  1 
ATOM   555  N N   . ALA A 1 66  ? 2.092   -5.867  -6.205  1.00 13.99 ? 1859 ALA A N   1 
ATOM   556  C CA  . ALA A 1 66  ? 1.560   -6.584  -5.050  1.00 15.41 ? 1859 ALA A CA  1 
ATOM   557  C C   . ALA A 1 66  ? 2.562   -6.623  -3.908  1.00 13.89 ? 1859 ALA A C   1 
ATOM   558  O O   . ALA A 1 66  ? 2.185   -6.473  -2.735  1.00 15.97 ? 1859 ALA A O   1 
ATOM   559  C CB  . ALA A 1 66  ? 1.170   -8.005  -5.463  1.00 16.55 ? 1859 ALA A CB  1 
ATOM   560  N N   . ALA A 1 67  ? 3.848   -6.799  -4.234  1.00 14.82 ? 1860 ALA A N   1 
ATOM   561  C CA  . ALA A 1 67  ? 4.888   -6.799  -3.213  1.00 12.01 ? 1860 ALA A CA  1 
ATOM   562  C C   . ALA A 1 67  ? 4.936   -5.466  -2.466  1.00 12.76 ? 1860 ALA A C   1 
ATOM   563  O O   . ALA A 1 67  ? 5.133   -5.443  -1.242  1.00 16.48 ? 1860 ALA A O   1 
ATOM   564  C CB  . ALA A 1 67  ? 6.246   -7.104  -3.839  1.00 15.94 ? 1860 ALA A CB  1 
ATOM   565  N N   . ASP A 1 68  ? 4.787   -4.341  -3.190  1.00 11.35 ? 1861 ASP A N   1 
ATOM   566  C CA  . ASP A 1 68  ? 4.768   -3.051  -2.486  1.00 11.47 ? 1861 ASP A CA  1 
ATOM   567  C C   . ASP A 1 68  ? 3.512   -2.895  -1.619  1.00 16.81 ? 1861 ASP A C   1 
ATOM   568  O O   . ASP A 1 68  ? 3.578   -2.324  -0.517  1.00 13.12 ? 1861 ASP A O   1 
ATOM   569  C CB  . ASP A 1 68  ? 4.898   -1.901  -3.481  1.00 11.52 ? 1861 ASP A CB  1 
ATOM   570  C CG  . ASP A 1 68  ? 6.348   -1.518  -3.742  1.00 12.46 ? 1861 ASP A CG  1 
ATOM   571  O OD1 . ASP A 1 68  ? 7.231   -2.078  -3.061  1.00 19.95 ? 1861 ASP A OD1 1 
ATOM   572  O OD2 . ASP A 1 68  ? 6.608   -0.657  -4.610  1.00 13.23 ? 1861 ASP A OD2 1 
ATOM   573  N N   . ALA A 1 69  ? 2.358   -3.396  -2.078  1.00 15.46 ? 1862 ALA A N   1 
ATOM   574  C CA  . ALA A 1 69  ? 1.165   -3.324  -1.224  1.00 12.63 ? 1862 ALA A CA  1 
ATOM   575  C C   . ALA A 1 69  ? 1.369   -4.102  0.077   1.00 12.08 ? 1862 ALA A C   1 
ATOM   576  O O   . ALA A 1 69  ? 1.123   -3.595  1.197   1.00 20.02 ? 1862 ALA A O   1 
ATOM   577  C CB  . ALA A 1 69  ? -0.054  -3.858  -1.983  1.00 13.37 ? 1862 ALA A CB  1 
ATOM   578  N N   . LEU A 1 70  ? 1.875   -5.328  -0.053  1.00 13.76 ? 1863 LEU A N   1 
ATOM   579  C CA  . LEU A 1 70  ? 2.098   -6.145  1.125   1.00 13.93 ? 1863 LEU A CA  1 
ATOM   580  C C   . LEU A 1 70  ? 3.140   -5.510  2.017   1.00 15.55 ? 1863 LEU A C   1 
ATOM   581  O O   . LEU A 1 70  ? 3.088   -5.677  3.233   1.00 19.21 ? 1863 LEU A O   1 
ATOM   582  C CB  . LEU A 1 70  ? 2.517   -7.554  0.733   1.00 16.94 ? 1863 LEU A CB  1 
ATOM   583  C CG  . LEU A 1 70  ? 1.468   -8.326  -0.077  1.00 18.10 ? 1863 LEU A CG  1 
ATOM   584  C CD1 . LEU A 1 70  ? 1.928   -9.756  -0.353  1.00 21.57 ? 1863 LEU A CD1 1 
ATOM   585  C CD2 . LEU A 1 70  ? 0.122   -8.336  0.619   1.00 22.84 ? 1863 LEU A CD2 1 
ATOM   586  N N   . LEU A 1 71  ? 4.076   -4.762  1.427   1.00 16.66 ? 1864 LEU A N   1 
ATOM   587  C CA  . LEU A 1 71  ? 5.070   -4.035  2.210   1.00 16.05 ? 1864 LEU A CA  1 
ATOM   588  C C   . LEU A 1 71  ? 4.422   -2.957  3.075   1.00 16.32 ? 1864 LEU A C   1 
ATOM   589  O O   . LEU A 1 71  ? 4.815   -2.767  4.235   1.00 17.16 ? 1864 LEU A O   1 
ATOM   590  C CB  . LEU A 1 71  ? 6.108   -3.435  1.263   1.00 16.96 ? 1864 LEU A CB  1 
ATOM   591  C CG  . LEU A 1 71  ? 7.318   -2.752  1.885   1.00 21.35 ? 1864 LEU A CG  1 
ATOM   592  C CD1 . LEU A 1 71  ? 8.018   -3.711  2.844   1.00 19.14 ? 1864 LEU A CD1 1 
ATOM   593  C CD2 . LEU A 1 71  ? 8.250   -2.307  0.778   1.00 17.70 ? 1864 LEU A CD2 1 
ATOM   594  N N   . VAL A 1 72  ? 3.443   -2.225  2.529   1.00 11.72 ? 1865 VAL A N   1 
ATOM   595  C CA  . VAL A 1 72  ? 2.685   -1.277  3.354   1.00 17.84 ? 1865 VAL A CA  1 
ATOM   596  C C   . VAL A 1 72  ? 2.136   -1.973  4.597   1.00 17.28 ? 1865 VAL A C   1 
ATOM   597  O O   . VAL A 1 72  ? 2.277   -1.485  5.738   1.00 13.88 ? 1865 VAL A O   1 
ATOM   598  C CB  . VAL A 1 72  ? 1.546   -0.636  2.540   1.00 11.52 ? 1865 VAL A CB  1 
ATOM   599  C CG1 . VAL A 1 72  ? 0.698   0.246   3.462   1.00 13.64 ? 1865 VAL A CG1 1 
ATOM   600  C CG2 . VAL A 1 72  ? 2.097   0.190   1.398   1.00 13.37 ? 1865 VAL A CG2 1 
ATOM   601  N N   . PHE A 1 73  ? 1.495   -3.128  4.396   1.00 14.14 ? 1866 PHE A N   1 
ATOM   602  C CA  . PHE A 1 73  ? 0.846   -3.780  5.538   1.00 14.09 ? 1866 PHE A CA  1 
ATOM   603  C C   . PHE A 1 73  ? 1.836   -4.491  6.468   1.00 13.96 ? 1866 PHE A C   1 
ATOM   604  O O   . PHE A 1 73  ? 1.612   -4.546  7.688   1.00 22.03 ? 1866 PHE A O   1 
ATOM   605  C CB  . PHE A 1 73  ? -0.226  -4.747  5.029   1.00 16.68 ? 1866 PHE A CB  1 
ATOM   606  C CG  . PHE A 1 73  ? -1.100  -4.152  3.961   1.00 17.25 ? 1866 PHE A CG  1 
ATOM   607  C CD1 . PHE A 1 73  ? -1.598  -2.856  4.106   1.00 20.64 ? 1866 PHE A CD1 1 
ATOM   608  C CD2 . PHE A 1 73  ? -1.423  -4.871  2.821   1.00 17.97 ? 1866 PHE A CD2 1 
ATOM   609  C CE1 . PHE A 1 73  ? -2.386  -2.288  3.123   1.00 16.43 ? 1866 PHE A CE1 1 
ATOM   610  C CE2 . PHE A 1 73  ? -2.219  -4.307  1.837   1.00 18.95 ? 1866 PHE A CE2 1 
ATOM   611  C CZ  . PHE A 1 73  ? -2.701  -3.021  1.987   1.00 17.39 ? 1866 PHE A CZ  1 
ATOM   612  N N   . ASP A 1 74  ? 2.934   -5.009  5.927   1.00 16.56 ? 1867 ASP A N   1 
ATOM   613  C CA  . ASP A 1 74  ? 3.957   -5.657  6.742   1.00 13.54 ? 1867 ASP A CA  1 
ATOM   614  C C   . ASP A 1 74  ? 4.674   -4.637  7.619   1.00 17.51 ? 1867 ASP A C   1 
ATOM   615  O O   . ASP A 1 74  ? 4.922   -4.897  8.802   1.00 20.67 ? 1867 ASP A O   1 
ATOM   616  C CB  . ASP A 1 74  ? 4.965   -6.374  5.849   1.00 16.59 ? 1867 ASP A CB  1 
ATOM   617  C CG  . ASP A 1 74  ? 4.421   -7.667  5.264   1.00 16.95 ? 1867 ASP A CG  1 
ATOM   618  O OD1 . ASP A 1 74  ? 3.333   -8.131  5.686   1.00 20.89 ? 1867 ASP A OD1 1 
ATOM   619  O OD2 . ASP A 1 74  ? 5.102   -8.204  4.373   1.00 19.41 ? 1867 ASP A OD2 1 
ATOM   620  N N   . ASN A 1 75  ? 5.042   -3.487  7.038   1.00 15.20 ? 1868 ASN A N   1 
ATOM   621  C CA  . ASN A 1 75  ? 5.578   -2.388  7.840   1.00 10.29 ? 1868 ASN A CA  1 
ATOM   622  C C   . ASN A 1 75  ? 4.612   -2.024  8.949   1.00 15.48 ? 1868 ASN A C   1 
ATOM   623  O O   . ASN A 1 75  ? 5.011   -1.843  10.107  1.00 15.70 ? 1868 ASN A O   1 
ATOM   624  C CB  . ASN A 1 75  ? 5.839   -1.154  6.963   1.00 16.13 ? 1868 ASN A CB  1 
ATOM   625  C CG  . ASN A 1 75  ? 6.992   -1.344  5.988   1.00 14.26 ? 1868 ASN A CG  1 
ATOM   626  O OD1 . ASN A 1 75  ? 7.801   -2.255  6.136   1.00 18.77 ? 1868 ASN A OD1 1 
ATOM   627  N ND2 . ASN A 1 75  ? 7.083   -0.459  4.994   1.00 12.89 ? 1868 ASN A ND2 1 
ATOM   628  N N   . CYS A 1 76  ? 3.332   -1.881  8.600   1.00 12.45 ? 1869 CYS A N   1 
ATOM   629  C CA  . CYS A 1 76  ? 2.338   -1.480  9.591   1.00 17.03 ? 1869 CYS A CA  1 
ATOM   630  C C   . CYS A 1 76  ? 2.279   -2.464  10.753  1.00 20.39 ? 1869 CYS A C   1 
ATOM   631  O O   . CYS A 1 76  ? 2.260   -2.059  11.918  1.00 19.01 ? 1869 CYS A O   1 
ATOM   632  C CB  . CYS A 1 76  ? 0.974   -1.344  8.927   1.00 15.82 ? 1869 CYS A CB  1 
ATOM   633  S SG  . CYS A 1 76  ? -0.310  -0.785  10.030  1.00 16.81 ? 1869 CYS A SG  1 
ATOM   634  N N   . GLN A 1 77  ? 2.270   -3.768  10.467  1.00 17.03 ? 1870 GLN A N   1 
ATOM   635  C CA  . GLN A 1 77  ? 2.227   -4.706  11.584  1.00 14.17 ? 1870 GLN A CA  1 
ATOM   636  C C   . GLN A 1 77  ? 3.575   -4.804  12.295  1.00 20.35 ? 1870 GLN A C   1 
ATOM   637  O O   . GLN A 1 77  ? 3.636   -5.302  13.426  1.00 22.01 ? 1870 GLN A O   1 
ATOM   638  C CB  . GLN A 1 77  ? 1.740   -6.084  11.107  1.00 30.17 ? 1870 GLN A CB  1 
ATOM   639  C CG  . GLN A 1 77  ? 2.807   -6.997  10.537  1.00 23.73 ? 1870 GLN A CG  1 
ATOM   640  C CD  . GLN A 1 77  ? 2.204   -8.257  9.896   1.00 34.53 ? 1870 GLN A CD  1 
ATOM   641  O OE1 . GLN A 1 77  ? 1.011   -8.538  10.054  1.00 29.85 ? 1870 GLN A OE1 1 
ATOM   642  N NE2 . GLN A 1 77  ? 3.023   -9.000  9.148   1.00 35.28 ? 1870 GLN A NE2 1 
ATOM   643  N N   . THR A 1 78  ? 4.658   -4.350  11.665  1.00 18.92 ? 1871 THR A N   1 
ATOM   644  C CA  . THR A 1 78  ? 5.943   -4.372  12.345  1.00 18.41 ? 1871 THR A CA  1 
ATOM   645  C C   . THR A 1 78  ? 6.016   -3.262  13.376  1.00 17.16 ? 1871 THR A C   1 
ATOM   646  O O   . THR A 1 78  ? 6.444   -3.500  14.505  1.00 19.41 ? 1871 THR A O   1 
ATOM   647  C CB  . THR A 1 78  ? 7.093   -4.247  11.343  1.00 18.40 ? 1871 THR A CB  1 
ATOM   648  O OG1 . THR A 1 78  ? 7.088   -5.392  10.480  1.00 19.46 ? 1871 THR A OG1 1 
ATOM   649  C CG2 . THR A 1 78  ? 8.431   -4.200  12.046  1.00 17.07 ? 1871 THR A CG2 1 
ATOM   650  N N   . PHE A 1 79  ? 5.554   -2.070  13.022  1.00 16.94 ? 1872 PHE A N   1 
ATOM   651  C CA  . PHE A 1 79  ? 5.770   -0.913  13.890  1.00 12.74 ? 1872 PHE A CA  1 
ATOM   652  C C   . PHE A 1 79  ? 4.661   -0.667  14.906  1.00 17.85 ? 1872 PHE A C   1 
ATOM   653  O O   . PHE A 1 79  ? 4.940   -0.115  15.980  1.00 21.53 ? 1872 PHE A O   1 
ATOM   654  C CB  . PHE A 1 79  ? 5.947   0.337   13.028  1.00 16.02 ? 1872 PHE A CB  1 
ATOM   655  C CG  . PHE A 1 79  ? 6.445   1.530   13.787  1.00 16.75 ? 1872 PHE A CG  1 
ATOM   656  C CD1 . PHE A 1 79  ? 7.805   1.740   13.957  1.00 19.55 ? 1872 PHE A CD1 1 
ATOM   657  C CD2 . PHE A 1 79  ? 5.560   2.437   14.310  1.00 13.61 ? 1872 PHE A CD2 1 
ATOM   658  C CE1 . PHE A 1 79  ? 8.268   2.849   14.654  1.00 15.28 ? 1872 PHE A CE1 1 
ATOM   659  C CE2 . PHE A 1 79  ? 6.022   3.553   15.013  1.00 17.38 ? 1872 PHE A CE2 1 
ATOM   660  C CZ  . PHE A 1 79  ? 7.377   3.751   15.175  1.00 19.10 ? 1872 PHE A CZ  1 
ATOM   661  N N   . ASN A 1 80  ? 3.421   -1.036  14.601  1.00 20.94 ? 1873 ASN A N   1 
ATOM   662  C CA  . ASN A 1 80  ? 2.250   -0.652  15.381  1.00 17.19 ? 1873 ASN A CA  1 
ATOM   663  C C   . ASN A 1 80  ? 1.677   -1.846  16.136  1.00 25.11 ? 1873 ASN A C   1 
ATOM   664  O O   . ASN A 1 80  ? 1.679   -2.975  15.639  1.00 24.89 ? 1873 ASN A O   1 
ATOM   665  C CB  . ASN A 1 80  ? 1.154   -0.066  14.480  1.00 20.91 ? 1873 ASN A CB  1 
ATOM   666  C CG  . ASN A 1 80  ? 1.608   1.167   13.721  1.00 21.92 ? 1873 ASN A CG  1 
ATOM   667  O OD1 . ASN A 1 80  ? 1.551   2.275   14.243  1.00 23.43 ? 1873 ASN A OD1 1 
ATOM   668  N ND2 . ASN A 1 80  ? 2.029   0.986   12.474  1.00 19.37 ? 1873 ASN A ND2 1 
ATOM   669  N N   . GLU A 1 81  ? 1.166   -1.582  17.335  1.00 25.89 ? 1874 GLU A N   1 
ATOM   670  C CA  . GLU A 1 81  ? 0.426   -2.596  18.072  1.00 30.26 ? 1874 GLU A CA  1 
ATOM   671  C C   . GLU A 1 81  ? -0.864  -2.948  17.341  1.00 24.86 ? 1874 GLU A C   1 
ATOM   672  O O   . GLU A 1 81  ? -1.483  -2.102  16.689  1.00 28.35 ? 1874 GLU A O   1 
ATOM   673  C CB  . GLU A 1 81  ? 0.097   -2.109  19.487  1.00 34.80 ? 1874 GLU A CB  1 
ATOM   674  C CG  . GLU A 1 81  ? 1.315   -1.879  20.385  1.00 40.44 ? 1874 GLU A CG  1 
ATOM   675  C CD  . GLU A 1 81  ? 2.111   -3.150  20.666  1.00 43.86 ? 1874 GLU A CD  1 
ATOM   676  O OE1 . GLU A 1 81  ? 1.562   -4.259  20.497  1.00 49.56 ? 1874 GLU A OE1 1 
ATOM   677  O OE2 . GLU A 1 81  ? 3.297   -3.037  21.046  1.00 47.52 ? 1874 GLU A OE2 1 
ATOM   678  N N   . ASP A 1 82  ? -1.282  -4.214  17.484  1.00 30.44 ? 1875 ASP A N   1 
ATOM   679  C CA  . ASP A 1 82  ? -2.432  -4.712  16.734  1.00 27.10 ? 1875 ASP A CA  1 
ATOM   680  C C   . ASP A 1 82  ? -3.730  -4.014  17.125  1.00 27.23 ? 1875 ASP A C   1 
ATOM   681  O O   . ASP A 1 82  ? -4.655  -3.928  16.310  1.00 27.50 ? 1875 ASP A O   1 
ATOM   682  C CB  . ASP A 1 82  ? -2.573  -6.223  16.921  1.00 26.47 ? 1875 ASP A CB  1 
ATOM   683  C CG  . ASP A 1 82  ? -1.648  -7.010  16.015  1.00 33.22 ? 1875 ASP A CG  1 
ATOM   684  O OD1 . ASP A 1 82  ? -1.169  -6.441  15.012  1.00 32.91 ? 1875 ASP A OD1 1 
ATOM   685  O OD2 . ASP A 1 82  ? -1.391  -8.196  16.313  1.00 36.14 ? 1875 ASP A OD2 1 
ATOM   686  N N   . ASP A 1 83  ? -3.833  -3.509  18.353  1.00 33.58 ? 1876 ASP A N   1 
ATOM   687  C CA  . ASP A 1 83  ? -5.052  -2.831  18.777  1.00 28.36 ? 1876 ASP A CA  1 
ATOM   688  C C   . ASP A 1 83  ? -4.980  -1.315  18.644  1.00 30.80 ? 1876 ASP A C   1 
ATOM   689  O O   . ASP A 1 83  ? -5.943  -0.636  19.007  1.00 30.26 ? 1876 ASP A O   1 
ATOM   690  C CB  . ASP A 1 83  ? -5.414  -3.220  20.217  1.00 37.02 ? 1876 ASP A CB  1 
ATOM   691  C CG  . ASP A 1 83  ? -4.258  -3.072  21.172  1.00 37.34 ? 1876 ASP A CG  1 
ATOM   692  O OD1 . ASP A 1 83  ? -3.281  -2.377  20.828  1.00 38.95 ? 1876 ASP A OD1 1 
ATOM   693  O OD2 . ASP A 1 83  ? -4.320  -3.671  22.268  1.00 44.11 ? 1876 ASP A OD2 1 
ATOM   694  N N   . SER A 1 84  ? -3.883  -0.773  18.116  1.00 27.29 ? 1877 SER A N   1 
ATOM   695  C CA  . SER A 1 84  ? -3.857  0.641   17.770  1.00 28.97 ? 1877 SER A CA  1 
ATOM   696  C C   . SER A 1 84  ? -4.733  0.894   16.548  1.00 28.11 ? 1877 SER A C   1 
ATOM   697  O O   . SER A 1 84  ? -5.036  -0.014  15.768  1.00 26.13 ? 1877 SER A O   1 
ATOM   698  C CB  . SER A 1 84  ? -2.428  1.124   17.502  1.00 26.14 ? 1877 SER A CB  1 
ATOM   699  O OG  . SER A 1 84  ? -1.813  0.463   16.410  1.00 24.97 ? 1877 SER A OG  1 
ATOM   700  N N   . GLU A 1 85  ? -5.140  2.152   16.385  1.00 25.73 ? 1878 GLU A N   1 
ATOM   701  C CA  . GLU A 1 85  ? -5.982  2.514   15.248  1.00 23.23 ? 1878 GLU A CA  1 
ATOM   702  C C   . GLU A 1 85  ? -5.286  2.202   13.923  1.00 25.44 ? 1878 GLU A C   1 
ATOM   703  O O   . GLU A 1 85  ? -5.876  1.589   13.021  1.00 22.33 ? 1878 GLU A O   1 
ATOM   704  C CB  . GLU A 1 85  ? -6.351  3.990   15.333  1.00 23.31 ? 1878 GLU A CB  1 
ATOM   705  C CG  . GLU A 1 85  ? -7.311  4.323   16.461  1.00 29.77 ? 1878 GLU A CG  1 
ATOM   706  C CD  . GLU A 1 85  ? -8.611  3.557   16.367  1.00 35.73 ? 1878 GLU A CD  1 
ATOM   707  O OE1 . GLU A 1 85  ? -9.326  3.740   15.358  1.00 35.97 ? 1878 GLU A OE1 1 
ATOM   708  O OE2 . GLU A 1 85  ? -8.922  2.785   17.302  1.00 37.06 ? 1878 GLU A OE2 1 
ATOM   709  N N   . VAL A 1 86  ? -4.019  2.602   13.795  1.00 17.56 ? 1879 VAL A N   1 
ATOM   710  C CA  . VAL A 1 86  ? -3.271  2.308   12.573  1.00 19.67 ? 1879 VAL A CA  1 
ATOM   711  C C   . VAL A 1 86  ? -3.077  0.805   12.400  1.00 27.92 ? 1879 VAL A C   1 
ATOM   712  O O   . VAL A 1 86  ? -3.172  0.282   11.283  1.00 18.62 ? 1879 VAL A O   1 
ATOM   713  C CB  . VAL A 1 86  ? -1.929  3.063   12.577  1.00 23.27 ? 1879 VAL A CB  1 
ATOM   714  C CG1 . VAL A 1 86  ? -1.082  2.638   11.398  1.00 21.19 ? 1879 VAL A CG1 1 
ATOM   715  C CG2 . VAL A 1 86  ? -2.170  4.551   12.516  1.00 20.18 ? 1879 VAL A CG2 1 
ATOM   716  N N   . GLY A 1 87  ? -2.805  0.078   13.491  1.00 23.83 ? 1880 GLY A N   1 
ATOM   717  C CA  . GLY A 1 87  ? -2.609  -1.366  13.356  1.00 20.01 ? 1880 GLY A CA  1 
ATOM   718  C C   . GLY A 1 87  ? -3.854  -2.074  12.851  1.00 26.46 ? 1880 GLY A C   1 
ATOM   719  O O   . GLY A 1 87  ? -3.795  -2.916  11.939  1.00 20.93 ? 1880 GLY A O   1 
ATOM   720  N N   . LYS A 1 88  ? -5.005  -1.725  13.428  1.00 22.73 ? 1881 LYS A N   1 
ATOM   721  C CA  . LYS A 1 88  ? -6.266  -2.301  12.968  1.00 24.13 ? 1881 LYS A CA  1 
ATOM   722  C C   . LYS A 1 88  ? -6.542  -1.931  11.517  1.00 22.76 ? 1881 LYS A C   1 
ATOM   723  O O   . LYS A 1 88  ? -6.996  -2.776  10.719  1.00 25.19 ? 1881 LYS A O   1 
ATOM   724  C CB  . LYS A 1 88  ? -7.402  -1.834  13.871  1.00 28.68 ? 1881 LYS A CB  1 
ATOM   725  C CG  . LYS A 1 88  ? -7.270  -2.347  15.286  1.00 27.96 ? 1881 LYS A CG  1 
ATOM   726  C CD  . LYS A 1 88  ? -8.537  -2.088  16.083  1.00 34.68 ? 1881 LYS A CD  1 
ATOM   727  C CE  . LYS A 1 88  ? -8.755  -0.610  16.296  1.00 37.74 ? 1881 LYS A CE  1 
ATOM   728  N NZ  . LYS A 1 88  ? -9.982  -0.355  17.095  1.00 43.67 ? 1881 LYS A NZ  1 
ATOM   729  N N   . ALA A 1 89  ? -6.258  -0.676  11.154  1.00 18.58 ? 1882 ALA A N   1 
ATOM   730  C CA  . ALA A 1 89  ? -6.414  -0.254  9.767   1.00 21.70 ? 1882 ALA A CA  1 
ATOM   731  C C   . ALA A 1 89  ? -5.576  -1.115  8.833   1.00 20.08 ? 1882 ALA A C   1 
ATOM   732  O O   . ALA A 1 89  ? -6.046  -1.503  7.761   1.00 18.88 ? 1882 ALA A O   1 
ATOM   733  C CB  . ALA A 1 89  ? -6.038  1.215   9.613   1.00 19.43 ? 1882 ALA A CB  1 
ATOM   734  N N   . GLY A 1 90  ? -4.332  -1.418  9.221   1.00 18.31 ? 1883 GLY A N   1 
ATOM   735  C CA  . GLY A 1 90  ? -3.485  -2.262  8.387   1.00 15.60 ? 1883 GLY A CA  1 
ATOM   736  C C   . GLY A 1 90  ? -4.068  -3.645  8.166   1.00 17.46 ? 1883 GLY A C   1 
ATOM   737  O O   . GLY A 1 90  ? -4.062  -4.161  7.043   1.00 18.84 ? 1883 GLY A O   1 
ATOM   738  N N   . HIS A 1 91  ? -4.590  -4.264  9.232   1.00 18.61 ? 1884 HIS A N   1 
ATOM   739  C CA  . HIS A 1 91  ? -5.231  -5.569  9.052   1.00 24.32 ? 1884 HIS A CA  1 
ATOM   740  C C   . HIS A 1 91  ? -6.438  -5.488  8.108   1.00 23.89 ? 1884 HIS A C   1 
ATOM   741  O O   . HIS A 1 91  ? -6.622  -6.356  7.225   1.00 19.89 ? 1884 HIS A O   1 
ATOM   742  C CB  . HIS A 1 91  ? -5.621  -6.138  10.417  1.00 21.39 ? 1884 HIS A CB  1 
ATOM   743  C CG  . HIS A 1 91  ? -4.438  -6.524  11.254  1.00 22.79 ? 1884 HIS A CG  1 
ATOM   744  N ND1 . HIS A 1 91  ? -3.505  -7.450  10.845  1.00 25.98 ? 1884 HIS A ND1 1 
ATOM   745  C CD2 . HIS A 1 91  ? -4.035  -6.101  12.477  1.00 27.35 ? 1884 HIS A CD2 1 
ATOM   746  C CE1 . HIS A 1 91  ? -2.579  -7.585  11.776  1.00 26.58 ? 1884 HIS A CE1 1 
ATOM   747  N NE2 . HIS A 1 91  ? -2.877  -6.778  12.779  1.00 29.36 ? 1884 HIS A NE2 1 
ATOM   748  N N   . ILE A 1 92  ? -7.265  -4.443  8.259   1.00 20.91 ? 1885 ILE A N   1 
ATOM   749  C CA  . ILE A 1 92  ? -8.405  -4.282  7.354   1.00 22.10 ? 1885 ILE A CA  1 
ATOM   750  C C   . ILE A 1 92  ? -7.929  -4.166  5.911   1.00 20.59 ? 1885 ILE A C   1 
ATOM   751  O O   . ILE A 1 92  ? -8.430  -4.857  5.015   1.00 20.04 ? 1885 ILE A O   1 
ATOM   752  C CB  . ILE A 1 92  ? -9.258  -3.066  7.748   1.00 22.42 ? 1885 ILE A CB  1 
ATOM   753  C CG1 . ILE A 1 92  ? -9.914  -3.281  9.112   1.00 21.21 ? 1885 ILE A CG1 1 
ATOM   754  C CG2 . ILE A 1 92  ? -10.289 -2.788  6.667   1.00 20.65 ? 1885 ILE A CG2 1 
ATOM   755  C CD1 . ILE A 1 92  ? -10.395 -1.983  9.767   1.00 23.03 ? 1885 ILE A CD1 1 
ATOM   756  N N   . MET A 1 93  ? -6.957  -3.285  5.665   1.00 17.99 ? 1886 MET A N   1 
ATOM   757  C CA  . MET A 1 93  ? -6.517  -3.053  4.294   1.00 16.99 ? 1886 MET A CA  1 
ATOM   758  C C   . MET A 1 93  ? -5.834  -4.273  3.694   1.00 15.86 ? 1886 MET A C   1 
ATOM   759  O O   . MET A 1 93  ? -5.948  -4.494  2.484   1.00 17.31 ? 1886 MET A O   1 
ATOM   760  C CB  . MET A 1 93  ? -5.573  -1.859  4.218   1.00 13.10 ? 1886 MET A CB  1 
ATOM   761  C CG  . MET A 1 93  ? -6.220  -0.509  4.499   1.00 15.91 ? 1886 MET A CG  1 
ATOM   762  S SD  . MET A 1 93  ? -7.764  -0.232  3.612   1.00 18.54 ? 1886 MET A SD  1 
ATOM   763  C CE  . MET A 1 93  ? -7.200  -0.381  1.916   1.00 17.30 ? 1886 MET A CE  1 
ATOM   764  N N   . ARG A 1 94  ? -5.115  -5.068  4.496   1.00 13.94 ? 1887 ARG A N   1 
ATOM   765  C CA  . ARG A 1 94  ? -4.553  -6.306  3.957   1.00 12.40 ? 1887 ARG A CA  1 
ATOM   766  C C   . ARG A 1 94  ? -5.663  -7.237  3.485   1.00 17.66 ? 1887 ARG A C   1 
ATOM   767  O O   . ARG A 1 94  ? -5.587  -7.799  2.383   1.00 16.61 ? 1887 ARG A O   1 
ATOM   768  C CB  . ARG A 1 94  ? -3.682  -7.012  4.998   1.00 15.80 ? 1887 ARG A CB  1 
ATOM   769  C CG  . ARG A 1 94  ? -2.907  -8.218  4.430   1.00 17.85 ? 1887 ARG A CG  1 
ATOM   770  C CD  . ARG A 1 94  ? -2.261  -9.064  5.526   1.00 18.79 ? 1887 ARG A CD  1 
ATOM   771  N NE  . ARG A 1 94  ? -1.222  -8.352  6.279   1.00 23.53 ? 1887 ARG A NE  1 
ATOM   772  C CZ  . ARG A 1 94  ? 0.062   -8.326  5.937   1.00 25.91 ? 1887 ARG A CZ  1 
ATOM   773  N NH1 . ARG A 1 94  ? 0.476   -8.955  4.847   1.00 21.62 ? 1887 ARG A NH1 1 
ATOM   774  N NH2 . ARG A 1 94  ? 0.936   -7.660  6.674   1.00 23.75 ? 1887 ARG A NH2 1 
ATOM   775  N N   . ARG A 1 95  ? -6.703  -7.427  4.310   1.00 19.39 ? 1888 ARG A N   1 
ATOM   776  C CA  A ARG A 1 95  ? -7.826  -8.263  3.882   0.54 19.71 ? 1888 ARG A CA  1 
ATOM   777  C CA  B ARG A 1 95  ? -7.830  -8.257  3.888   0.46 19.71 ? 1888 ARG A CA  1 
ATOM   778  C C   . ARG A 1 95  ? -8.445  -7.729  2.596   1.00 19.07 ? 1888 ARG A C   1 
ATOM   779  O O   . ARG A 1 95  ? -8.715  -8.490  1.662   1.00 19.36 ? 1888 ARG A O   1 
ATOM   780  C CB  A ARG A 1 95  ? -8.879  -8.350  4.989   0.54 18.47 ? 1888 ARG A CB  1 
ATOM   781  C CB  B ARG A 1 95  ? -8.877  -8.310  5.002   0.46 18.50 ? 1888 ARG A CB  1 
ATOM   782  C CG  A ARG A 1 95  ? -9.808  -9.566  4.928   0.54 22.09 ? 1888 ARG A CG  1 
ATOM   783  C CG  B ARG A 1 95  ? -9.522  -9.664  5.245   0.46 23.65 ? 1888 ARG A CG  1 
ATOM   784  C CD  A ARG A 1 95  ? -10.929 -9.412  3.908   0.54 23.16 ? 1888 ARG A CD  1 
ATOM   785  C CD  B ARG A 1 95  ? -9.970  -10.310 3.956   0.46 18.59 ? 1888 ARG A CD  1 
ATOM   786  N NE  A ARG A 1 95  ? -11.474 -8.057  3.863   0.54 18.32 ? 1888 ARG A NE  1 
ATOM   787  N NE  B ARG A 1 95  ? -11.369 -10.717 3.989   0.46 17.64 ? 1888 ARG A NE  1 
ATOM   788  C CZ  A ARG A 1 95  ? -12.345 -7.636  2.949   0.54 24.00 ? 1888 ARG A CZ  1 
ATOM   789  C CZ  B ARG A 1 95  ? -11.790 -11.962 3.784   0.46 15.62 ? 1888 ARG A CZ  1 
ATOM   790  N NH1 A ARG A 1 95  ? -12.781 -6.387  2.974   0.54 22.40 ? 1888 ARG A NH1 1 
ATOM   791  N NH1 B ARG A 1 95  ? -13.081 -12.232 3.826   0.46 12.02 ? 1888 ARG A NH1 1 
ATOM   792  N NH2 A ARG A 1 95  ? -12.777 -8.463  2.004   0.54 23.24 ? 1888 ARG A NH2 1 
ATOM   793  N NH2 B ARG A 1 95  ? -10.918 -12.934 3.535   0.46 18.89 ? 1888 ARG A NH2 1 
ATOM   794  N N   . PHE A 1 96  ? -8.689  -6.416  2.534   1.00 19.55 ? 1889 PHE A N   1 
ATOM   795  C CA  . PHE A 1 96  ? -9.273  -5.820  1.338   1.00 14.48 ? 1889 PHE A CA  1 
ATOM   796  C C   . PHE A 1 96  ? -8.400  -6.074  0.111   1.00 19.14 ? 1889 PHE A C   1 
ATOM   797  O O   . PHE A 1 96  ? -8.895  -6.479  -0.952  1.00 20.13 ? 1889 PHE A O   1 
ATOM   798  C CB  . PHE A 1 96  ? -9.469  -4.320  1.567   1.00 21.14 ? 1889 PHE A CB  1 
ATOM   799  C CG  . PHE A 1 96  ? -10.125 -3.610  0.423   1.00 20.07 ? 1889 PHE A CG  1 
ATOM   800  C CD1 . PHE A 1 96  ? -11.506 -3.590  0.303   1.00 24.67 ? 1889 PHE A CD1 1 
ATOM   801  C CD2 . PHE A 1 96  ? -9.365  -2.950  -0.530  1.00 22.12 ? 1889 PHE A CD2 1 
ATOM   802  C CE1 . PHE A 1 96  ? -12.114 -2.924  -0.746  1.00 29.34 ? 1889 PHE A CE1 1 
ATOM   803  C CE2 . PHE A 1 96  ? -9.970  -2.295  -1.590  1.00 23.81 ? 1889 PHE A CE2 1 
ATOM   804  C CZ  . PHE A 1 96  ? -11.344 -2.282  -1.699  1.00 26.43 ? 1889 PHE A CZ  1 
ATOM   805  N N   . PHE A 1 97  ? -7.090  -5.848  0.243   1.00 14.47 ? 1890 PHE A N   1 
ATOM   806  C CA  . PHE A 1 97  ? -6.199  -6.051  -0.890  1.00 19.69 ? 1890 PHE A CA  1 
ATOM   807  C C   . PHE A 1 97  ? -6.220  -7.505  -1.345  1.00 19.90 ? 1890 PHE A C   1 
ATOM   808  O O   . PHE A 1 97  ? -6.378  -7.786  -2.532  1.00 20.33 ? 1890 PHE A O   1 
ATOM   809  C CB  . PHE A 1 97  ? -4.771  -5.623  -0.552  1.00 16.38 ? 1890 PHE A CB  1 
ATOM   810  C CG  . PHE A 1 97  ? -3.780  -6.029  -1.606  1.00 14.56 ? 1890 PHE A CG  1 
ATOM   811  C CD1 . PHE A 1 97  ? -3.708  -5.331  -2.795  1.00 17.00 ? 1890 PHE A CD1 1 
ATOM   812  C CD2 . PHE A 1 97  ? -2.961  -7.133  -1.428  1.00 14.80 ? 1890 PHE A CD2 1 
ATOM   813  C CE1 . PHE A 1 97  ? -2.815  -5.711  -3.788  1.00 15.47 ? 1890 PHE A CE1 1 
ATOM   814  C CE2 . PHE A 1 97  ? -2.071  -7.520  -2.410  1.00 15.80 ? 1890 PHE A CE2 1 
ATOM   815  C CZ  . PHE A 1 97  ? -1.992  -6.803  -3.586  1.00 12.76 ? 1890 PHE A CZ  1 
ATOM   816  N N   . GLU A 1 98  ? -6.059  -8.447  -0.408  1.00 17.00 ? 1891 GLU A N   1 
ATOM   817  C CA  . GLU A 1 98  ? -6.003  -9.853  -0.796  1.00 19.51 ? 1891 GLU A CA  1 
ATOM   818  C C   . GLU A 1 98  ? -7.304  -10.300 -1.447  1.00 25.61 ? 1891 GLU A C   1 
ATOM   819  O O   . GLU A 1 98  ? -7.286  -11.080 -2.410  1.00 22.25 ? 1891 GLU A O   1 
ATOM   820  C CB  . GLU A 1 98  ? -5.637  -10.708 0.419   1.00 22.84 ? 1891 GLU A CB  1 
ATOM   821  C CG  . GLU A 1 98  ? -4.252  -10.338 0.932   1.00 23.81 ? 1891 GLU A CG  1 
ATOM   822  C CD  . GLU A 1 98  ? -3.616  -11.360 1.850   1.00 42.86 ? 1891 GLU A CD  1 
ATOM   823  O OE1 . GLU A 1 98  ? -4.275  -11.819 2.813   1.00 38.48 ? 1891 GLU A OE1 1 
ATOM   824  O OE2 . GLU A 1 98  ? -2.433  -11.692 1.610   1.00 49.53 ? 1891 GLU A OE2 1 
ATOM   825  N N   . SER A 1 99  ? -8.442  -9.781  -0.978  1.00 19.69 ? 1892 SER A N   1 
ATOM   826  C CA  A SER A 1 99  ? -9.703  -10.132 -1.621  0.52 22.91 ? 1892 SER A CA  1 
ATOM   827  C CA  B SER A 1 99  ? -9.721  -10.102 -1.609  0.48 22.91 ? 1892 SER A CA  1 
ATOM   828  C C   . SER A 1 99  ? -9.798  -9.548  -3.027  1.00 26.03 ? 1892 SER A C   1 
ATOM   829  O O   . SER A 1 99  ? -10.320 -10.203 -3.936  1.00 27.61 ? 1892 SER A O   1 
ATOM   830  C CB  A SER A 1 99  ? -10.881 -9.686  -0.760  0.52 21.26 ? 1892 SER A CB  1 
ATOM   831  C CB  B SER A 1 99  ? -10.877 -9.564  -0.765  0.48 21.27 ? 1892 SER A CB  1 
ATOM   832  O OG  A SER A 1 99  ? -11.195 -10.684 0.199   0.52 24.28 ? 1892 SER A OG  1 
ATOM   833  O OG  B SER A 1 99  ? -11.065 -8.170  -0.968  0.48 21.86 ? 1892 SER A OG  1 
ATOM   834  N N   . ARG A 1 100 ? -9.292  -8.325  -3.234  1.00 21.87 ? 1893 ARG A N   1 
ATOM   835  C CA  . ARG A 1 100 ? -9.291  -7.758  -4.582  1.00 22.81 ? 1893 ARG A CA  1 
ATOM   836  C C   . ARG A 1 100 ? -8.353  -8.534  -5.501  1.00 26.93 ? 1893 ARG A C   1 
ATOM   837  O O   . ARG A 1 100 ? -8.691  -8.803  -6.660  1.00 27.61 ? 1893 ARG A O   1 
ATOM   838  C CB  . ARG A 1 100 ? -8.895  -6.283  -4.535  1.00 29.09 ? 1893 ARG A CB  1 
ATOM   839  C CG  . ARG A 1 100 ? -9.929  -5.374  -3.874  1.00 25.12 ? 1893 ARG A CG  1 
ATOM   840  C CD  . ARG A 1 100 ? -11.118 -5.205  -4.790  1.00 35.99 ? 1893 ARG A CD  1 
ATOM   841  N NE  . ARG A 1 100 ? -12.195 -4.412  -4.208  1.00 37.12 ? 1893 ARG A NE  1 
ATOM   842  C CZ  . ARG A 1 100 ? -13.032 -4.862  -3.278  1.00 38.89 ? 1893 ARG A CZ  1 
ATOM   843  N NH1 . ARG A 1 100 ? -12.903 -6.094  -2.797  1.00 41.64 ? 1893 ARG A NH1 1 
ATOM   844  N NH2 . ARG A 1 100 ? -13.997 -4.076  -2.819  1.00 47.51 ? 1893 ARG A NH2 1 
ATOM   845  N N   . TRP A 1 101 ? -7.170  -8.900  -4.994  1.00 22.70 ? 1894 TRP A N   1 
ATOM   846  C CA  . TRP A 1 101 ? -6.179  -9.648  -5.765  1.00 20.22 ? 1894 TRP A CA  1 
ATOM   847  C C   . TRP A 1 101 ? -6.702  -11.022 -6.174  1.00 22.96 ? 1894 TRP A C   1 
ATOM   848  O O   . TRP A 1 101 ? -6.457  -11.482 -7.295  1.00 26.70 ? 1894 TRP A O   1 
ATOM   849  C CB  . TRP A 1 101 ? -4.898  -9.785  -4.934  1.00 21.79 ? 1894 TRP A CB  1 
ATOM   850  C CG  . TRP A 1 101 ? -3.624  -9.971  -5.711  1.00 19.95 ? 1894 TRP A CG  1 
ATOM   851  C CD1 . TRP A 1 101 ? -2.815  -11.075 -5.712  1.00 25.66 ? 1894 TRP A CD1 1 
ATOM   852  C CD2 . TRP A 1 101 ? -3.012  -9.025  -6.596  1.00 21.50 ? 1894 TRP A CD2 1 
ATOM   853  N NE1 . TRP A 1 101 ? -1.738  -10.870 -6.543  1.00 20.18 ? 1894 TRP A NE1 1 
ATOM   854  C CE2 . TRP A 1 101 ? -1.837  -9.620  -7.096  1.00 21.82 ? 1894 TRP A CE2 1 
ATOM   855  C CE3 . TRP A 1 101 ? -3.347  -7.731  -7.016  1.00 16.74 ? 1894 TRP A CE3 1 
ATOM   856  C CZ2 . TRP A 1 101 ? -0.999  -8.972  -8.000  1.00 17.46 ? 1894 TRP A CZ2 1 
ATOM   857  C CZ3 . TRP A 1 101 ? -2.516  -7.092  -7.913  1.00 19.97 ? 1894 TRP A CZ3 1 
ATOM   858  C CH2 . TRP A 1 101 ? -1.353  -7.713  -8.394  1.00 17.50 ? 1894 TRP A CH2 1 
ATOM   859  N N   . GLU A 1 102 ? -7.412  -11.700 -5.274  1.00 22.64 ? 1895 GLU A N   1 
ATOM   860  C CA  . GLU A 1 102 ? -7.839  -13.065 -5.556  1.00 24.74 ? 1895 GLU A CA  1 
ATOM   861  C C   . GLU A 1 102 ? -8.946  -13.122 -6.604  1.00 25.07 ? 1895 GLU A C   1 
ATOM   862  O O   . GLU A 1 102 ? -9.168  -14.183 -7.194  1.00 32.80 ? 1895 GLU A O   1 
ATOM   863  C CB  . GLU A 1 102 ? -8.249  -13.749 -4.252  1.00 33.90 ? 1895 GLU A CB  1 
ATOM   864  C CG  . GLU A 1 102 ? -9.438  -14.694 -4.336  1.00 50.44 ? 1895 GLU A CG  1 
ATOM   865  C CD  . GLU A 1 102 ? -9.988  -15.071 -2.975  1.00 58.34 ? 1895 GLU A CD  1 
ATOM   866  O OE1 . GLU A 1 102 ? -9.556  -16.117 -2.433  1.00 62.85 ? 1895 GLU A OE1 1 
ATOM   867  O OE2 . GLU A 1 102 ? -10.828 -14.308 -2.445  1.00 51.02 ? 1895 GLU A OE2 1 
ATOM   868  N N   . GLU A 1 103 ? -9.620  -12.004 -6.892  1.00 30.42 ? 1896 GLU A N   1 
ATOM   869  C CA  . GLU A 1 103 ? -10.480 -11.968 -8.070  1.00 30.99 ? 1896 GLU A CA  1 
ATOM   870  C C   . GLU A 1 103 ? -9.701  -12.261 -9.344  1.00 37.13 ? 1896 GLU A C   1 
ATOM   871  O O   . GLU A 1 103 ? -10.299 -12.703 -10.327 1.00 41.74 ? 1896 GLU A O   1 
ATOM   872  C CB  . GLU A 1 103 ? -11.163 -10.607 -8.206  1.00 36.14 ? 1896 GLU A CB  1 
ATOM   873  C CG  . GLU A 1 103 ? -12.344 -10.368 -7.274  1.00 41.54 ? 1896 GLU A CG  1 
ATOM   874  C CD  . GLU A 1 103 ? -13.010 -9.019  -7.534  1.00 55.66 ? 1896 GLU A CD  1 
ATOM   875  O OE1 . GLU A 1 103 ? -12.825 -8.467  -8.642  1.00 57.39 ? 1896 GLU A OE1 1 
ATOM   876  O OE2 . GLU A 1 103 ? -13.695 -8.494  -6.626  1.00 51.41 ? 1896 GLU A OE2 1 
ATOM   877  N N   . PHE A 1 104 ? -8.386  -12.036 -9.350  1.00 26.37 ? 1897 PHE A N   1 
ATOM   878  C CA  . PHE A 1 104 ? -7.575  -12.210 -10.547 1.00 26.48 ? 1897 PHE A CA  1 
ATOM   879  C C   . PHE A 1 104 ? -6.584  -13.363 -10.496 1.00 30.57 ? 1897 PHE A C   1 
ATOM   880  O O   . PHE A 1 104 ? -6.113  -13.808 -11.546 1.00 36.10 ? 1897 PHE A O   1 
ATOM   881  C CB  . PHE A 1 104 ? -6.759  -10.937 -10.818 1.00 28.16 ? 1897 PHE A CB  1 
ATOM   882  C CG  . PHE A 1 104 ? -7.612  -9.736  -11.119 1.00 33.05 ? 1897 PHE A CG  1 
ATOM   883  C CD1 . PHE A 1 104 ? -7.968  -8.853  -10.110 1.00 26.91 ? 1897 PHE A CD1 1 
ATOM   884  C CD2 . PHE A 1 104 ? -8.083  -9.510  -12.405 1.00 30.53 ? 1897 PHE A CD2 1 
ATOM   885  C CE1 . PHE A 1 104 ? -8.765  -7.755  -10.378 1.00 27.74 ? 1897 PHE A CE1 1 
ATOM   886  C CE2 . PHE A 1 104 ? -8.889  -8.421  -12.685 1.00 32.22 ? 1897 PHE A CE2 1 
ATOM   887  C CZ  . PHE A 1 104 ? -9.230  -7.538  -11.671 1.00 33.03 ? 1897 PHE A CZ  1 
ATOM   888  N N   . TYR A 1 105 ? -6.274  -13.872 -9.312  1.00 27.39 ? 1898 TYR A N   1 
ATOM   889  C CA  . TYR A 1 105 ? -5.244  -14.890 -9.133  1.00 34.18 ? 1898 TYR A CA  1 
ATOM   890  C C   . TYR A 1 105 ? -5.899  -16.067 -8.419  1.00 39.28 ? 1898 TYR A C   1 
ATOM   891  O O   . TYR A 1 105 ? -5.790  -16.245 -7.202  1.00 44.49 ? 1898 TYR A O   1 
ATOM   892  C CB  . TYR A 1 105 ? -4.034  -14.327 -8.411  1.00 29.69 ? 1898 TYR A CB  1 
ATOM   893  C CG  . TYR A 1 105 ? -3.257  -13.442 -9.358  1.00 27.26 ? 1898 TYR A CG  1 
ATOM   894  C CD1 . TYR A 1 105 ? -2.407  -13.997 -10.304 1.00 26.84 ? 1898 TYR A CD1 1 
ATOM   895  C CD2 . TYR A 1 105 ? -3.431  -12.062 -9.361  1.00 18.12 ? 1898 TYR A CD2 1 
ATOM   896  C CE1 . TYR A 1 105 ? -1.717  -13.208 -11.195 1.00 22.11 ? 1898 TYR A CE1 1 
ATOM   897  C CE2 . TYR A 1 105 ? -2.736  -11.261 -10.256 1.00 15.11 ? 1898 TYR A CE2 1 
ATOM   898  C CZ  . TYR A 1 105 ? -1.872  -11.842 -11.164 1.00 16.89 ? 1898 TYR A CZ  1 
ATOM   899  O OH  . TYR A 1 105 ? -1.181  -11.064 -12.072 1.00 16.63 ? 1898 TYR A OH  1 
HETATM 900  C C01 . GQF B 2 .   ? 3.836   4.729   12.378  1.00 14.40 ? 1901 GQF A C01 1 
HETATM 901  C C02 . GQF B 2 .   ? 2.816   4.303   11.306  1.00 20.04 ? 1901 GQF A C02 1 
HETATM 902  C C04 . GQF B 2 .   ? 1.726   5.248   10.750  1.00 13.18 ? 1901 GQF A C04 1 
HETATM 903  C C05 . GQF B 2 .   ? 1.045   5.028   9.527   1.00 14.65 ? 1901 GQF A C05 1 
HETATM 904  C C06 . GQF B 2 .   ? 1.247   3.838   8.517   1.00 13.62 ? 1901 GQF A C06 1 
HETATM 905  C C08 . GQF B 2 .   ? 0.221   6.914   10.388  1.00 15.25 ? 1901 GQF A C08 1 
HETATM 906  C C09 . GQF B 2 .   ? 1.199   6.446   11.297  1.00 13.55 ? 1901 GQF A C09 1 
HETATM 907  C C10 . GQF B 2 .   ? 1.602   7.139   12.698  1.00 17.38 ? 1901 GQF A C10 1 
HETATM 908  C C11 . GQF B 2 .   ? 1.757   8.725   12.471  1.00 15.85 ? 1901 GQF A C11 1 
HETATM 909  C C12 . GQF B 2 .   ? 1.224   9.374   13.836  1.00 15.36 ? 1901 GQF A C12 1 
HETATM 910  C C13 . GQF B 2 .   ? 0.988   8.330   14.702  1.00 15.03 ? 1901 GQF A C13 1 
HETATM 911  C C14 . GQF B 2 .   ? 0.732   6.989   13.748  1.00 15.40 ? 1901 GQF A C14 1 
HETATM 912  C C15 . GQF B 2 .   ? -0.696  8.139   10.453  1.00 18.84 ? 1901 GQF A C15 1 
HETATM 913  C C16 . GQF B 2 .   ? -1.429  8.584   11.589  1.00 18.52 ? 1901 GQF A C16 1 
HETATM 914  C C18 . GQF B 2 .   ? -1.890  10.005  9.629   1.00 14.98 ? 1901 GQF A C18 1 
HETATM 915  C C21 . GQF B 2 .   ? -3.450  11.981  8.763   1.00 43.37 ? 1901 GQF A C21 1 
HETATM 916  C C22 . GQF B 2 .   ? -3.009  13.455  8.614   1.00 51.76 ? 1901 GQF A C22 1 
HETATM 917  C C24 . GQF B 2 .   ? -1.113  12.838  7.305   1.00 41.00 ? 1901 GQF A C24 1 
HETATM 918  C C25 . GQF B 2 .   ? -1.494  11.354  7.402   1.00 41.73 ? 1901 GQF A C25 1 
HETATM 919  N N07 . GQF B 2 .   ? 0.169   6.028   9.347   1.00 16.34 ? 1901 GQF A N07 1 
HETATM 920  N N19 . GQF B 2 .   ? -0.972  8.984   9.294   1.00 32.90 ? 1901 GQF A N19 1 
HETATM 921  N N20 . GQF B 2 .   ? -2.287  11.047  8.650   1.00 37.10 ? 1901 GQF A N20 1 
HETATM 922  N N23 . GQF B 2 .   ? -2.255  13.684  7.419   1.00 45.73 ? 1901 GQF A N23 1 
HETATM 923  O O03 . GQF B 2 .   ? 2.893   3.185   10.887  1.00 18.29 ? 1901 GQF A O03 1 
HETATM 924  S S17 . GQF B 2 .   ? -2.302  9.915   11.210  1.00 34.61 ? 1901 GQF A S17 1 
HETATM 925  C C01 . GQF C 2 .   ? -4.367  15.139  11.823  1.00 27.39 ? 1902 GQF A C01 1 
HETATM 926  C C02 . GQF C 2 .   ? -3.236  14.190  12.237  1.00 42.62 ? 1902 GQF A C02 1 
HETATM 927  C C04 . GQF C 2 .   ? -3.576  12.945  13.067  1.00 40.46 ? 1902 GQF A C04 1 
HETATM 928  C C05 . GQF C 2 .   ? -2.768  12.380  14.075  1.00 42.98 ? 1902 GQF A C05 1 
HETATM 929  C C06 . GQF C 2 .   ? -1.365  12.896  14.546  1.00 28.12 ? 1902 GQF A C06 1 
HETATM 930  C C08 . GQF C 2 .   ? -4.618  11.146  13.921  1.00 32.51 ? 1902 GQF A C08 1 
HETATM 931  C C09 . GQF C 2 .   ? -4.739  12.193  12.976  1.00 36.96 ? 1902 GQF A C09 1 
HETATM 932  C C10 . GQF C 2 .   ? -5.907  12.536  11.922  1.00 45.14 ? 1902 GQF A C10 1 
HETATM 933  C C11 . GQF C 2 .   ? -7.312  12.522  12.713  1.00 42.63 ? 1902 GQF A C11 1 
HETATM 934  C C12 . GQF C 2 .   ? -8.290  11.691  11.755  1.00 40.72 ? 1902 GQF A C12 1 
HETATM 935  C C13 . GQF C 2 .   ? -7.732  11.788  10.508  1.00 41.52 ? 1902 GQF A C13 1 
HETATM 936  C C14 . GQF C 2 .   ? -6.086  11.828  10.766  1.00 43.75 ? 1902 GQF A C14 1 
HETATM 937  C C15 . GQF C 2 .   ? -5.599  10.039  14.312  1.00 38.91 ? 1902 GQF A C15 1 
HETATM 938  C C16 . GQF C 2 .   ? -5.276  8.813   14.953  1.00 42.92 ? 1902 GQF A C16 1 
HETATM 939  C C18 . GQF C 2 .   ? -7.717  9.005   14.645  1.00 58.21 ? 1902 GQF A C18 1 
HETATM 940  C C21 . GQF C 2 .   ? -10.052 8.170   15.605  1.00 61.17 ? 1902 GQF A C21 1 
HETATM 941  C C22 . GQF C 2 .   ? -11.182 9.078   16.134  1.00 56.33 ? 1902 GQF A C22 1 
HETATM 942  C C24 . GQF C 2 .   ? -11.586 9.343   13.776  1.00 57.71 ? 1902 GQF A C24 1 
HETATM 943  C C25 . GQF C 2 .   ? -10.071 9.466   13.506  1.00 61.18 ? 1902 GQF A C25 1 
HETATM 944  N N07 . GQF C 2 .   ? -3.421  11.315  14.568  1.00 40.17 ? 1902 GQF A N07 1 
HETATM 945  N N19 . GQF C 2 .   ? -7.047  10.156  14.155  1.00 49.35 ? 1902 GQF A N19 1 
HETATM 946  N N20 . GQF C 2 .   ? -9.206  8.870   14.585  1.00 67.89 ? 1902 GQF A N20 1 
HETATM 947  N N23 . GQF C 2 .   ? -11.995 9.652   15.110  1.00 58.51 ? 1902 GQF A N23 1 
HETATM 948  O O03 . GQF C 2 .   ? -2.119  14.440  11.941  1.00 44.79 ? 1902 GQF A O03 1 
HETATM 949  S S17 . GQF C 2 .   ? -6.639  7.958   15.254  1.00 54.31 ? 1902 GQF A S17 1 
HETATM 950  O O   . HOH D 3 .   ? -12.438 7.479   5.540   1.00 39.27 ? 2001 HOH A O   1 
HETATM 951  O O   . HOH D 3 .   ? -13.243 -4.340  4.101   1.00 38.48 ? 2002 HOH A O   1 
HETATM 952  O O   . HOH D 3 .   ? -0.660  -10.989 3.122   1.00 31.28 ? 2003 HOH A O   1 
HETATM 953  O O   . HOH D 3 .   ? 0.893   3.282   16.403  1.00 28.63 ? 2004 HOH A O   1 
HETATM 954  O O   . HOH D 3 .   ? 10.139  3.557   -10.263 1.00 29.82 ? 2005 HOH A O   1 
HETATM 955  O O   . HOH D 3 .   ? -10.854 -7.086  -7.956  1.00 28.35 ? 2006 HOH A O   1 
HETATM 956  O O   . HOH D 3 .   ? -0.011  -7.605  -23.630 1.00 29.87 ? 2007 HOH A O   1 
HETATM 957  O O   . HOH D 3 .   ? -5.242  4.126   -16.941 1.00 17.73 ? 2008 HOH A O   1 
HETATM 958  O O   . HOH D 3 .   ? 11.122  -5.368  -13.010 1.00 38.88 ? 2009 HOH A O   1 
HETATM 959  O O   . HOH D 3 .   ? -4.079  -4.301  -22.096 1.00 30.64 ? 2010 HOH A O   1 
HETATM 960  O O   . HOH D 3 .   ? 8.956   -2.282  -17.674 1.00 24.03 ? 2011 HOH A O   1 
HETATM 961  O O   . HOH D 3 .   ? 6.924   -0.010  -17.408 1.00 34.40 ? 2012 HOH A O   1 
HETATM 962  O O   . HOH D 3 .   ? 7.868   -9.826  -11.930 1.00 32.70 ? 2013 HOH A O   1 
HETATM 963  O O   . HOH D 3 .   ? 2.222   -6.893  14.869  1.00 31.88 ? 2014 HOH A O   1 
HETATM 964  O O   . HOH D 3 .   ? 1.526   -6.024  18.617  1.00 37.69 ? 2015 HOH A O   1 
HETATM 965  O O   . HOH D 3 .   ? 4.738   -10.094 2.641   1.00 35.92 ? 2016 HOH A O   1 
HETATM 966  O O   . HOH D 3 .   ? 8.162   6.128   17.971  1.00 28.05 ? 2017 HOH A O   1 
HETATM 967  O O   . HOH D 3 .   ? 13.968  3.391   6.154   1.00 18.29 ? 2018 HOH A O   1 
HETATM 968  O O   . HOH D 3 .   ? 1.338   -13.742 -10.515 1.00 24.30 ? 2019 HOH A O   1 
HETATM 969  O O   . HOH D 3 .   ? 3.752   1.510   9.087   1.00 18.04 ? 2020 HOH A O   1 
HETATM 970  O O   . HOH D 3 .   ? -14.982 4.457   0.755   1.00 37.50 ? 2021 HOH A O   1 
HETATM 971  O O   . HOH D 3 .   ? 1.929   5.847   5.605   1.00 16.35 ? 2022 HOH A O   1 
HETATM 972  O O   . HOH D 3 .   ? -2.710  8.189   -1.708  1.00 25.62 ? 2023 HOH A O   1 
HETATM 973  O O   . HOH D 3 .   ? -5.566  6.914   -14.037 1.00 16.82 ? 2024 HOH A O   1 
HETATM 974  O O   . HOH D 3 .   ? -0.843  -4.523  8.641   1.00 21.42 ? 2025 HOH A O   1 
HETATM 975  O O   . HOH D 3 .   ? -4.398  -7.211  -17.623 1.00 24.82 ? 2026 HOH A O   1 
HETATM 976  O O   . HOH D 3 .   ? 4.077   9.064   -11.690 1.00 25.99 ? 2027 HOH A O   1 
HETATM 977  O O   . HOH D 3 .   ? -1.464  4.280   -13.360 1.00 19.00 ? 2028 HOH A O   1 
HETATM 978  O O   . HOH D 3 .   ? -5.574  9.010   -5.763  1.00 21.84 ? 2029 HOH A O   1 
HETATM 979  O O   . HOH D 3 .   ? -0.153  -4.313  13.789  1.00 21.44 ? 2030 HOH A O   1 
HETATM 980  O O   . HOH D 3 .   ? 6.637   -7.125  0.165   1.00 20.09 ? 2031 HOH A O   1 
HETATM 981  O O   . HOH D 3 .   ? 0.453   9.040   -10.616 1.00 29.58 ? 2032 HOH A O   1 
HETATM 982  O O   . HOH D 3 .   ? 2.336   3.252   4.862   1.00 15.36 ? 2033 HOH A O   1 
HETATM 983  O O   . HOH D 3 .   ? 9.950   8.943   12.347  1.00 16.02 ? 2034 HOH A O   1 
HETATM 984  O O   . HOH D 3 .   ? 2.828   13.706  1.136   1.00 39.31 ? 2035 HOH A O   1 
HETATM 985  O O   . HOH D 3 .   ? 7.980   -4.389  -5.553  1.00 21.69 ? 2036 HOH A O   1 
HETATM 986  O O   . HOH D 3 .   ? 5.718   9.719   -4.905  1.00 22.16 ? 2037 HOH A O   1 
HETATM 987  O O   . HOH D 3 .   ? -11.041 -5.514  5.098   1.00 29.31 ? 2038 HOH A O   1 
HETATM 988  O O   . HOH D 3 .   ? -0.219  4.445   -18.735 1.00 35.55 ? 2039 HOH A O   1 
HETATM 989  O O   . HOH D 3 .   ? 7.047   6.778   -6.522  1.00 31.56 ? 2040 HOH A O   1 
HETATM 990  O O   . HOH D 3 .   ? 10.050  12.621  14.521  1.00 27.65 ? 2041 HOH A O   1 
HETATM 991  O O   . HOH D 3 .   ? -11.880 -13.359 -0.124  1.00 36.87 ? 2042 HOH A O   1 
HETATM 992  O O   . HOH D 3 .   ? -1.852  -6.802  8.426   1.00 24.97 ? 2043 HOH A O   1 
HETATM 993  O O   . HOH D 3 .   ? 8.512   -4.467  -2.734  1.00 28.03 ? 2044 HOH A O   1 
HETATM 994  O O   . HOH D 3 .   ? 4.341   -3.665  -17.677 1.00 22.86 ? 2045 HOH A O   1 
HETATM 995  O O   . HOH D 3 .   ? 9.925   -1.533  -3.295  1.00 36.60 ? 2046 HOH A O   1 
HETATM 996  O O   . HOH D 3 .   ? 8.445   -4.775  7.060   1.00 36.68 ? 2047 HOH A O   1 
HETATM 997  O O   . HOH D 3 .   ? 6.819   5.548   2.113   1.00 12.98 ? 2048 HOH A O   1 
HETATM 998  O O   . HOH D 3 .   ? 10.549  -2.390  5.854   1.00 17.95 ? 2049 HOH A O   1 
HETATM 999  O O   . HOH D 3 .   ? 4.305   -10.241 -5.059  1.00 25.78 ? 2050 HOH A O   1 
HETATM 1000 O O   . HOH D 3 .   ? -8.622  1.937   12.757  1.00 28.06 ? 2051 HOH A O   1 
HETATM 1001 O O   . HOH D 3 .   ? -12.278 6.716   8.191   1.00 30.22 ? 2052 HOH A O   1 
HETATM 1002 O O   . HOH D 3 .   ? -5.348  5.976   -7.547  1.00 18.71 ? 2053 HOH A O   1 
HETATM 1003 O O   . HOH D 3 .   ? 8.844   4.746   -0.115  1.00 28.58 ? 2054 HOH A O   1 
HETATM 1004 O O   . HOH D 3 .   ? 13.613  9.419   15.003  1.00 29.36 ? 2055 HOH A O   1 
HETATM 1005 O O   . HOH D 3 .   ? 8.469   20.814  4.859   1.00 36.85 ? 2056 HOH A O   1 
HETATM 1006 O O   . HOH D 3 .   ? 11.011  1.326   0.393   1.00 26.92 ? 2057 HOH A O   1 
HETATM 1007 O O   . HOH D 3 .   ? -12.958 1.392   -1.759  1.00 26.16 ? 2058 HOH A O   1 
HETATM 1008 O O   . HOH D 3 .   ? 1.283   9.815   6.307   1.00 16.99 ? 2059 HOH A O   1 
HETATM 1009 O O   . HOH D 3 .   ? 4.202   0.638   -13.801 1.00 18.27 ? 2060 HOH A O   1 
HETATM 1010 O O   . HOH D 3 .   ? 5.555   2.278   5.413   1.00 12.17 ? 2061 HOH A O   1 
HETATM 1011 O O   . HOH D 3 .   ? 3.402   11.504  -1.683  1.00 27.73 ? 2062 HOH A O   1 
HETATM 1012 O O   . HOH D 3 .   ? -9.739  6.974   2.254   1.00 29.38 ? 2063 HOH A O   1 
HETATM 1013 O O   . HOH D 3 .   ? 11.705  -4.383  4.186   1.00 29.69 ? 2064 HOH A O   1 
HETATM 1014 O O   . HOH D 3 .   ? 2.716   1.198   6.477   1.00 16.14 ? 2065 HOH A O   1 
HETATM 1015 O O   . HOH D 3 .   ? 4.419   -16.145 -8.862  1.00 33.70 ? 2066 HOH A O   1 
HETATM 1016 O O   . HOH D 3 .   ? 7.194   -7.080  2.842   1.00 27.07 ? 2067 HOH A O   1 
HETATM 1017 O O   . HOH D 3 .   ? 5.247   16.014  3.849   1.00 24.00 ? 2068 HOH A O   1 
HETATM 1018 O O   . HOH D 3 .   ? -13.046 7.940   -2.310  1.00 20.16 ? 2069 HOH A O   1 
HETATM 1019 O O   . HOH D 3 .   ? 4.052   12.408  4.909   1.00 16.66 ? 2070 HOH A O   1 
HETATM 1020 O O   . HOH D 3 .   ? 0.230   5.808   -16.867 1.00 27.85 ? 2071 HOH A O   1 
HETATM 1021 O O   . HOH D 3 .   ? 8.446   7.416   -1.170  1.00 18.60 ? 2072 HOH A O   1 
HETATM 1022 O O   . HOH D 3 .   ? -2.454  -3.318  -24.916 1.00 39.79 ? 2073 HOH A O   1 
HETATM 1023 O O   . HOH D 3 .   ? 2.436   -4.196  -25.649 1.00 30.34 ? 2074 HOH A O   1 
HETATM 1024 O O   . HOH D 3 .   ? -1.171  -3.874  11.394  1.00 17.78 ? 2075 HOH A O   1 
HETATM 1025 O O   . HOH D 3 .   ? -5.891  -9.112  7.411   1.00 24.49 ? 2076 HOH A O   1 
HETATM 1026 O O   . HOH D 3 .   ? 5.814   5.186   4.744   1.00 13.70 ? 2077 HOH A O   1 
HETATM 1027 O O   . HOH D 3 .   ? -2.465  -5.714  -24.214 1.00 38.64 ? 2078 HOH A O   1 
HETATM 1028 O O   . HOH D 3 .   ? 1.540   1.059   18.424  1.00 29.29 ? 2079 HOH A O   1 
HETATM 1029 O O   . HOH D 3 .   ? -15.508 5.792   3.720   1.00 34.51 ? 2080 HOH A O   1 
HETATM 1030 O O   . HOH D 3 .   ? -10.668 -4.432  -8.396  1.00 25.89 ? 2081 HOH A O   1 
HETATM 1031 O O   . HOH D 3 .   ? -9.103  -4.239  -10.746 1.00 20.56 ? 2082 HOH A O   1 
HETATM 1032 O O   . HOH D 3 .   ? -1.573  4.688   -10.498 1.00 17.78 ? 2083 HOH A O   1 
HETATM 1033 O O   . HOH D 3 .   ? 2.078   9.713   8.822   1.00 18.17 ? 2084 HOH A O   1 
HETATM 1034 O O   . HOH D 3 .   ? 11.639  3.212   17.014  1.00 29.66 ? 2085 HOH A O   1 
HETATM 1035 O O   . HOH D 3 .   ? -2.679  4.155   15.871  1.00 22.45 ? 2086 HOH A O   1 
HETATM 1036 O O   . HOH D 3 .   ? 15.395  -2.583  11.667  1.00 33.02 ? 2087 HOH A O   1 
HETATM 1037 O O   . HOH D 3 .   ? 8.956   -7.396  9.443   1.00 28.76 ? 2088 HOH A O   1 
HETATM 1038 O O   . HOH D 3 .   ? -0.011  -0.083  -22.983 1.00 23.90 ? 2089 HOH A O   1 
HETATM 1039 O O   . HOH D 3 .   ? -12.498 4.076   -5.571  1.00 26.45 ? 2090 HOH A O   1 
HETATM 1040 O O   . HOH D 3 .   ? 4.039   -0.886  -16.702 1.00 19.47 ? 2091 HOH A O   1 
HETATM 1041 O O   . HOH D 3 .   ? -5.596  -10.727 5.286   1.00 29.46 ? 2092 HOH A O   1 
HETATM 1042 O O   . HOH D 3 .   ? -0.139  -10.591 17.681  1.00 27.66 ? 2093 HOH A O   1 
HETATM 1043 O O   . HOH D 3 .   ? 8.944   7.405   2.573   1.00 15.11 ? 2094 HOH A O   1 
HETATM 1044 O O   . HOH D 3 .   ? -5.817  -4.881  -16.643 1.00 17.65 ? 2095 HOH A O   1 
HETATM 1045 O O   . HOH D 3 .   ? -1.222  8.897   5.131   1.00 16.26 ? 2096 HOH A O   1 
HETATM 1046 O O   . HOH D 3 .   ? -7.541  8.899   -0.820  1.00 21.54 ? 2097 HOH A O   1 
HETATM 1047 O O   . HOH D 3 .   ? 10.378  -2.598  -12.594 1.00 34.53 ? 2098 HOH A O   1 
HETATM 1048 O O   . HOH D 3 .   ? -9.801  2.846   10.299  1.00 34.06 ? 2099 HOH A O   1 
HETATM 1049 O O   . HOH D 3 .   ? -8.793  6.873   -4.857  1.00 21.55 ? 2100 HOH A O   1 
HETATM 1050 O O   . HOH D 3 .   ? -2.342  6.311   -15.838 1.00 22.71 ? 2101 HOH A O   1 
HETATM 1051 O O   . HOH D 3 .   ? -4.894  10.726  6.161   1.00 34.03 ? 2102 HOH A O   1 
HETATM 1052 O O   . HOH D 3 .   ? -3.849  4.045   -8.768  1.00 14.45 ? 2103 HOH A O   1 
HETATM 1053 O O   . HOH D 3 .   ? 8.467   20.833  8.571   1.00 27.48 ? 2104 HOH A O   1 
HETATM 1054 O O   . HOH D 3 .   ? 11.053  4.189   0.303   1.00 33.71 ? 2105 HOH A O   1 
HETATM 1055 O O   . HOH D 3 .   ? -14.389 -14.849 2.608   1.00 35.46 ? 2106 HOH A O   1 
HETATM 1056 O O   . HOH D 3 .   ? 11.995  -3.400  7.961   1.00 27.66 ? 2107 HOH A O   1 
HETATM 1057 O O   . HOH D 3 .   ? 5.111   -11.237 8.158   1.00 36.47 ? 2108 HOH A O   1 
HETATM 1058 O O   . HOH D 3 .   ? 17.062  -0.517  0.796   1.00 39.41 ? 2109 HOH A O   1 
HETATM 1059 O O   . HOH D 3 .   ? -5.196  -16.997 -12.327 1.00 38.92 ? 2110 HOH A O   1 
HETATM 1060 O O   . HOH D 3 .   ? -4.391  10.004  -1.717  1.00 27.83 ? 2111 HOH A O   1 
HETATM 1061 O O   . HOH D 3 .   ? -2.359  11.415  4.227   1.00 33.66 ? 2112 HOH A O   1 
HETATM 1062 O O   . HOH D 3 .   ? -0.494  -1.690  -24.974 1.00 34.24 ? 2113 HOH A O   1 
HETATM 1063 O O   . HOH D 3 .   ? -10.879 -16.273 2.545   1.00 41.12 ? 2114 HOH A O   1 
HETATM 1064 O O   . HOH D 3 .   ? 1.383   16.686  2.977   1.00 27.73 ? 2115 HOH A O   1 
HETATM 1065 O O   . HOH D 3 .   ? -3.076  11.965  -0.172  1.00 28.41 ? 2116 HOH A O   1 
HETATM 1066 O O   . HOH D 3 .   ? 6.975   -10.742 -5.519  1.00 40.14 ? 2117 HOH A O   1 
HETATM 1067 O O   . HOH D 3 .   ? 3.140   -12.041 11.472  1.00 45.62 ? 2118 HOH A O   1 
HETATM 1068 O O   . HOH D 3 .   ? 14.460  7.591   17.551  1.00 34.17 ? 2119 HOH A O   1 
HETATM 1069 O O   . HOH D 3 .   ? 8.991   -6.327  -0.945  1.00 31.79 ? 2120 HOH A O   1 
HETATM 1070 O O   . HOH D 3 .   ? -3.218  2.368   -20.503 1.00 35.80 ? 2121 HOH A O   1 
HETATM 1071 O O   . HOH D 3 .   ? 4.135   14.577  -7.565  1.00 34.41 ? 2122 HOH A O   1 
HETATM 1072 O O   . HOH D 3 .   ? -14.015 2.567   -3.833  1.00 28.22 ? 2123 HOH A O   1 
HETATM 1073 O O   . HOH D 3 .   ? 8.931   -6.422  4.431   1.00 36.37 ? 2124 HOH A O   1 
HETATM 1074 O O   . HOH D 3 .   ? -14.599 0.709   0.411   1.00 39.43 ? 2125 HOH A O   1 
HETATM 1075 O O   . HOH D 3 .   ? 17.631  -3.174  1.571   1.00 39.46 ? 2126 HOH A O   1 
HETATM 1076 O O   . HOH D 3 .   ? 0.643   -16.485 -9.982  1.00 40.38 ? 2127 HOH A O   1 
HETATM 1077 O O   . HOH D 3 .   ? 8.242   -3.611  -19.739 1.00 31.94 ? 2128 HOH A O   1 
HETATM 1078 O O   . HOH D 3 .   ? 5.639   -0.998  -20.994 1.00 33.45 ? 2129 HOH A O   1 
HETATM 1079 O O   . HOH D 3 .   ? -1.824  2.820   20.194  1.00 36.83 ? 2130 HOH A O   1 
HETATM 1080 O O   . HOH D 3 .   ? 0.066   1.371   20.634  1.00 37.26 ? 2131 HOH A O   1 
HETATM 1081 O O   . HOH D 3 .   ? 9.209   -7.182  -5.926  1.00 36.84 ? 2132 HOH A O   1 
HETATM 1082 O O   . HOH D 3 .   ? -17.102 -14.663 3.269   1.00 36.09 ? 2133 HOH A O   1 
HETATM 1083 O O   . HOH D 3 .   ? 4.926   13.641  2.664   1.00 24.26 ? 2134 HOH A O   1 
# 
